data_6Z29
#
_entry.id   6Z29
#
_entity_poly.entity_id   1
_entity_poly.type   'polypeptide(L)'
_entity_poly.pdbx_seq_one_letter_code
;GSGYTNYNNGSNYTQKKQTIGLPPQVNPQAVDHIIRSAPPRVTTAYIGNIPHFATEADLIPLFQNFGFILDFKHYPEKGC
CFIKYDTHEQAAVCIVALANFPFQGRNLRTGWGKER
;
_entity_poly.pdbx_strand_id   A
#
# COMPACT_ATOMS: atom_id res chain seq x y z
N GLY A 1 3.39 -23.37 13.25
CA GLY A 1 2.67 -23.63 12.01
C GLY A 1 2.16 -22.36 11.37
N SER A 2 3.08 -21.49 10.97
CA SER A 2 2.72 -20.22 10.34
C SER A 2 2.67 -20.37 8.82
N GLY A 3 3.69 -21.00 8.26
CA GLY A 3 3.74 -21.20 6.81
C GLY A 3 3.60 -19.90 6.05
N TYR A 4 2.48 -19.73 5.36
CA TYR A 4 2.23 -18.53 4.58
C TYR A 4 0.82 -18.01 4.81
N THR A 5 0.69 -17.01 5.68
CA THR A 5 -0.60 -16.43 6.00
C THR A 5 -0.78 -15.08 5.30
N ASN A 6 0.09 -14.13 5.63
CA ASN A 6 0.03 -12.80 5.03
C ASN A 6 0.40 -12.85 3.56
N TYR A 7 0.35 -11.69 2.90
CA TYR A 7 0.69 -11.60 1.48
C TYR A 7 -0.14 -12.59 0.66
N ASN A 8 -1.35 -12.86 1.13
CA ASN A 8 -2.24 -13.80 0.44
C ASN A 8 -3.56 -13.11 0.07
N ASN A 9 -4.53 -13.92 -0.36
CA ASN A 9 -5.84 -13.39 -0.75
C ASN A 9 -6.87 -14.51 -0.81
N GLY A 10 -8.13 -14.16 -0.54
CA GLY A 10 -9.19 -15.15 -0.57
C GLY A 10 -10.56 -14.52 -0.75
N SER A 11 -11.58 -15.16 -0.20
CA SER A 11 -12.94 -14.66 -0.30
C SER A 11 -13.57 -14.51 1.07
N ASN A 12 -13.44 -15.55 1.90
CA ASN A 12 -14.00 -15.53 3.24
C ASN A 12 -12.93 -15.17 4.27
N TYR A 13 -12.27 -14.03 4.04
CA TYR A 13 -11.22 -13.57 4.94
C TYR A 13 -10.80 -12.15 4.60
N THR A 14 -11.78 -11.25 4.51
CA THR A 14 -11.51 -9.85 4.18
C THR A 14 -12.30 -8.91 5.07
N GLN A 15 -12.09 -7.62 4.89
CA GLN A 15 -12.80 -6.61 5.68
C GLN A 15 -12.55 -6.83 7.17
N LYS A 16 -11.52 -6.19 7.70
CA LYS A 16 -11.19 -6.32 9.12
C LYS A 16 -11.12 -4.95 9.79
N LYS A 17 -12.05 -4.06 9.42
CA LYS A 17 -12.10 -2.73 9.99
C LYS A 17 -12.64 -2.75 11.41
N GLN A 18 -12.68 -1.59 12.05
CA GLN A 18 -13.19 -1.48 13.40
C GLN A 18 -13.26 -0.02 13.85
N THR A 19 -14.01 0.24 14.91
CA THR A 19 -14.18 1.59 15.43
C THR A 19 -12.99 1.99 16.30
N ILE A 20 -12.88 3.28 16.58
CA ILE A 20 -11.78 3.78 17.40
C ILE A 20 -10.43 3.34 16.86
N GLY A 21 -9.87 4.14 15.96
CA GLY A 21 -8.58 3.81 15.38
C GLY A 21 -7.89 5.02 14.78
N LEU A 22 -6.81 5.46 15.41
CA LEU A 22 -6.05 6.61 14.93
C LEU A 22 -4.59 6.51 15.33
N PRO A 23 -3.88 5.55 14.73
CA PRO A 23 -2.45 5.32 15.01
C PRO A 23 -1.58 6.44 14.46
N PRO A 24 -0.30 6.44 14.88
CA PRO A 24 0.66 7.46 14.44
C PRO A 24 1.05 7.29 12.98
N GLN A 25 1.14 6.04 12.53
CA GLN A 25 1.50 5.75 11.15
C GLN A 25 0.61 6.51 10.18
N VAL A 26 -0.65 6.09 10.07
CA VAL A 26 -1.60 6.72 9.17
C VAL A 26 -2.89 7.09 9.92
N ASN A 27 -3.59 8.09 9.40
CA ASN A 27 -4.84 8.54 10.01
C ASN A 27 -5.96 8.59 8.98
N PRO A 28 -7.22 8.58 9.47
CA PRO A 28 -8.40 8.64 8.61
C PRO A 28 -8.56 10.00 7.92
N GLN A 29 -8.46 11.06 8.71
CA GLN A 29 -8.60 12.41 8.18
C GLN A 29 -7.60 12.66 7.05
N ALA A 30 -6.43 12.04 7.15
CA ALA A 30 -5.40 12.18 6.13
C ALA A 30 -5.50 11.07 5.08
N VAL A 31 -6.72 10.61 4.84
CA VAL A 31 -6.94 9.56 3.86
C VAL A 31 -8.14 9.88 2.97
N ASP A 32 -9.20 10.40 3.58
CA ASP A 32 -10.41 10.77 2.84
C ASP A 32 -10.07 11.69 1.68
N HIS A 33 -9.07 12.55 1.87
CA HIS A 33 -8.65 13.49 0.83
C HIS A 33 -8.07 12.75 -0.36
N ILE A 34 -7.38 11.65 -0.10
CA ILE A 34 -6.77 10.85 -1.15
C ILE A 34 -7.82 10.07 -1.94
N ILE A 35 -8.73 9.43 -1.21
CA ILE A 35 -9.79 8.64 -1.84
C ILE A 35 -10.53 9.47 -2.88
N ARG A 36 -10.69 10.77 -2.61
CA ARG A 36 -11.38 11.67 -3.53
C ARG A 36 -10.69 11.69 -4.89
N SER A 37 -9.37 11.52 -4.88
CA SER A 37 -8.59 11.54 -6.11
C SER A 37 -9.19 10.59 -7.14
N ALA A 38 -8.98 9.29 -6.94
CA ALA A 38 -9.50 8.28 -7.84
C ALA A 38 -10.89 7.83 -7.43
N PRO A 39 -11.63 7.23 -8.37
CA PRO A 39 -13.00 6.75 -8.12
C PRO A 39 -13.02 5.53 -7.19
N PRO A 40 -14.19 5.26 -6.60
CA PRO A 40 -14.37 4.12 -5.70
C PRO A 40 -14.30 2.78 -6.42
N ARG A 41 -13.13 2.47 -6.96
CA ARG A 41 -12.94 1.22 -7.69
C ARG A 41 -11.46 0.83 -7.73
N VAL A 42 -10.66 1.67 -8.37
CA VAL A 42 -9.23 1.43 -8.49
C VAL A 42 -8.61 1.14 -7.12
N THR A 43 -7.85 0.05 -7.04
CA THR A 43 -7.20 -0.34 -5.80
C THR A 43 -5.68 -0.32 -5.95
N THR A 44 -5.21 -0.53 -7.17
CA THR A 44 -3.78 -0.54 -7.44
C THR A 44 -3.10 0.70 -6.87
N ALA A 45 -2.19 0.49 -5.92
CA ALA A 45 -1.47 1.60 -5.30
C ALA A 45 -0.34 2.08 -6.20
N TYR A 46 0.53 2.92 -5.64
CA TYR A 46 1.66 3.46 -6.39
C TYR A 46 2.68 4.10 -5.46
N ILE A 47 3.93 3.64 -5.56
CA ILE A 47 5.01 4.17 -4.72
C ILE A 47 6.28 4.36 -5.53
N GLY A 48 6.29 5.38 -6.39
CA GLY A 48 7.46 5.66 -7.20
C GLY A 48 8.68 6.00 -6.37
N ASN A 49 9.76 6.38 -7.04
CA ASN A 49 11.00 6.73 -6.35
C ASN A 49 11.52 5.54 -5.53
N ILE A 50 11.70 4.41 -6.20
CA ILE A 50 12.20 3.21 -5.53
C ILE A 50 13.59 2.84 -6.03
N PRO A 51 14.50 2.55 -5.09
CA PRO A 51 15.88 2.17 -5.40
C PRO A 51 15.96 0.79 -6.05
N HIS A 52 16.84 0.65 -7.04
CA HIS A 52 17.03 -0.61 -7.73
C HIS A 52 17.26 -1.75 -6.75
N PHE A 53 17.85 -1.42 -5.61
CA PHE A 53 18.13 -2.42 -4.58
C PHE A 53 16.98 -2.51 -3.58
N ALA A 54 15.76 -2.45 -4.10
CA ALA A 54 14.57 -2.53 -3.26
C ALA A 54 13.94 -3.92 -3.32
N THR A 55 14.35 -4.79 -2.40
CA THR A 55 13.83 -6.15 -2.37
C THR A 55 12.40 -6.18 -1.81
N GLU A 56 11.51 -6.82 -2.54
CA GLU A 56 10.11 -6.91 -2.14
C GLU A 56 10.01 -7.43 -0.70
N ALA A 57 10.91 -8.32 -0.32
CA ALA A 57 10.92 -8.88 1.02
C ALA A 57 10.92 -7.77 2.08
N ASP A 58 11.67 -6.72 1.82
CA ASP A 58 11.75 -5.59 2.75
C ASP A 58 10.55 -4.67 2.59
N LEU A 59 9.82 -4.85 1.51
CA LEU A 59 8.64 -4.03 1.23
C LEU A 59 7.41 -4.58 1.95
N ILE A 60 7.40 -5.89 2.17
CA ILE A 60 6.29 -6.54 2.85
C ILE A 60 6.05 -5.91 4.22
N PRO A 61 7.11 -5.83 5.03
CA PRO A 61 7.04 -5.25 6.38
C PRO A 61 6.82 -3.75 6.35
N LEU A 62 6.02 -3.29 5.40
CA LEU A 62 5.72 -1.87 5.27
C LEU A 62 4.31 -1.65 4.73
N PHE A 63 4.00 -2.27 3.60
CA PHE A 63 2.69 -2.15 2.99
C PHE A 63 1.66 -2.99 3.74
N GLN A 64 1.98 -4.26 3.95
CA GLN A 64 1.08 -5.18 4.65
C GLN A 64 0.66 -4.59 5.99
N ASN A 65 1.50 -3.71 6.54
CA ASN A 65 1.21 -3.08 7.83
C ASN A 65 0.06 -2.09 7.70
N PHE A 66 -0.02 -1.42 6.55
CA PHE A 66 -1.07 -0.45 6.30
C PHE A 66 -2.44 -1.12 6.26
N GLY A 67 -2.60 -2.07 5.34
CA GLY A 67 -3.87 -2.77 5.22
C GLY A 67 -3.68 -4.25 4.96
N PHE A 68 -4.00 -4.69 3.75
CA PHE A 68 -3.88 -6.09 3.38
C PHE A 68 -3.33 -6.24 1.96
N ILE A 69 -2.31 -7.07 1.81
CA ILE A 69 -1.70 -7.30 0.50
C ILE A 69 -2.28 -8.55 -0.17
N LEU A 70 -2.91 -8.36 -1.31
CA LEU A 70 -3.50 -9.47 -2.05
C LEU A 70 -2.49 -10.08 -3.02
N ASP A 71 -1.89 -9.24 -3.85
CA ASP A 71 -0.90 -9.70 -4.82
C ASP A 71 0.08 -8.59 -5.16
N PHE A 72 0.72 -8.02 -4.14
CA PHE A 72 1.69 -6.95 -4.33
C PHE A 72 2.69 -7.31 -5.42
N LYS A 73 2.94 -6.35 -6.31
CA LYS A 73 3.88 -6.57 -7.41
C LYS A 73 4.92 -5.44 -7.46
N HIS A 74 6.19 -5.82 -7.41
CA HIS A 74 7.28 -4.86 -7.45
C HIS A 74 7.75 -4.62 -8.88
N TYR A 75 8.22 -3.41 -9.15
CA TYR A 75 8.69 -3.06 -10.49
C TYR A 75 10.09 -2.46 -10.43
N PRO A 76 11.11 -3.34 -10.37
CA PRO A 76 12.51 -2.92 -10.30
C PRO A 76 12.99 -2.30 -11.61
N GLU A 77 12.37 -2.71 -12.72
CA GLU A 77 12.74 -2.19 -14.03
C GLU A 77 11.84 -1.03 -14.43
N LYS A 78 11.46 -0.22 -13.43
CA LYS A 78 10.61 0.94 -13.68
C LYS A 78 10.80 1.99 -12.58
N GLY A 79 10.48 1.60 -11.34
CA GLY A 79 10.62 2.52 -10.23
C GLY A 79 9.28 2.91 -9.63
N CYS A 80 8.55 1.92 -9.13
CA CYS A 80 7.23 2.17 -8.53
C CYS A 80 6.62 0.88 -8.02
N CYS A 81 6.03 0.93 -6.84
CA CYS A 81 5.39 -0.24 -6.25
C CYS A 81 3.89 -0.26 -6.53
N PHE A 82 3.41 -1.37 -7.06
CA PHE A 82 1.99 -1.52 -7.38
C PHE A 82 1.33 -2.54 -6.48
N ILE A 83 0.41 -2.07 -5.64
CA ILE A 83 -0.30 -2.95 -4.71
C ILE A 83 -1.81 -2.87 -4.93
N LYS A 84 -2.38 -3.93 -5.48
CA LYS A 84 -3.81 -3.98 -5.75
C LYS A 84 -4.57 -4.45 -4.51
N TYR A 85 -4.60 -3.61 -3.48
CA TYR A 85 -5.29 -3.94 -2.24
C TYR A 85 -6.71 -4.43 -2.52
N ASP A 86 -7.35 -4.98 -1.50
CA ASP A 86 -8.71 -5.49 -1.64
C ASP A 86 -9.72 -4.33 -1.65
N THR A 87 -9.43 -3.29 -0.87
CA THR A 87 -10.31 -2.12 -0.81
C THR A 87 -9.62 -0.89 -1.38
N HIS A 88 -10.43 0.08 -1.81
CA HIS A 88 -9.90 1.31 -2.37
C HIS A 88 -9.10 2.09 -1.33
N GLU A 89 -9.79 2.54 -0.28
CA GLU A 89 -9.15 3.29 0.79
C GLU A 89 -7.91 2.57 1.30
N GLN A 90 -7.94 1.24 1.25
CA GLN A 90 -6.82 0.44 1.71
C GLN A 90 -5.51 0.93 1.10
N ALA A 91 -5.35 0.74 -0.20
CA ALA A 91 -4.14 1.16 -0.89
C ALA A 91 -3.91 2.66 -0.71
N ALA A 92 -4.98 3.44 -0.80
CA ALA A 92 -4.89 4.88 -0.65
C ALA A 92 -4.13 5.25 0.62
N VAL A 93 -4.27 4.42 1.65
CA VAL A 93 -3.60 4.66 2.92
C VAL A 93 -2.08 4.64 2.75
N CYS A 94 -1.61 3.81 1.83
CA CYS A 94 -0.17 3.69 1.57
C CYS A 94 0.38 5.00 1.01
N ILE A 95 -0.47 5.77 0.36
CA ILE A 95 -0.06 7.05 -0.23
C ILE A 95 0.14 8.10 0.85
N VAL A 96 -0.62 7.99 1.93
CA VAL A 96 -0.53 8.94 3.04
C VAL A 96 0.15 8.30 4.24
N ALA A 97 0.66 7.08 4.06
CA ALA A 97 1.35 6.37 5.13
C ALA A 97 2.86 6.51 5.00
N LEU A 98 3.34 6.60 3.77
CA LEU A 98 4.77 6.74 3.50
C LEU A 98 5.09 8.10 2.91
N ALA A 99 4.77 8.28 1.64
CA ALA A 99 5.02 9.54 0.96
C ALA A 99 6.41 10.08 1.28
N ASN A 100 7.41 9.62 0.54
CA ASN A 100 8.78 10.06 0.76
C ASN A 100 9.32 9.54 2.09
N PHE A 101 9.11 8.25 2.33
CA PHE A 101 9.58 7.61 3.57
C PHE A 101 11.03 7.19 3.45
N PRO A 102 11.76 7.21 4.58
CA PRO A 102 13.16 6.83 4.63
C PRO A 102 13.37 5.34 4.41
N PHE A 103 13.70 4.95 3.19
CA PHE A 103 13.91 3.55 2.85
C PHE A 103 15.40 3.20 2.95
N GLN A 104 16.21 3.87 2.14
CA GLN A 104 17.65 3.62 2.13
C GLN A 104 18.40 4.82 1.57
N GLY A 105 18.17 5.98 2.16
CA GLY A 105 18.83 7.20 1.71
C GLY A 105 18.19 7.77 0.46
N ARG A 106 16.87 7.66 0.37
CA ARG A 106 16.15 8.18 -0.79
C ARG A 106 14.70 8.50 -0.42
N ASN A 107 14.18 9.60 -0.99
CA ASN A 107 12.82 10.01 -0.71
C ASN A 107 11.83 9.37 -1.69
N LEU A 108 11.21 8.28 -1.26
CA LEU A 108 10.26 7.56 -2.10
C LEU A 108 9.12 8.49 -2.53
N ARG A 109 8.13 7.91 -3.22
CA ARG A 109 6.99 8.69 -3.69
C ARG A 109 5.70 7.90 -3.51
N THR A 110 4.57 8.53 -3.86
CA THR A 110 3.27 7.89 -3.73
C THR A 110 2.33 8.32 -4.86
N GLY A 111 1.18 7.68 -4.94
CA GLY A 111 0.22 8.01 -5.98
C GLY A 111 -0.85 6.94 -6.15
N TRP A 112 -1.69 7.11 -7.17
CA TRP A 112 -2.76 6.15 -7.44
C TRP A 112 -2.39 5.25 -8.61
N GLY A 113 -3.27 4.29 -8.91
CA GLY A 113 -3.02 3.38 -10.01
C GLY A 113 -4.00 3.58 -11.15
N LYS A 114 -4.21 2.52 -11.94
CA LYS A 114 -5.13 2.58 -13.07
C LYS A 114 -4.64 3.57 -14.11
N GLU A 115 -4.03 3.05 -15.19
CA GLU A 115 -3.52 3.90 -16.25
C GLU A 115 -4.64 4.32 -17.20
N ARG A 116 -5.55 3.40 -17.46
CA ARG A 116 -6.67 3.67 -18.35
C ARG A 116 -7.83 4.32 -17.61
N GLY A 1 9.93 -6.39 11.18
CA GLY A 1 10.58 -7.58 10.67
C GLY A 1 10.61 -8.70 11.68
N SER A 2 9.66 -9.63 11.58
CA SER A 2 9.58 -10.76 12.50
C SER A 2 8.54 -11.77 12.02
N GLY A 3 9.02 -12.84 11.37
CA GLY A 3 8.12 -13.86 10.88
C GLY A 3 7.63 -13.58 9.47
N TYR A 4 7.43 -14.64 8.70
CA TYR A 4 6.96 -14.50 7.32
C TYR A 4 5.44 -14.37 7.26
N THR A 5 4.96 -13.63 6.27
CA THR A 5 3.53 -13.42 6.11
C THR A 5 3.12 -13.57 4.64
N ASN A 6 3.76 -12.81 3.77
CA ASN A 6 3.46 -12.86 2.35
C ASN A 6 2.02 -12.41 2.07
N TYR A 7 1.57 -12.62 0.84
CA TYR A 7 0.22 -12.24 0.45
C TYR A 7 -0.67 -13.47 0.32
N ASN A 8 -1.96 -13.28 0.55
CA ASN A 8 -2.93 -14.37 0.45
C ASN A 8 -4.34 -13.88 0.75
N ASN A 9 -5.14 -13.69 -0.30
CA ASN A 9 -6.51 -13.23 -0.15
C ASN A 9 -7.49 -14.25 -0.71
N GLY A 10 -8.50 -14.60 0.10
CA GLY A 10 -9.49 -15.56 -0.33
C GLY A 10 -10.05 -16.37 0.82
N SER A 11 -9.21 -16.63 1.83
CA SER A 11 -9.63 -17.40 2.98
C SER A 11 -9.24 -16.69 4.28
N ASN A 12 -9.40 -17.38 5.40
CA ASN A 12 -9.06 -16.81 6.70
C ASN A 12 -9.83 -15.52 6.95
N TYR A 13 -9.46 -14.81 8.01
CA TYR A 13 -10.12 -13.56 8.35
C TYR A 13 -9.78 -12.46 7.35
N THR A 14 -10.82 -11.89 6.74
CA THR A 14 -10.64 -10.83 5.76
C THR A 14 -11.53 -9.63 6.06
N GLN A 15 -11.00 -8.69 6.85
CA GLN A 15 -11.75 -7.49 7.21
C GLN A 15 -12.03 -6.62 5.99
N LYS A 16 -13.25 -6.11 5.90
CA LYS A 16 -13.64 -5.27 4.77
C LYS A 16 -15.05 -4.72 4.97
N LYS A 17 -15.27 -4.05 6.09
CA LYS A 17 -16.58 -3.47 6.40
C LYS A 17 -16.65 -2.02 5.93
N GLN A 18 -15.53 -1.31 6.04
CA GLN A 18 -15.47 0.09 5.63
C GLN A 18 -16.52 0.92 6.37
N THR A 19 -16.48 0.86 7.70
CA THR A 19 -17.43 1.60 8.52
C THR A 19 -16.90 1.77 9.94
N ILE A 20 -16.41 2.97 10.24
CA ILE A 20 -15.88 3.27 11.56
C ILE A 20 -14.70 2.36 11.90
N GLY A 21 -13.49 2.88 11.75
CA GLY A 21 -12.31 2.10 12.03
C GLY A 21 -11.09 2.60 11.28
N LEU A 22 -9.93 2.58 11.94
CA LEU A 22 -8.69 3.03 11.33
C LEU A 22 -7.56 2.03 11.57
N PRO A 23 -6.52 2.09 10.74
CA PRO A 23 -5.36 1.21 10.85
C PRO A 23 -4.52 1.50 12.08
N PRO A 24 -3.59 0.59 12.40
CA PRO A 24 -2.69 0.72 13.55
C PRO A 24 -1.67 1.84 13.37
N GLN A 25 -1.02 1.84 12.21
CA GLN A 25 -0.01 2.85 11.91
C GLN A 25 -0.57 3.91 10.96
N VAL A 26 0.29 4.84 10.55
CA VAL A 26 -0.11 5.90 9.64
C VAL A 26 -1.17 6.79 10.28
N ASN A 27 -1.29 8.02 9.76
CA ASN A 27 -2.27 8.97 10.28
C ASN A 27 -3.67 8.60 9.83
N PRO A 28 -4.60 8.53 10.80
CA PRO A 28 -6.00 8.20 10.53
C PRO A 28 -6.73 9.31 9.79
N GLN A 29 -6.50 10.54 10.21
CA GLN A 29 -7.14 11.70 9.58
C GLN A 29 -6.24 12.29 8.50
N ALA A 30 -5.50 11.43 7.82
CA ALA A 30 -4.61 11.87 6.74
C ALA A 30 -4.89 11.12 5.45
N VAL A 31 -5.28 9.85 5.57
CA VAL A 31 -5.58 9.03 4.41
C VAL A 31 -6.83 9.53 3.68
N ASP A 32 -7.78 10.05 4.45
CA ASP A 32 -9.02 10.57 3.89
C ASP A 32 -8.73 11.55 2.75
N HIS A 33 -7.85 12.51 3.01
CA HIS A 33 -7.50 13.51 2.01
C HIS A 33 -7.04 12.83 0.71
N ILE A 34 -6.40 11.68 0.85
CA ILE A 34 -5.92 10.94 -0.31
C ILE A 34 -7.07 10.27 -1.06
N ILE A 35 -8.04 9.76 -0.30
CA ILE A 35 -9.19 9.09 -0.89
C ILE A 35 -9.94 10.02 -1.82
N ARG A 36 -10.02 11.30 -1.44
CA ARG A 36 -10.72 12.30 -2.24
C ARG A 36 -10.16 12.34 -3.66
N SER A 37 -8.86 12.10 -3.78
CA SER A 37 -8.20 12.11 -5.08
C SER A 37 -8.94 11.24 -6.08
N ALA A 38 -8.78 9.93 -5.94
CA ALA A 38 -9.44 8.97 -6.84
C ALA A 38 -10.87 8.69 -6.37
N PRO A 39 -11.71 8.19 -7.30
CA PRO A 39 -13.10 7.87 -7.00
C PRO A 39 -13.24 6.66 -6.08
N PRO A 40 -14.42 6.52 -5.46
CA PRO A 40 -14.70 5.41 -4.55
C PRO A 40 -14.82 4.08 -5.27
N ARG A 41 -13.73 3.63 -5.87
CA ARG A 41 -13.71 2.37 -6.59
C ARG A 41 -12.29 1.78 -6.64
N VAL A 42 -11.38 2.53 -7.26
CA VAL A 42 -9.99 2.09 -7.38
C VAL A 42 -9.44 1.65 -6.03
N THR A 43 -8.42 0.80 -6.07
CA THR A 43 -7.80 0.30 -4.85
C THR A 43 -6.34 -0.09 -5.09
N THR A 44 -5.76 0.44 -6.16
CA THR A 44 -4.38 0.15 -6.50
C THR A 44 -3.45 1.27 -6.05
N ALA A 45 -2.68 1.00 -5.00
CA ALA A 45 -1.75 1.99 -4.47
C ALA A 45 -0.71 2.38 -5.52
N TYR A 46 0.34 3.06 -5.07
CA TYR A 46 1.41 3.50 -5.97
C TYR A 46 2.60 4.02 -5.18
N ILE A 47 3.77 3.45 -5.44
CA ILE A 47 5.00 3.86 -4.77
C ILE A 47 6.20 3.80 -5.71
N GLY A 48 6.53 4.95 -6.30
CA GLY A 48 7.66 5.00 -7.21
C GLY A 48 8.95 5.39 -6.52
N ASN A 49 9.96 5.76 -7.30
CA ASN A 49 11.25 6.16 -6.75
C ASN A 49 11.85 5.03 -5.92
N ILE A 50 11.62 3.79 -6.33
CA ILE A 50 12.14 2.63 -5.62
C ILE A 50 13.60 2.38 -5.98
N PRO A 51 14.43 2.14 -4.95
CA PRO A 51 15.86 1.88 -5.13
C PRO A 51 16.12 0.53 -5.78
N HIS A 52 16.94 0.53 -6.82
CA HIS A 52 17.28 -0.70 -7.53
C HIS A 52 17.76 -1.77 -6.56
N PHE A 53 18.37 -1.34 -5.47
CA PHE A 53 18.88 -2.26 -4.46
C PHE A 53 17.80 -2.60 -3.43
N ALA A 54 16.60 -2.90 -3.92
CA ALA A 54 15.49 -3.23 -3.04
C ALA A 54 15.09 -4.70 -3.18
N THR A 55 14.30 -5.18 -2.24
CA THR A 55 13.85 -6.57 -2.26
C THR A 55 12.38 -6.68 -1.93
N GLU A 56 11.61 -7.30 -2.82
CA GLU A 56 10.18 -7.47 -2.62
C GLU A 56 9.89 -8.08 -1.25
N ALA A 57 10.70 -9.06 -0.85
CA ALA A 57 10.53 -9.71 0.44
C ALA A 57 10.52 -8.70 1.58
N ASP A 58 11.27 -7.61 1.41
CA ASP A 58 11.35 -6.57 2.41
C ASP A 58 10.22 -5.55 2.24
N LEU A 59 9.55 -5.61 1.09
CA LEU A 59 8.46 -4.71 0.80
C LEU A 59 7.15 -5.21 1.41
N ILE A 60 6.99 -6.53 1.44
CA ILE A 60 5.79 -7.14 2.00
C ILE A 60 5.56 -6.68 3.43
N PRO A 61 6.60 -6.79 4.27
CA PRO A 61 6.54 -6.39 5.67
C PRO A 61 6.44 -4.87 5.84
N LEU A 62 6.57 -4.15 4.73
CA LEU A 62 6.49 -2.70 4.76
C LEU A 62 5.10 -2.22 4.34
N PHE A 63 4.51 -2.90 3.36
CA PHE A 63 3.19 -2.54 2.88
C PHE A 63 2.10 -3.28 3.67
N GLN A 64 2.26 -4.59 3.79
CA GLN A 64 1.29 -5.40 4.54
C GLN A 64 0.99 -4.79 5.89
N ASN A 65 2.00 -4.17 6.49
CA ASN A 65 1.85 -3.55 7.80
C ASN A 65 0.74 -2.50 7.78
N PHE A 66 0.62 -1.80 6.65
CA PHE A 66 -0.39 -0.77 6.50
C PHE A 66 -1.80 -1.36 6.63
N GLY A 67 -2.10 -2.34 5.77
CA GLY A 67 -3.40 -2.96 5.81
C GLY A 67 -3.36 -4.42 5.39
N PHE A 68 -3.86 -4.71 4.19
CA PHE A 68 -3.87 -6.07 3.67
C PHE A 68 -3.53 -6.08 2.18
N ILE A 69 -2.59 -6.96 1.81
CA ILE A 69 -2.16 -7.08 0.43
C ILE A 69 -2.79 -8.30 -0.24
N LEU A 70 -3.34 -8.11 -1.43
CA LEU A 70 -3.96 -9.20 -2.17
C LEU A 70 -3.04 -9.73 -3.25
N ASP A 71 -2.58 -8.82 -4.12
CA ASP A 71 -1.68 -9.20 -5.21
C ASP A 71 -0.58 -8.15 -5.38
N PHE A 72 0.53 -8.35 -4.69
CA PHE A 72 1.66 -7.42 -4.77
C PHE A 72 2.52 -7.71 -6.00
N LYS A 73 2.39 -6.86 -7.01
CA LYS A 73 3.16 -7.03 -8.24
C LYS A 73 4.62 -6.66 -8.02
N HIS A 74 4.90 -5.37 -7.93
CA HIS A 74 6.25 -4.89 -7.72
C HIS A 74 7.18 -5.36 -8.84
N TYR A 75 7.26 -4.57 -9.91
CA TYR A 75 8.10 -4.92 -11.05
C TYR A 75 9.53 -5.19 -10.60
N PRO A 76 10.27 -5.92 -11.45
CA PRO A 76 11.68 -6.27 -11.17
C PRO A 76 12.60 -5.07 -11.22
N GLU A 77 12.48 -4.28 -12.29
CA GLU A 77 13.31 -3.09 -12.46
C GLU A 77 12.54 -2.00 -13.22
N LYS A 78 11.54 -1.43 -12.56
CA LYS A 78 10.73 -0.38 -13.17
C LYS A 78 10.77 0.89 -12.31
N GLY A 79 10.41 0.75 -11.04
CA GLY A 79 10.42 1.89 -10.15
C GLY A 79 9.02 2.33 -9.75
N CYS A 80 8.18 1.36 -9.37
CA CYS A 80 6.82 1.65 -8.96
C CYS A 80 6.12 0.38 -8.48
N CYS A 81 5.85 0.32 -7.18
CA CYS A 81 5.19 -0.83 -6.59
C CYS A 81 3.67 -0.68 -6.65
N PHE A 82 2.99 -1.71 -7.13
CA PHE A 82 1.54 -1.70 -7.24
C PHE A 82 0.90 -2.60 -6.19
N ILE A 83 -0.14 -2.10 -5.54
CA ILE A 83 -0.84 -2.87 -4.51
C ILE A 83 -2.35 -2.66 -4.61
N LYS A 84 -3.04 -3.66 -5.14
CA LYS A 84 -4.49 -3.60 -5.29
C LYS A 84 -5.19 -4.08 -4.02
N TYR A 85 -5.28 -3.20 -3.03
CA TYR A 85 -5.92 -3.53 -1.76
C TYR A 85 -7.36 -3.98 -1.99
N ASP A 86 -8.07 -4.24 -0.90
CA ASP A 86 -9.46 -4.68 -0.97
C ASP A 86 -10.41 -3.49 -0.87
N THR A 87 -10.03 -2.51 -0.06
CA THR A 87 -10.85 -1.31 0.13
C THR A 87 -10.07 -0.05 -0.22
N HIS A 88 -10.76 0.92 -0.81
CA HIS A 88 -10.14 2.18 -1.20
C HIS A 88 -9.50 2.86 0.00
N GLU A 89 -10.01 2.56 1.19
CA GLU A 89 -9.50 3.14 2.43
C GLU A 89 -8.35 2.31 2.99
N GLN A 90 -7.67 1.58 2.11
CA GLN A 90 -6.54 0.74 2.52
C GLN A 90 -5.27 1.14 1.79
N ALA A 91 -5.32 1.08 0.46
CA ALA A 91 -4.17 1.44 -0.36
C ALA A 91 -3.76 2.89 -0.13
N ALA A 92 -4.74 3.78 -0.12
CA ALA A 92 -4.48 5.20 0.09
C ALA A 92 -3.63 5.43 1.33
N VAL A 93 -3.87 4.62 2.36
CA VAL A 93 -3.11 4.72 3.60
C VAL A 93 -1.61 4.64 3.35
N CYS A 94 -1.22 3.89 2.33
CA CYS A 94 0.18 3.73 1.99
C CYS A 94 0.77 5.04 1.47
N ILE A 95 0.00 5.73 0.63
CA ILE A 95 0.44 7.00 0.07
C ILE A 95 0.82 7.99 1.16
N VAL A 96 0.20 7.84 2.33
CA VAL A 96 0.47 8.71 3.46
C VAL A 96 1.29 7.99 4.54
N ALA A 97 1.48 6.69 4.35
CA ALA A 97 2.24 5.89 5.30
C ALA A 97 3.74 6.06 5.08
N LEU A 98 4.14 6.23 3.83
CA LEU A 98 5.55 6.40 3.48
C LEU A 98 5.80 7.80 2.91
N ALA A 99 5.22 8.07 1.75
CA ALA A 99 5.38 9.37 1.10
C ALA A 99 6.82 9.86 1.22
N ASN A 100 7.68 9.31 0.36
CA ASN A 100 9.09 9.70 0.36
C ASN A 100 9.77 9.28 1.67
N PHE A 101 9.99 7.98 1.83
CA PHE A 101 10.62 7.45 3.03
C PHE A 101 11.97 6.82 2.70
N PRO A 102 12.92 6.90 3.64
CA PRO A 102 14.26 6.34 3.46
C PRO A 102 14.26 4.81 3.46
N PHE A 103 14.24 4.23 2.27
CA PHE A 103 14.23 2.78 2.14
C PHE A 103 15.65 2.24 1.97
N GLN A 104 16.46 2.38 3.01
CA GLN A 104 17.84 1.92 2.98
C GLN A 104 18.58 2.45 1.76
N GLY A 105 18.25 3.68 1.37
CA GLY A 105 18.88 4.29 0.22
C GLY A 105 18.51 5.75 0.05
N ARG A 106 17.20 6.02 0.05
CA ARG A 106 16.71 7.39 -0.11
C ARG A 106 15.19 7.44 -0.01
N ASN A 107 14.63 8.62 -0.22
CA ASN A 107 13.17 8.80 -0.17
C ASN A 107 12.51 8.25 -1.43
N LEU A 108 11.40 7.56 -1.24
CA LEU A 108 10.66 6.98 -2.37
C LEU A 108 9.59 7.95 -2.87
N ARG A 109 8.57 7.41 -3.53
CA ARG A 109 7.48 8.21 -4.04
C ARG A 109 6.13 7.57 -3.73
N THR A 110 5.05 8.31 -4.01
CA THR A 110 3.70 7.81 -3.75
C THR A 110 2.73 8.30 -4.81
N GLY A 111 1.46 7.93 -4.65
CA GLY A 111 0.45 8.35 -5.61
C GLY A 111 -0.68 7.34 -5.74
N TRP A 112 -1.56 7.56 -6.71
CA TRP A 112 -2.69 6.66 -6.93
C TRP A 112 -2.47 5.81 -8.17
N GLY A 113 -3.35 4.84 -8.38
CA GLY A 113 -3.24 3.96 -9.53
C GLY A 113 -4.56 3.78 -10.25
N LYS A 114 -4.54 3.02 -11.34
CA LYS A 114 -5.75 2.76 -12.11
C LYS A 114 -5.53 1.60 -13.08
N GLU A 115 -6.57 1.27 -13.84
CA GLU A 115 -6.50 0.18 -14.81
C GLU A 115 -7.60 0.31 -15.85
N ARG A 116 -7.43 1.23 -16.79
CA ARG A 116 -8.41 1.44 -17.84
C ARG A 116 -8.52 0.22 -18.75
N GLY A 1 2.13 -15.91 18.69
CA GLY A 1 2.75 -14.61 18.90
C GLY A 1 2.72 -13.75 17.66
N SER A 2 3.10 -12.49 17.81
CA SER A 2 3.12 -11.55 16.69
C SER A 2 4.29 -11.84 15.76
N GLY A 3 3.98 -12.06 14.48
CA GLY A 3 5.02 -12.34 13.51
C GLY A 3 4.49 -12.43 12.10
N TYR A 4 5.33 -12.10 11.13
CA TYR A 4 4.93 -12.14 9.72
C TYR A 4 6.15 -12.38 8.82
N THR A 5 5.89 -12.43 7.52
CA THR A 5 6.96 -12.64 6.54
C THR A 5 6.48 -12.34 5.13
N ASN A 6 5.41 -13.01 4.72
CA ASN A 6 4.85 -12.82 3.39
C ASN A 6 3.32 -12.82 3.43
N TYR A 7 2.72 -11.73 2.96
CA TYR A 7 1.27 -11.61 2.94
C TYR A 7 0.62 -12.83 2.30
N ASN A 8 -0.69 -12.93 2.43
CA ASN A 8 -1.44 -14.05 1.85
C ASN A 8 -2.93 -13.86 2.06
N ASN A 9 -3.62 -13.37 1.03
CA ASN A 9 -5.06 -13.15 1.11
C ASN A 9 -5.82 -14.35 0.55
N GLY A 10 -5.52 -15.53 1.07
CA GLY A 10 -6.19 -16.74 0.61
C GLY A 10 -7.38 -17.10 1.47
N SER A 11 -8.23 -16.13 1.76
CA SER A 11 -9.42 -16.35 2.58
C SER A 11 -10.33 -15.13 2.57
N ASN A 12 -11.49 -15.26 1.93
CA ASN A 12 -12.44 -14.17 1.84
C ASN A 12 -12.95 -13.78 3.23
N TYR A 13 -12.33 -12.76 3.81
CA TYR A 13 -12.71 -12.29 5.14
C TYR A 13 -12.95 -10.78 5.14
N THR A 14 -11.86 -10.02 5.01
CA THR A 14 -11.95 -8.57 5.00
C THR A 14 -12.75 -8.05 6.18
N GLN A 15 -13.06 -6.76 6.17
CA GLN A 15 -13.82 -6.15 7.24
C GLN A 15 -15.11 -6.92 7.51
N LYS A 16 -15.77 -7.34 6.45
CA LYS A 16 -17.02 -8.09 6.57
C LYS A 16 -18.10 -7.25 7.22
N LYS A 17 -19.21 -7.89 7.58
CA LYS A 17 -20.32 -7.20 8.22
C LYS A 17 -19.88 -6.54 9.52
N GLN A 18 -20.82 -5.91 10.21
CA GLN A 18 -20.52 -5.24 11.47
C GLN A 18 -19.44 -4.18 11.28
N THR A 19 -19.10 -3.51 12.37
CA THR A 19 -18.08 -2.46 12.32
C THR A 19 -16.74 -3.01 11.85
N ILE A 20 -15.75 -2.14 11.75
CA ILE A 20 -14.42 -2.55 11.31
C ILE A 20 -13.34 -1.74 12.01
N GLY A 21 -12.32 -2.43 12.53
CA GLY A 21 -11.24 -1.75 13.21
C GLY A 21 -10.46 -0.82 12.30
N LEU A 22 -9.32 -1.29 11.81
CA LEU A 22 -8.49 -0.49 10.93
C LEU A 22 -8.26 0.90 11.50
N PRO A 23 -7.42 0.98 12.54
CA PRO A 23 -7.09 2.25 13.20
C PRO A 23 -6.24 3.17 12.31
N PRO A 24 -6.11 4.44 12.73
CA PRO A 24 -5.34 5.43 11.99
C PRO A 24 -3.83 5.16 12.06
N GLN A 25 -3.38 4.20 11.24
CA GLN A 25 -1.97 3.84 11.20
C GLN A 25 -1.09 5.08 11.01
N VAL A 26 -1.07 5.59 9.78
CA VAL A 26 -0.28 6.78 9.47
C VAL A 26 -0.90 8.04 10.07
N ASN A 27 -1.96 8.52 9.42
CA ASN A 27 -2.65 9.72 9.88
C ASN A 27 -4.06 9.78 9.32
N PRO A 28 -5.03 10.17 10.17
CA PRO A 28 -6.43 10.29 9.77
C PRO A 28 -6.68 11.45 8.82
N GLN A 29 -6.14 12.61 9.15
CA GLN A 29 -6.29 13.80 8.32
C GLN A 29 -5.15 13.92 7.32
N ALA A 30 -4.75 12.80 6.73
CA ALA A 30 -3.66 12.77 5.76
C ALA A 30 -4.01 11.89 4.57
N VAL A 31 -4.65 10.76 4.85
CA VAL A 31 -5.05 9.82 3.79
C VAL A 31 -6.28 10.32 3.05
N ASP A 32 -7.17 10.98 3.79
CA ASP A 32 -8.41 11.50 3.20
C ASP A 32 -8.10 12.34 1.96
N HIS A 33 -7.16 13.26 2.09
CA HIS A 33 -6.78 14.13 0.99
C HIS A 33 -6.41 13.31 -0.25
N ILE A 34 -5.82 12.13 -0.02
CA ILE A 34 -5.43 11.25 -1.11
C ILE A 34 -6.66 10.58 -1.74
N ILE A 35 -7.49 9.99 -0.89
CA ILE A 35 -8.69 9.31 -1.35
C ILE A 35 -9.54 10.22 -2.23
N ARG A 36 -9.62 11.49 -1.85
CA ARG A 36 -10.40 12.47 -2.59
C ARG A 36 -9.86 12.62 -4.02
N SER A 37 -8.56 12.39 -4.19
CA SER A 37 -7.92 12.51 -5.49
C SER A 37 -7.97 11.17 -6.23
N ALA A 38 -9.12 10.52 -6.21
CA ALA A 38 -9.30 9.25 -6.88
C ALA A 38 -10.72 8.72 -6.69
N PRO A 39 -11.21 7.96 -7.70
CA PRO A 39 -12.56 7.38 -7.66
C PRO A 39 -12.69 6.28 -6.62
N PRO A 40 -13.92 6.06 -6.15
CA PRO A 40 -14.22 5.04 -5.14
C PRO A 40 -14.08 3.63 -5.69
N ARG A 41 -12.85 3.25 -6.03
CA ARG A 41 -12.59 1.92 -6.57
C ARG A 41 -11.09 1.64 -6.63
N VAL A 42 -10.33 2.63 -7.09
CA VAL A 42 -8.89 2.50 -7.21
C VAL A 42 -8.27 2.00 -5.90
N THR A 43 -7.74 0.79 -5.92
CA THR A 43 -7.13 0.19 -4.74
C THR A 43 -5.64 -0.06 -4.96
N THR A 44 -5.26 -0.25 -6.22
CA THR A 44 -3.86 -0.50 -6.57
C THR A 44 -2.99 0.71 -6.26
N ALA A 45 -2.23 0.62 -5.17
CA ALA A 45 -1.34 1.70 -4.77
C ALA A 45 -0.30 2.01 -5.85
N TYR A 46 0.68 2.82 -5.51
CA TYR A 46 1.72 3.20 -6.45
C TYR A 46 2.92 3.81 -5.72
N ILE A 47 4.10 3.29 -5.99
CA ILE A 47 5.33 3.80 -5.38
C ILE A 47 6.44 3.94 -6.39
N GLY A 48 6.75 5.18 -6.75
CA GLY A 48 7.81 5.43 -7.72
C GLY A 48 9.15 5.71 -7.06
N ASN A 49 10.14 6.06 -7.87
CA ASN A 49 11.47 6.36 -7.36
C ASN A 49 12.01 5.20 -6.52
N ILE A 50 11.63 3.98 -6.90
CA ILE A 50 12.07 2.79 -6.19
C ILE A 50 13.56 2.55 -6.38
N PRO A 51 14.27 2.28 -5.27
CA PRO A 51 15.71 2.04 -5.29
C PRO A 51 16.06 0.71 -5.95
N HIS A 52 17.06 0.74 -6.83
CA HIS A 52 17.50 -0.47 -7.53
C HIS A 52 17.83 -1.58 -6.54
N PHE A 53 18.20 -1.20 -5.31
CA PHE A 53 18.55 -2.16 -4.28
C PHE A 53 17.41 -2.29 -3.26
N ALA A 54 16.39 -3.07 -3.61
CA ALA A 54 15.26 -3.28 -2.72
C ALA A 54 14.26 -4.25 -3.33
N THR A 55 14.47 -5.54 -3.12
CA THR A 55 13.59 -6.57 -3.65
C THR A 55 12.23 -6.53 -2.96
N GLU A 56 11.21 -7.01 -3.67
CA GLU A 56 9.85 -7.04 -3.12
C GLU A 56 9.83 -7.69 -1.74
N ALA A 57 10.66 -8.71 -1.56
CA ALA A 57 10.74 -9.41 -0.28
C ALA A 57 10.93 -8.44 0.87
N ASP A 58 11.87 -7.52 0.70
CA ASP A 58 12.16 -6.52 1.74
C ASP A 58 11.10 -5.44 1.75
N LEU A 59 10.31 -5.37 0.69
CA LEU A 59 9.25 -4.38 0.58
C LEU A 59 7.98 -4.85 1.28
N ILE A 60 7.75 -6.16 1.27
CA ILE A 60 6.58 -6.75 1.91
C ILE A 60 6.42 -6.23 3.34
N PRO A 61 7.49 -6.33 4.12
CA PRO A 61 7.51 -5.88 5.52
C PRO A 61 7.45 -4.36 5.64
N LEU A 62 7.56 -3.68 4.50
CA LEU A 62 7.51 -2.22 4.48
C LEU A 62 6.13 -1.72 4.07
N PHE A 63 5.50 -2.45 3.16
CA PHE A 63 4.17 -2.08 2.68
C PHE A 63 3.09 -2.69 3.57
N GLN A 64 3.13 -4.01 3.71
CA GLN A 64 2.15 -4.71 4.54
C GLN A 64 2.00 -4.04 5.90
N ASN A 65 3.10 -3.51 6.43
CA ASN A 65 3.09 -2.84 7.72
C ASN A 65 2.01 -1.76 7.77
N PHE A 66 1.77 -1.12 6.62
CA PHE A 66 0.77 -0.07 6.54
C PHE A 66 -0.63 -0.63 6.79
N GLY A 67 -1.08 -1.52 5.91
CA GLY A 67 -2.40 -2.10 6.07
C GLY A 67 -2.40 -3.59 5.76
N PHE A 68 -2.95 -3.96 4.61
CA PHE A 68 -3.02 -5.36 4.20
C PHE A 68 -2.80 -5.50 2.70
N ILE A 69 -1.88 -6.38 2.32
CA ILE A 69 -1.57 -6.61 0.91
C ILE A 69 -2.26 -7.88 0.40
N LEU A 70 -2.75 -7.83 -0.83
CA LEU A 70 -3.42 -8.97 -1.43
C LEU A 70 -2.56 -9.59 -2.53
N ASP A 71 -1.97 -8.74 -3.37
CA ASP A 71 -1.12 -9.20 -4.46
C ASP A 71 -0.15 -8.12 -4.88
N PHE A 72 0.88 -7.90 -4.07
CA PHE A 72 1.89 -6.89 -4.36
C PHE A 72 2.93 -7.42 -5.34
N LYS A 73 3.12 -6.70 -6.44
CA LYS A 73 4.08 -7.10 -7.46
C LYS A 73 5.16 -6.04 -7.62
N HIS A 74 6.37 -6.48 -7.94
CA HIS A 74 7.50 -5.57 -8.13
C HIS A 74 7.62 -5.15 -9.59
N TYR A 75 8.50 -4.18 -9.84
CA TYR A 75 8.70 -3.68 -11.20
C TYR A 75 10.06 -3.02 -11.34
N PRO A 76 11.11 -3.86 -11.44
CA PRO A 76 12.50 -3.39 -11.57
C PRO A 76 12.75 -2.75 -12.94
N GLU A 77 12.07 -3.24 -13.95
CA GLU A 77 12.22 -2.72 -15.31
C GLU A 77 11.80 -1.26 -15.38
N LYS A 78 10.73 -0.93 -14.65
CA LYS A 78 10.22 0.44 -14.63
C LYS A 78 10.59 1.14 -13.33
N GLY A 79 9.91 0.78 -12.25
CA GLY A 79 10.18 1.39 -10.96
C GLY A 79 8.92 1.86 -10.26
N CYS A 80 7.86 1.08 -10.37
CA CYS A 80 6.58 1.42 -9.74
C CYS A 80 5.94 0.20 -9.11
N CYS A 81 5.73 0.25 -7.79
CA CYS A 81 5.12 -0.85 -7.07
C CYS A 81 3.60 -0.83 -7.22
N PHE A 82 3.01 -2.01 -7.27
CA PHE A 82 1.55 -2.13 -7.42
C PHE A 82 0.97 -3.01 -6.31
N ILE A 83 0.09 -2.42 -5.50
CA ILE A 83 -0.54 -3.14 -4.40
C ILE A 83 -2.05 -2.91 -4.39
N LYS A 84 -2.80 -3.91 -4.84
CA LYS A 84 -4.26 -3.81 -4.86
C LYS A 84 -4.85 -4.13 -3.50
N TYR A 85 -4.73 -3.19 -2.56
CA TYR A 85 -5.26 -3.37 -1.22
C TYR A 85 -6.71 -3.84 -1.26
N ASP A 86 -7.21 -4.29 -0.12
CA ASP A 86 -8.58 -4.76 -0.02
C ASP A 86 -9.57 -3.60 -0.08
N THR A 87 -9.16 -2.47 0.49
CA THR A 87 -10.01 -1.28 0.52
C THR A 87 -9.32 -0.10 -0.17
N HIS A 88 -10.12 0.86 -0.64
CA HIS A 88 -9.59 2.03 -1.32
C HIS A 88 -8.71 2.85 -0.37
N GLU A 89 -9.31 3.32 0.71
CA GLU A 89 -8.60 4.12 1.70
C GLU A 89 -7.31 3.42 2.13
N GLN A 90 -7.34 2.10 2.15
CA GLN A 90 -6.18 1.31 2.55
C GLN A 90 -4.93 1.76 1.80
N ALA A 91 -4.88 1.47 0.52
CA ALA A 91 -3.74 1.86 -0.32
C ALA A 91 -3.48 3.36 -0.22
N ALA A 92 -4.56 4.14 -0.17
CA ALA A 92 -4.44 5.59 -0.09
C ALA A 92 -3.51 6.00 1.05
N VAL A 93 -3.56 5.24 2.14
CA VAL A 93 -2.71 5.53 3.30
C VAL A 93 -1.24 5.42 2.95
N CYS A 94 -0.92 4.53 2.02
CA CYS A 94 0.46 4.32 1.59
C CYS A 94 1.04 5.59 0.98
N ILE A 95 0.22 6.28 0.19
CA ILE A 95 0.65 7.51 -0.46
C ILE A 95 1.12 8.54 0.57
N VAL A 96 0.54 8.48 1.77
CA VAL A 96 0.91 9.39 2.84
C VAL A 96 1.71 8.68 3.92
N ALA A 97 2.01 7.40 3.70
CA ALA A 97 2.78 6.62 4.65
C ALA A 97 4.26 6.66 4.33
N LEU A 98 4.58 6.75 3.04
CA LEU A 98 5.98 6.79 2.59
C LEU A 98 6.30 8.14 1.96
N ALA A 99 5.79 8.37 0.76
CA ALA A 99 6.02 9.61 0.04
C ALA A 99 7.46 10.07 0.19
N ASN A 100 8.35 9.49 -0.61
CA ASN A 100 9.77 9.84 -0.57
C ASN A 100 10.38 9.43 0.76
N PHE A 101 10.27 8.15 1.09
CA PHE A 101 10.82 7.62 2.33
C PHE A 101 12.27 7.19 2.15
N PRO A 102 13.09 7.42 3.18
CA PRO A 102 14.52 7.07 3.15
C PRO A 102 14.73 5.56 3.19
N PHE A 103 15.03 4.98 2.03
CA PHE A 103 15.27 3.55 1.93
C PHE A 103 16.75 3.22 2.13
N GLN A 104 17.56 3.61 1.15
CA GLN A 104 19.00 3.37 1.22
C GLN A 104 19.77 4.43 0.45
N GLY A 105 19.58 5.69 0.84
CA GLY A 105 20.27 6.79 0.17
C GLY A 105 19.34 7.63 -0.67
N ARG A 106 18.33 6.98 -1.25
CA ARG A 106 17.36 7.68 -2.10
C ARG A 106 15.98 7.69 -1.44
N ASN A 107 14.97 8.10 -2.22
CA ASN A 107 13.60 8.15 -1.71
C ASN A 107 12.63 7.59 -2.74
N LEU A 108 11.39 7.36 -2.31
CA LEU A 108 10.36 6.81 -3.19
C LEU A 108 9.40 7.91 -3.64
N ARG A 109 8.24 7.52 -4.14
CA ARG A 109 7.23 8.46 -4.61
C ARG A 109 5.83 7.93 -4.37
N THR A 110 4.84 8.78 -4.57
CA THR A 110 3.44 8.39 -4.37
C THR A 110 2.51 9.21 -5.27
N GLY A 111 1.36 8.65 -5.60
CA GLY A 111 0.40 9.33 -6.44
C GLY A 111 -0.67 8.41 -6.99
N TRP A 112 -1.09 7.46 -6.17
CA TRP A 112 -2.13 6.51 -6.57
C TRP A 112 -1.65 5.68 -7.77
N GLY A 113 -2.30 4.53 -7.97
CA GLY A 113 -1.93 3.66 -9.08
C GLY A 113 -2.96 3.68 -10.20
N LYS A 114 -3.95 2.80 -10.11
CA LYS A 114 -5.00 2.73 -11.12
C LYS A 114 -5.63 4.09 -11.35
N GLU A 115 -5.68 4.50 -12.62
CA GLU A 115 -6.26 5.79 -12.98
C GLU A 115 -7.09 5.67 -14.26
N ARG A 116 -8.37 6.00 -14.16
CA ARG A 116 -9.26 5.94 -15.32
C ARG A 116 -9.21 7.24 -16.12
N GLY A 1 -2.52 -11.45 16.62
CA GLY A 1 -1.14 -11.62 16.22
C GLY A 1 -0.96 -12.77 15.24
N SER A 2 0.22 -13.38 15.25
CA SER A 2 0.52 -14.48 14.35
C SER A 2 0.33 -14.07 12.90
N GLY A 3 0.44 -15.04 11.99
CA GLY A 3 0.28 -14.76 10.58
C GLY A 3 0.77 -15.90 9.70
N TYR A 4 0.10 -16.10 8.57
CA TYR A 4 0.47 -17.16 7.65
C TYR A 4 0.16 -16.76 6.20
N THR A 5 -1.10 -16.42 5.96
CA THR A 5 -1.53 -16.01 4.63
C THR A 5 -1.35 -14.51 4.42
N ASN A 6 -0.24 -14.13 3.79
CA ASN A 6 0.05 -12.73 3.52
C ASN A 6 0.50 -12.53 2.08
N TYR A 7 0.49 -11.29 1.62
CA TYR A 7 0.90 -10.96 0.26
C TYR A 7 -0.14 -11.43 -0.75
N ASN A 8 -0.26 -12.74 -0.89
CA ASN A 8 -1.21 -13.33 -1.83
C ASN A 8 -2.52 -13.69 -1.13
N ASN A 9 -3.59 -12.99 -1.48
CA ASN A 9 -4.90 -13.23 -0.87
C ASN A 9 -5.27 -14.71 -0.94
N GLY A 10 -5.15 -15.39 0.19
CA GLY A 10 -5.48 -16.80 0.24
C GLY A 10 -6.23 -17.19 1.50
N SER A 11 -7.06 -16.27 1.99
CA SER A 11 -7.83 -16.52 3.20
C SER A 11 -9.32 -16.31 2.94
N ASN A 12 -9.64 -15.31 2.12
CA ASN A 12 -11.02 -15.00 1.79
C ASN A 12 -11.80 -14.56 3.03
N TYR A 13 -11.20 -13.65 3.79
CA TYR A 13 -11.84 -13.13 5.00
C TYR A 13 -11.30 -11.74 5.35
N THR A 14 -11.61 -10.77 4.49
CA THR A 14 -11.17 -9.40 4.71
C THR A 14 -11.66 -8.87 6.05
N GLN A 15 -11.27 -7.64 6.36
CA GLN A 15 -11.69 -7.01 7.62
C GLN A 15 -13.19 -7.07 7.80
N LYS A 16 -13.92 -6.29 7.00
CA LYS A 16 -15.37 -6.26 7.07
C LYS A 16 -15.84 -5.87 8.46
N LYS A 17 -16.12 -4.59 8.66
CA LYS A 17 -16.58 -4.09 9.95
C LYS A 17 -17.72 -3.09 9.77
N GLN A 18 -18.64 -3.07 10.73
CA GLN A 18 -19.78 -2.17 10.67
C GLN A 18 -19.61 -1.01 11.67
N THR A 19 -18.37 -0.54 11.80
CA THR A 19 -18.08 0.56 12.71
C THR A 19 -17.18 1.59 12.04
N ILE A 20 -16.71 2.56 12.83
CA ILE A 20 -15.85 3.61 12.32
C ILE A 20 -14.56 3.02 11.75
N GLY A 21 -14.07 1.96 12.37
CA GLY A 21 -12.85 1.32 11.91
C GLY A 21 -11.65 2.24 11.97
N LEU A 22 -11.11 2.45 13.16
CA LEU A 22 -9.95 3.31 13.33
C LEU A 22 -8.83 2.96 12.36
N PRO A 23 -7.94 3.93 12.09
CA PRO A 23 -6.82 3.73 11.18
C PRO A 23 -5.77 2.79 11.75
N PRO A 24 -4.83 2.35 10.89
CA PRO A 24 -3.75 1.45 11.29
C PRO A 24 -2.73 2.12 12.21
N GLN A 25 -2.27 3.31 11.81
CA GLN A 25 -1.30 4.05 12.60
C GLN A 25 -0.92 5.35 11.90
N VAL A 26 -0.86 5.31 10.58
CA VAL A 26 -0.51 6.49 9.79
C VAL A 26 -1.55 7.59 9.95
N ASN A 27 -1.13 8.84 9.81
CA ASN A 27 -2.03 9.98 9.93
C ASN A 27 -3.27 9.79 9.09
N PRO A 28 -4.41 9.54 9.77
CA PRO A 28 -5.70 9.32 9.10
C PRO A 28 -6.23 10.60 8.46
N GLN A 29 -5.98 11.73 9.11
CA GLN A 29 -6.44 13.03 8.60
C GLN A 29 -5.87 13.30 7.22
N ALA A 30 -4.65 12.83 6.99
CA ALA A 30 -3.98 13.04 5.70
C ALA A 30 -4.35 11.92 4.72
N VAL A 31 -5.30 11.08 5.12
CA VAL A 31 -5.74 9.98 4.27
C VAL A 31 -7.08 10.28 3.61
N ASP A 32 -7.96 10.94 4.35
CA ASP A 32 -9.28 11.30 3.84
C ASP A 32 -9.16 12.01 2.51
N HIS A 33 -8.12 12.83 2.37
CA HIS A 33 -7.89 13.57 1.12
C HIS A 33 -7.48 12.64 0.00
N ILE A 34 -6.72 11.61 0.33
CA ILE A 34 -6.25 10.63 -0.65
C ILE A 34 -7.39 9.73 -1.11
N ILE A 35 -8.12 9.18 -0.16
CA ILE A 35 -9.24 8.30 -0.46
C ILE A 35 -10.25 8.99 -1.37
N ARG A 36 -10.51 10.27 -1.10
CA ARG A 36 -11.46 11.04 -1.89
C ARG A 36 -10.92 11.26 -3.31
N SER A 37 -9.61 11.32 -3.44
CA SER A 37 -8.98 11.53 -4.75
C SER A 37 -9.54 10.56 -5.78
N ALA A 38 -9.26 9.28 -5.61
CA ALA A 38 -9.74 8.25 -6.53
C ALA A 38 -11.07 7.67 -6.05
N PRO A 39 -11.81 7.05 -6.97
CA PRO A 39 -13.11 6.45 -6.68
C PRO A 39 -12.97 5.20 -5.81
N PRO A 40 -14.09 4.78 -5.20
CA PRO A 40 -14.12 3.59 -4.33
C PRO A 40 -13.96 2.30 -5.12
N ARG A 41 -12.79 2.13 -5.73
CA ARG A 41 -12.50 0.93 -6.51
C ARG A 41 -11.02 0.84 -6.84
N VAL A 42 -10.41 1.99 -7.14
CA VAL A 42 -8.99 2.04 -7.47
C VAL A 42 -8.13 1.72 -6.24
N THR A 43 -7.89 0.44 -6.01
CA THR A 43 -7.08 0.00 -4.88
C THR A 43 -5.61 -0.05 -5.24
N THR A 44 -5.32 -0.20 -6.53
CA THR A 44 -3.94 -0.27 -7.01
C THR A 44 -3.12 0.91 -6.49
N ALA A 45 -2.24 0.63 -5.53
CA ALA A 45 -1.39 1.66 -4.94
C ALA A 45 -0.50 2.29 -6.01
N TYR A 46 0.49 3.07 -5.56
CA TYR A 46 1.40 3.74 -6.47
C TYR A 46 2.57 4.36 -5.70
N ILE A 47 3.77 3.83 -5.93
CA ILE A 47 4.97 4.34 -5.26
C ILE A 47 6.16 4.33 -6.20
N GLY A 48 6.45 5.48 -6.80
CA GLY A 48 7.57 5.59 -7.72
C GLY A 48 8.86 5.96 -7.01
N ASN A 49 9.92 6.17 -7.79
CA ASN A 49 11.21 6.52 -7.23
C ASN A 49 11.70 5.47 -6.24
N ILE A 50 11.54 4.20 -6.62
CA ILE A 50 11.95 3.10 -5.77
C ILE A 50 13.43 2.79 -5.95
N PRO A 51 14.16 2.63 -4.82
CA PRO A 51 15.59 2.33 -4.84
C PRO A 51 15.88 0.92 -5.33
N HIS A 52 16.89 0.80 -6.19
CA HIS A 52 17.28 -0.50 -6.74
C HIS A 52 17.85 -1.40 -5.65
N PHE A 53 18.42 -0.78 -4.62
CA PHE A 53 19.02 -1.53 -3.51
C PHE A 53 17.96 -1.88 -2.46
N ALA A 54 16.85 -2.44 -2.91
CA ALA A 54 15.76 -2.81 -2.02
C ALA A 54 15.01 -4.03 -2.54
N THR A 55 14.44 -3.90 -3.74
CA THR A 55 13.70 -5.00 -4.35
C THR A 55 12.38 -5.24 -3.61
N GLU A 56 11.42 -5.82 -4.32
CA GLU A 56 10.11 -6.11 -3.73
C GLU A 56 10.26 -6.82 -2.39
N ALA A 57 11.26 -7.70 -2.31
CA ALA A 57 11.51 -8.45 -1.09
C ALA A 57 11.61 -7.52 0.12
N ASP A 58 12.42 -6.47 -0.01
CA ASP A 58 12.60 -5.50 1.07
C ASP A 58 11.39 -4.58 1.18
N LEU A 59 10.53 -4.62 0.16
CA LEU A 59 9.33 -3.78 0.15
C LEU A 59 8.16 -4.49 0.82
N ILE A 60 8.16 -5.82 0.75
CA ILE A 60 7.10 -6.61 1.36
C ILE A 60 6.88 -6.21 2.81
N PRO A 61 7.98 -6.15 3.59
CA PRO A 61 7.94 -5.78 5.01
C PRO A 61 7.60 -4.31 5.21
N LEU A 62 7.56 -3.56 4.11
CA LEU A 62 7.26 -2.14 4.17
C LEU A 62 5.79 -1.88 3.87
N PHE A 63 5.32 -2.44 2.76
CA PHE A 63 3.92 -2.28 2.34
C PHE A 63 3.00 -3.13 3.22
N GLN A 64 3.27 -4.43 3.28
CA GLN A 64 2.47 -5.34 4.08
C GLN A 64 2.29 -4.81 5.50
N ASN A 65 3.32 -4.15 6.01
CA ASN A 65 3.28 -3.59 7.35
C ASN A 65 2.15 -2.57 7.49
N PHE A 66 1.89 -1.84 6.41
CA PHE A 66 0.84 -0.83 6.40
C PHE A 66 -0.52 -1.46 6.65
N GLY A 67 -1.01 -2.22 5.66
CA GLY A 67 -2.30 -2.87 5.79
C GLY A 67 -2.25 -4.34 5.41
N PHE A 68 -2.64 -4.64 4.18
CA PHE A 68 -2.64 -6.01 3.69
C PHE A 68 -2.44 -6.06 2.18
N ILE A 69 -1.39 -6.75 1.75
CA ILE A 69 -1.08 -6.86 0.33
C ILE A 69 -1.86 -8.01 -0.30
N LEU A 70 -2.30 -7.80 -1.54
CA LEU A 70 -3.06 -8.82 -2.26
C LEU A 70 -2.24 -9.38 -3.43
N ASP A 71 -1.65 -8.48 -4.21
CA ASP A 71 -0.84 -8.89 -5.34
C ASP A 71 0.17 -7.80 -5.71
N PHE A 72 1.10 -7.54 -4.80
CA PHE A 72 2.13 -6.53 -5.02
C PHE A 72 3.05 -6.92 -6.18
N LYS A 73 3.11 -6.06 -7.19
CA LYS A 73 3.94 -6.32 -8.36
C LYS A 73 5.03 -5.26 -8.49
N HIS A 74 6.27 -5.70 -8.62
CA HIS A 74 7.40 -4.78 -8.77
C HIS A 74 8.01 -4.87 -10.17
N TYR A 75 7.73 -3.86 -10.99
CA TYR A 75 8.24 -3.83 -12.35
C TYR A 75 9.76 -4.06 -12.37
N PRO A 76 10.27 -4.48 -13.53
CA PRO A 76 11.70 -4.73 -13.72
C PRO A 76 12.53 -3.46 -13.69
N GLU A 77 12.09 -2.46 -14.46
CA GLU A 77 12.80 -1.18 -14.52
C GLU A 77 11.84 -0.04 -14.82
N LYS A 78 10.71 -0.03 -14.11
CA LYS A 78 9.70 1.01 -14.30
C LYS A 78 9.77 2.03 -13.17
N GLY A 79 10.05 1.56 -11.96
CA GLY A 79 10.14 2.45 -10.82
C GLY A 79 8.78 2.91 -10.34
N CYS A 80 7.94 1.96 -9.94
CA CYS A 80 6.60 2.28 -9.46
C CYS A 80 5.90 1.03 -8.95
N CYS A 81 5.67 0.98 -7.64
CA CYS A 81 5.00 -0.16 -7.02
C CYS A 81 3.50 -0.10 -7.24
N PHE A 82 2.90 -1.26 -7.47
CA PHE A 82 1.45 -1.35 -7.70
C PHE A 82 0.82 -2.41 -6.81
N ILE A 83 0.34 -1.99 -5.65
CA ILE A 83 -0.29 -2.91 -4.70
C ILE A 83 -1.80 -2.68 -4.65
N LYS A 84 -2.55 -3.61 -5.21
CA LYS A 84 -4.01 -3.52 -5.23
C LYS A 84 -4.59 -4.04 -3.91
N TYR A 85 -4.47 -3.25 -2.85
CA TYR A 85 -4.99 -3.62 -1.55
C TYR A 85 -6.45 -4.07 -1.65
N ASP A 86 -6.95 -4.64 -0.57
CA ASP A 86 -8.33 -5.11 -0.52
C ASP A 86 -9.31 -3.94 -0.67
N THR A 87 -9.16 -2.94 0.19
CA THR A 87 -10.02 -1.77 0.16
C THR A 87 -9.27 -0.55 -0.36
N HIS A 88 -10.02 0.51 -0.67
CA HIS A 88 -9.42 1.74 -1.18
C HIS A 88 -8.57 2.41 -0.10
N GLU A 89 -9.17 2.64 1.06
CA GLU A 89 -8.46 3.28 2.16
C GLU A 89 -7.14 2.57 2.45
N GLN A 90 -7.15 1.25 2.31
CA GLN A 90 -5.96 0.45 2.56
C GLN A 90 -4.76 1.01 1.80
N ALA A 91 -4.73 0.78 0.49
CA ALA A 91 -3.65 1.26 -0.35
C ALA A 91 -3.41 2.75 -0.14
N ALA A 92 -4.49 3.50 0.00
CA ALA A 92 -4.40 4.94 0.21
C ALA A 92 -3.50 5.27 1.40
N VAL A 93 -3.47 4.37 2.38
CA VAL A 93 -2.65 4.57 3.57
C VAL A 93 -1.17 4.47 3.23
N CYS A 94 -0.85 3.79 2.13
CA CYS A 94 0.53 3.63 1.69
C CYS A 94 1.08 4.94 1.16
N ILE A 95 0.21 5.76 0.58
CA ILE A 95 0.61 7.05 0.02
C ILE A 95 1.02 8.02 1.12
N VAL A 96 0.35 7.93 2.27
CA VAL A 96 0.65 8.80 3.40
C VAL A 96 1.59 8.12 4.38
N ALA A 97 1.70 6.80 4.27
CA ALA A 97 2.58 6.03 5.15
C ALA A 97 4.04 6.27 4.83
N LEU A 98 4.34 6.46 3.54
CA LEU A 98 5.70 6.70 3.10
C LEU A 98 5.88 8.15 2.62
N ALA A 99 5.16 8.50 1.56
CA ALA A 99 5.22 9.85 1.01
C ALA A 99 6.65 10.37 1.03
N ASN A 100 7.51 9.81 0.18
CA ASN A 100 8.90 10.22 0.10
C ASN A 100 9.64 9.91 1.40
N PHE A 101 9.72 8.62 1.72
CA PHE A 101 10.40 8.17 2.93
C PHE A 101 11.85 7.83 2.65
N PRO A 102 12.73 8.08 3.63
CA PRO A 102 14.17 7.81 3.50
C PRO A 102 14.47 6.31 3.50
N PHE A 103 14.66 5.76 2.31
CA PHE A 103 14.96 4.34 2.16
C PHE A 103 16.46 4.10 2.10
N GLN A 104 17.13 4.25 3.23
CA GLN A 104 18.57 4.05 3.32
C GLN A 104 19.31 5.15 2.55
N GLY A 105 18.72 6.34 2.53
CA GLY A 105 19.34 7.45 1.82
C GLY A 105 18.44 8.04 0.75
N ARG A 106 18.09 7.22 -0.23
CA ARG A 106 17.23 7.66 -1.32
C ARG A 106 15.76 7.65 -0.89
N ASN A 107 14.98 8.58 -1.42
CA ASN A 107 13.57 8.67 -1.10
C ASN A 107 12.71 8.06 -2.21
N LEU A 108 11.41 7.99 -1.97
CA LEU A 108 10.48 7.43 -2.94
C LEU A 108 9.34 8.40 -3.24
N ARG A 109 8.27 7.88 -3.83
CA ARG A 109 7.11 8.71 -4.16
C ARG A 109 5.81 7.99 -3.79
N THR A 110 4.69 8.65 -4.05
CA THR A 110 3.39 8.09 -3.74
C THR A 110 2.32 8.61 -4.69
N GLY A 111 1.11 8.05 -4.59
CA GLY A 111 0.02 8.48 -5.45
C GLY A 111 -1.00 7.39 -5.68
N TRP A 112 -1.82 7.55 -6.71
CA TRP A 112 -2.85 6.57 -7.03
C TRP A 112 -2.56 5.89 -8.37
N GLY A 113 -2.94 4.63 -8.48
CA GLY A 113 -2.71 3.88 -9.70
C GLY A 113 -3.94 3.83 -10.58
N LYS A 114 -3.84 3.10 -11.70
CA LYS A 114 -4.95 2.96 -12.62
C LYS A 114 -4.78 1.73 -13.52
N GLU A 115 -5.75 1.49 -14.39
CA GLU A 115 -5.69 0.34 -15.28
C GLU A 115 -5.63 -0.96 -14.50
N ARG A 116 -6.80 -1.56 -14.25
CA ARG A 116 -6.87 -2.80 -13.51
C ARG A 116 -6.20 -3.94 -14.27
N GLY A 1 0.54 -10.31 14.64
CA GLY A 1 -0.75 -10.79 15.10
C GLY A 1 -1.14 -12.09 14.44
N SER A 2 -1.06 -12.13 13.12
CA SER A 2 -1.42 -13.34 12.36
C SER A 2 -0.20 -13.89 11.62
N GLY A 3 0.63 -12.99 11.11
CA GLY A 3 1.81 -13.42 10.38
C GLY A 3 2.35 -12.34 9.46
N TYR A 4 3.58 -12.52 9.00
CA TYR A 4 4.20 -11.55 8.10
C TYR A 4 5.25 -12.21 7.22
N THR A 5 4.86 -13.27 6.54
CA THR A 5 5.75 -14.00 5.65
C THR A 5 5.52 -13.65 4.19
N ASN A 6 4.25 -13.65 3.80
CA ASN A 6 3.87 -13.33 2.42
C ASN A 6 2.61 -12.49 2.38
N TYR A 7 2.08 -12.28 1.18
CA TYR A 7 0.87 -11.49 1.00
C TYR A 7 -0.36 -12.31 1.39
N ASN A 8 -0.68 -13.32 0.58
CA ASN A 8 -1.83 -14.17 0.82
C ASN A 8 -3.13 -13.37 0.74
N ASN A 9 -4.24 -14.07 0.49
CA ASN A 9 -5.54 -13.42 0.39
C ASN A 9 -6.62 -14.46 0.09
N GLY A 10 -7.57 -14.59 1.03
CA GLY A 10 -8.65 -15.54 0.85
C GLY A 10 -9.77 -15.34 1.86
N SER A 11 -9.57 -15.90 3.06
CA SER A 11 -10.58 -15.79 4.11
C SER A 11 -10.08 -14.87 5.23
N ASN A 12 -9.91 -13.59 4.90
CA ASN A 12 -9.45 -12.61 5.87
C ASN A 12 -10.30 -11.35 5.82
N TYR A 13 -11.60 -11.52 5.61
CA TYR A 13 -12.52 -10.39 5.54
C TYR A 13 -12.06 -9.39 4.48
N THR A 14 -12.28 -9.73 3.21
CA THR A 14 -11.88 -8.85 2.11
C THR A 14 -12.64 -7.54 2.16
N GLN A 15 -13.96 -7.60 1.98
CA GLN A 15 -14.80 -6.41 2.01
C GLN A 15 -16.11 -6.69 2.73
N LYS A 16 -16.01 -7.14 3.98
CA LYS A 16 -17.19 -7.44 4.78
C LYS A 16 -16.87 -7.39 6.27
N LYS A 17 -16.18 -6.32 6.68
CA LYS A 17 -15.80 -6.15 8.08
C LYS A 17 -16.44 -4.89 8.65
N GLN A 18 -16.07 -4.55 9.88
CA GLN A 18 -16.59 -3.37 10.55
C GLN A 18 -15.70 -2.94 11.71
N THR A 19 -14.41 -2.77 11.41
CA THR A 19 -13.45 -2.36 12.44
C THR A 19 -12.48 -1.32 11.89
N ILE A 20 -12.08 -0.39 12.75
CA ILE A 20 -11.16 0.66 12.34
C ILE A 20 -10.32 1.13 13.53
N GLY A 21 -9.77 0.17 14.27
CA GLY A 21 -8.95 0.51 15.42
C GLY A 21 -7.48 0.15 15.22
N LEU A 22 -6.93 0.54 14.07
CA LEU A 22 -5.55 0.25 13.76
C LEU A 22 -4.60 1.02 14.68
N PRO A 23 -3.35 0.55 14.79
CA PRO A 23 -2.34 1.18 15.63
C PRO A 23 -1.88 2.53 15.07
N PRO A 24 -1.14 3.29 15.89
CA PRO A 24 -0.64 4.61 15.50
C PRO A 24 0.48 4.50 14.45
N GLN A 25 0.10 4.69 13.19
CA GLN A 25 1.06 4.62 12.10
C GLN A 25 0.82 5.73 11.08
N VAL A 26 -0.34 5.65 10.40
CA VAL A 26 -0.69 6.66 9.40
C VAL A 26 -1.76 7.60 9.93
N ASN A 27 -1.86 8.77 9.32
CA ASN A 27 -2.84 9.78 9.72
C ASN A 27 -4.25 9.37 9.28
N PRO A 28 -5.19 9.37 10.24
CA PRO A 28 -6.59 9.01 9.97
C PRO A 28 -7.30 10.05 9.12
N GLN A 29 -7.06 11.32 9.43
CA GLN A 29 -7.68 12.41 8.70
C GLN A 29 -6.78 12.91 7.57
N ALA A 30 -6.03 11.99 6.98
CA ALA A 30 -5.12 12.33 5.89
C ALA A 30 -5.40 11.46 4.67
N VAL A 31 -5.80 10.22 4.90
CA VAL A 31 -6.10 9.29 3.82
C VAL A 31 -7.34 9.73 3.04
N ASP A 32 -8.30 10.32 3.76
CA ASP A 32 -9.54 10.78 3.15
C ASP A 32 -9.25 11.63 1.91
N HIS A 33 -8.37 12.61 2.07
CA HIS A 33 -8.01 13.49 0.97
C HIS A 33 -7.55 12.69 -0.25
N ILE A 34 -6.91 11.56 0.01
CA ILE A 34 -6.42 10.70 -1.06
C ILE A 34 -7.57 9.91 -1.71
N ILE A 35 -8.54 9.52 -0.89
CA ILE A 35 -9.69 8.77 -1.39
C ILE A 35 -10.48 9.58 -2.41
N ARG A 36 -10.54 10.90 -2.19
CA ARG A 36 -11.26 11.79 -3.09
C ARG A 36 -10.59 11.84 -4.46
N SER A 37 -9.27 11.73 -4.47
CA SER A 37 -8.51 11.76 -5.72
C SER A 37 -9.07 10.76 -6.72
N ALA A 38 -8.79 9.48 -6.50
CA ALA A 38 -9.26 8.43 -7.38
C ALA A 38 -10.59 7.85 -6.88
N PRO A 39 -11.31 7.16 -7.78
CA PRO A 39 -12.60 6.54 -7.46
C PRO A 39 -12.46 5.36 -6.51
N PRO A 40 -13.59 4.88 -5.98
CA PRO A 40 -13.63 3.74 -5.05
C PRO A 40 -13.27 2.43 -5.74
N ARG A 41 -13.29 2.43 -7.07
CA ARG A 41 -12.96 1.24 -7.84
C ARG A 41 -11.47 0.95 -7.80
N VAL A 42 -10.68 1.88 -8.31
CA VAL A 42 -9.23 1.73 -8.34
C VAL A 42 -8.67 1.53 -6.92
N THR A 43 -7.96 0.43 -6.72
CA THR A 43 -7.38 0.12 -5.43
C THR A 43 -5.86 0.04 -5.51
N THR A 44 -5.35 -0.33 -6.69
CA THR A 44 -3.92 -0.45 -6.90
C THR A 44 -3.18 0.79 -6.40
N ALA A 45 -2.42 0.63 -5.33
CA ALA A 45 -1.66 1.73 -4.75
C ALA A 45 -0.55 2.18 -5.69
N TYR A 46 0.37 2.98 -5.16
CA TYR A 46 1.50 3.48 -5.95
C TYR A 46 2.72 3.69 -5.09
N ILE A 47 3.83 3.07 -5.49
CA ILE A 47 5.09 3.19 -4.75
C ILE A 47 6.27 3.33 -5.70
N GLY A 48 6.37 4.47 -6.36
CA GLY A 48 7.46 4.71 -7.28
C GLY A 48 8.70 5.25 -6.60
N ASN A 49 9.68 5.67 -7.39
CA ASN A 49 10.92 6.21 -6.85
C ASN A 49 11.63 5.18 -5.97
N ILE A 50 11.52 3.91 -6.36
CA ILE A 50 12.15 2.83 -5.62
C ILE A 50 13.60 2.62 -6.06
N PRO A 51 14.50 2.48 -5.08
CA PRO A 51 15.94 2.27 -5.36
C PRO A 51 16.22 0.90 -5.94
N HIS A 52 17.30 0.80 -6.72
CA HIS A 52 17.68 -0.46 -7.34
C HIS A 52 17.74 -1.59 -6.31
N PHE A 53 18.54 -1.39 -5.27
CA PHE A 53 18.68 -2.39 -4.21
C PHE A 53 17.48 -2.36 -3.28
N ALA A 54 16.29 -2.63 -3.84
CA ALA A 54 15.07 -2.64 -3.06
C ALA A 54 14.43 -4.03 -3.08
N THR A 55 14.75 -4.84 -2.07
CA THR A 55 14.22 -6.19 -1.97
C THR A 55 12.78 -6.17 -1.46
N GLU A 56 11.97 -7.11 -1.94
CA GLU A 56 10.58 -7.20 -1.52
C GLU A 56 10.47 -7.66 -0.08
N ALA A 57 11.43 -8.46 0.37
CA ALA A 57 11.44 -8.97 1.73
C ALA A 57 11.26 -7.84 2.73
N ASP A 58 11.70 -6.64 2.36
CA ASP A 58 11.57 -5.47 3.23
C ASP A 58 10.33 -4.66 2.88
N LEU A 59 9.89 -4.76 1.62
CA LEU A 59 8.72 -4.03 1.16
C LEU A 59 7.45 -4.60 1.80
N ILE A 60 7.33 -5.91 1.80
CA ILE A 60 6.17 -6.58 2.38
C ILE A 60 5.90 -6.08 3.79
N PRO A 61 6.90 -6.22 4.68
CA PRO A 61 6.80 -5.79 6.07
C PRO A 61 6.77 -4.27 6.21
N LEU A 62 6.92 -3.57 5.07
CA LEU A 62 6.92 -2.12 5.07
C LEU A 62 5.56 -1.58 4.63
N PHE A 63 4.87 -2.34 3.79
CA PHE A 63 3.56 -1.95 3.29
C PHE A 63 2.45 -2.70 4.03
N GLN A 64 2.62 -4.02 4.16
CA GLN A 64 1.65 -4.85 4.84
C GLN A 64 1.31 -4.29 6.22
N ASN A 65 2.25 -3.53 6.79
CA ASN A 65 2.06 -2.94 8.10
C ASN A 65 0.95 -1.89 8.07
N PHE A 66 0.83 -1.19 6.94
CA PHE A 66 -0.18 -0.16 6.78
C PHE A 66 -1.58 -0.76 6.80
N GLY A 67 -1.77 -1.83 6.03
CA GLY A 67 -3.07 -2.48 5.97
C GLY A 67 -2.97 -3.94 5.59
N PHE A 68 -3.45 -4.28 4.40
CA PHE A 68 -3.41 -5.65 3.91
C PHE A 68 -3.02 -5.69 2.44
N ILE A 69 -1.97 -6.44 2.14
CA ILE A 69 -1.49 -6.57 0.76
C ILE A 69 -2.16 -7.74 0.06
N LEU A 70 -2.77 -7.47 -1.10
CA LEU A 70 -3.43 -8.49 -1.88
C LEU A 70 -2.54 -9.02 -2.99
N ASP A 71 -2.25 -8.16 -3.97
CA ASP A 71 -1.40 -8.54 -5.09
C ASP A 71 -0.26 -7.53 -5.27
N PHE A 72 0.87 -7.80 -4.64
CA PHE A 72 2.03 -6.92 -4.73
C PHE A 72 2.87 -7.26 -5.95
N LYS A 73 3.65 -6.28 -6.41
CA LYS A 73 4.52 -6.48 -7.57
C LYS A 73 5.57 -5.37 -7.66
N HIS A 74 6.80 -5.70 -7.27
CA HIS A 74 7.89 -4.73 -7.31
C HIS A 74 7.97 -4.06 -8.68
N TYR A 75 7.70 -4.83 -9.72
CA TYR A 75 7.74 -4.31 -11.09
C TYR A 75 9.06 -3.60 -11.35
N PRO A 76 10.11 -4.39 -11.63
CA PRO A 76 11.45 -3.86 -11.91
C PRO A 76 11.52 -3.13 -13.25
N GLU A 77 10.72 -3.59 -14.21
CA GLU A 77 10.69 -3.00 -15.54
C GLU A 77 10.17 -1.57 -15.48
N LYS A 78 9.22 -1.32 -14.58
CA LYS A 78 8.63 0.00 -14.41
C LYS A 78 9.40 0.81 -13.39
N GLY A 79 9.31 0.40 -12.12
CA GLY A 79 10.01 1.10 -11.06
C GLY A 79 9.17 1.24 -9.81
N CYS A 80 7.86 1.38 -9.99
CA CYS A 80 6.95 1.52 -8.86
C CYS A 80 6.27 0.19 -8.54
N CYS A 81 6.02 -0.04 -7.25
CA CYS A 81 5.38 -1.27 -6.81
C CYS A 81 3.87 -1.10 -6.70
N PHE A 82 3.13 -1.98 -7.38
CA PHE A 82 1.67 -1.92 -7.37
C PHE A 82 1.10 -2.79 -6.25
N ILE A 83 0.07 -2.30 -5.58
CA ILE A 83 -0.57 -3.04 -4.50
C ILE A 83 -2.08 -2.81 -4.50
N LYS A 84 -2.81 -3.77 -5.05
CA LYS A 84 -4.27 -3.69 -5.11
C LYS A 84 -4.90 -4.19 -3.81
N TYR A 85 -4.95 -3.32 -2.80
CA TYR A 85 -5.51 -3.68 -1.51
C TYR A 85 -6.93 -4.22 -1.67
N ASP A 86 -7.53 -4.62 -0.56
CA ASP A 86 -8.89 -5.15 -0.58
C ASP A 86 -9.91 -4.06 -0.94
N THR A 87 -9.85 -2.95 -0.21
CA THR A 87 -10.75 -1.84 -0.44
C THR A 87 -9.99 -0.59 -0.87
N HIS A 88 -10.70 0.36 -1.48
CA HIS A 88 -10.08 1.61 -1.93
C HIS A 88 -9.65 2.46 -0.75
N GLU A 89 -10.26 2.23 0.40
CA GLU A 89 -9.94 2.99 1.61
C GLU A 89 -8.80 2.32 2.38
N GLN A 90 -8.06 1.47 1.69
CA GLN A 90 -6.94 0.75 2.30
C GLN A 90 -5.61 1.18 1.69
N ALA A 91 -5.45 0.89 0.40
CA ALA A 91 -4.23 1.24 -0.32
C ALA A 91 -3.91 2.73 -0.16
N ALA A 92 -4.93 3.56 -0.27
CA ALA A 92 -4.75 5.00 -0.14
C ALA A 92 -3.97 5.35 1.12
N VAL A 93 -4.25 4.63 2.20
CA VAL A 93 -3.56 4.87 3.47
C VAL A 93 -2.05 4.86 3.28
N CYS A 94 -1.57 4.04 2.36
CA CYS A 94 -0.14 3.94 2.08
C CYS A 94 0.37 5.22 1.43
N ILE A 95 -0.44 5.80 0.55
CA ILE A 95 -0.07 7.02 -0.16
C ILE A 95 0.28 8.13 0.83
N VAL A 96 -0.32 8.07 2.02
CA VAL A 96 -0.08 9.07 3.05
C VAL A 96 0.72 8.48 4.20
N ALA A 97 1.01 7.18 4.12
CA ALA A 97 1.78 6.50 5.15
C ALA A 97 3.28 6.69 4.94
N LEU A 98 3.68 6.75 3.68
CA LEU A 98 5.09 6.93 3.34
C LEU A 98 5.31 8.25 2.60
N ALA A 99 4.77 8.34 1.39
CA ALA A 99 4.91 9.54 0.58
C ALA A 99 6.32 10.10 0.64
N ASN A 100 7.20 9.53 -0.19
CA ASN A 100 8.60 9.96 -0.23
C ASN A 100 9.29 9.66 1.10
N PHE A 101 9.43 8.38 1.41
CA PHE A 101 10.08 7.97 2.65
C PHE A 101 11.46 7.38 2.36
N PRO A 102 12.39 7.57 3.32
CA PRO A 102 13.76 7.07 3.21
C PRO A 102 13.84 5.54 3.29
N PHE A 103 13.87 4.90 2.13
CA PHE A 103 13.94 3.44 2.08
C PHE A 103 15.38 2.96 2.00
N GLN A 104 16.20 3.70 1.25
CA GLN A 104 17.61 3.35 1.09
C GLN A 104 18.45 4.60 0.87
N GLY A 105 18.07 5.69 1.53
CA GLY A 105 18.80 6.94 1.39
C GLY A 105 18.01 7.99 0.64
N ARG A 106 17.19 7.55 -0.31
CA ARG A 106 16.38 8.46 -1.10
C ARG A 106 14.90 8.32 -0.77
N ASN A 107 14.10 9.31 -1.17
CA ASN A 107 12.66 9.28 -0.92
C ASN A 107 11.92 8.61 -2.06
N LEU A 108 10.87 7.87 -1.72
CA LEU A 108 10.06 7.17 -2.72
C LEU A 108 9.00 8.10 -3.29
N ARG A 109 7.96 7.50 -3.87
CA ARG A 109 6.86 8.26 -4.45
C ARG A 109 5.54 7.52 -4.31
N THR A 110 4.48 8.25 -3.94
CA THR A 110 3.16 7.65 -3.76
C THR A 110 2.20 8.12 -4.85
N GLY A 111 0.95 7.68 -4.76
CA GLY A 111 -0.04 8.06 -5.74
C GLY A 111 -1.05 6.96 -6.02
N TRP A 112 -1.78 7.10 -7.11
CA TRP A 112 -2.79 6.10 -7.49
C TRP A 112 -2.39 5.40 -8.79
N GLY A 113 -2.45 4.08 -8.79
CA GLY A 113 -2.11 3.31 -9.96
C GLY A 113 -3.33 2.81 -10.71
N LYS A 114 -4.04 3.72 -11.36
CA LYS A 114 -5.24 3.37 -12.11
C LYS A 114 -4.88 2.96 -13.54
N GLU A 115 -5.07 1.68 -13.85
CA GLU A 115 -4.76 1.16 -15.18
C GLU A 115 -5.86 0.21 -15.65
N ARG A 116 -6.49 0.55 -16.77
CA ARG A 116 -7.56 -0.27 -17.32
C ARG A 116 -7.07 -1.70 -17.57
N GLY A 1 5.44 -8.99 13.10
CA GLY A 1 5.53 -10.33 13.67
C GLY A 1 5.30 -11.42 12.63
N SER A 2 4.06 -11.90 12.54
CA SER A 2 3.72 -12.94 11.59
C SER A 2 4.13 -12.54 10.17
N GLY A 3 5.09 -13.27 9.62
CA GLY A 3 5.56 -12.98 8.27
C GLY A 3 4.79 -13.75 7.21
N TYR A 4 4.56 -13.12 6.07
CA TYR A 4 3.83 -13.75 4.99
C TYR A 4 2.43 -14.18 5.43
N THR A 5 1.68 -13.23 5.97
CA THR A 5 0.33 -13.52 6.44
C THR A 5 -0.72 -12.94 5.49
N ASN A 6 -0.86 -11.62 5.51
CA ASN A 6 -1.82 -10.95 4.65
C ASN A 6 -1.20 -10.56 3.31
N TYR A 7 -0.88 -11.56 2.50
CA TYR A 7 -0.27 -11.32 1.19
C TYR A 7 -1.14 -11.87 0.08
N ASN A 8 -1.56 -13.13 0.22
CA ASN A 8 -2.39 -13.77 -0.78
C ASN A 8 -3.81 -13.96 -0.27
N ASN A 9 -4.77 -13.33 -0.93
CA ASN A 9 -6.17 -13.43 -0.54
C ASN A 9 -6.67 -14.86 -0.68
N GLY A 10 -7.16 -15.43 0.42
CA GLY A 10 -7.66 -16.79 0.40
C GLY A 10 -8.62 -17.07 1.54
N SER A 11 -9.56 -16.16 1.77
CA SER A 11 -10.54 -16.31 2.84
C SER A 11 -9.84 -16.44 4.19
N ASN A 12 -9.05 -15.43 4.54
CA ASN A 12 -8.32 -15.44 5.81
C ASN A 12 -8.87 -14.36 6.75
N TYR A 13 -10.19 -14.27 6.83
CA TYR A 13 -10.84 -13.29 7.69
C TYR A 13 -10.37 -11.88 7.35
N THR A 14 -11.10 -11.22 6.46
CA THR A 14 -10.76 -9.86 6.05
C THR A 14 -10.70 -8.92 7.25
N GLN A 15 -10.12 -7.74 7.04
CA GLN A 15 -10.01 -6.76 8.11
C GLN A 15 -11.35 -6.09 8.39
N LYS A 16 -11.91 -6.38 9.57
CA LYS A 16 -13.19 -5.81 9.96
C LYS A 16 -13.52 -6.15 11.41
N LYS A 17 -12.55 -5.94 12.30
CA LYS A 17 -12.73 -6.22 13.71
C LYS A 17 -11.85 -5.31 14.56
N GLN A 18 -12.49 -4.34 15.23
CA GLN A 18 -11.77 -3.40 16.08
C GLN A 18 -12.73 -2.47 16.80
N THR A 19 -12.19 -1.60 17.65
CA THR A 19 -13.01 -0.66 18.41
C THR A 19 -12.90 0.75 17.83
N ILE A 20 -12.80 0.83 16.51
CA ILE A 20 -12.70 2.12 15.83
C ILE A 20 -13.07 1.99 14.36
N GLY A 21 -12.17 1.43 13.57
CA GLY A 21 -12.42 1.26 12.15
C GLY A 21 -11.33 1.86 11.29
N LEU A 22 -10.08 1.70 11.72
CA LEU A 22 -8.93 2.24 10.99
C LEU A 22 -7.64 1.56 11.43
N PRO A 23 -6.61 1.63 10.57
CA PRO A 23 -5.30 1.04 10.85
C PRO A 23 -4.56 1.78 11.96
N PRO A 24 -3.48 1.17 12.45
CA PRO A 24 -2.65 1.75 13.52
C PRO A 24 -1.86 2.97 13.05
N GLN A 25 -1.20 2.83 11.90
CA GLN A 25 -0.42 3.93 11.33
C GLN A 25 -1.25 4.76 10.37
N VAL A 26 -0.66 5.85 9.87
CA VAL A 26 -1.35 6.73 8.94
C VAL A 26 -2.57 7.37 9.60
N ASN A 27 -3.00 8.49 9.03
CA ASN A 27 -4.16 9.22 9.56
C ASN A 27 -5.45 8.74 8.89
N PRO A 28 -6.57 8.87 9.62
CA PRO A 28 -7.88 8.45 9.13
C PRO A 28 -8.39 9.36 8.01
N GLN A 29 -8.22 10.67 8.19
CA GLN A 29 -8.66 11.65 7.20
C GLN A 29 -7.60 11.85 6.13
N ALA A 30 -6.34 11.69 6.51
CA ALA A 30 -5.22 11.85 5.58
C ALA A 30 -5.46 11.05 4.32
N VAL A 31 -6.10 9.90 4.44
CA VAL A 31 -6.39 9.04 3.30
C VAL A 31 -7.63 9.52 2.55
N ASP A 32 -8.59 10.07 3.29
CA ASP A 32 -9.82 10.56 2.69
C ASP A 32 -9.51 11.52 1.54
N HIS A 33 -8.59 12.44 1.76
CA HIS A 33 -8.20 13.40 0.74
C HIS A 33 -7.70 12.71 -0.51
N ILE A 34 -7.05 11.56 -0.32
CA ILE A 34 -6.52 10.79 -1.45
C ILE A 34 -7.63 10.09 -2.21
N ILE A 35 -8.65 9.64 -1.49
CA ILE A 35 -9.79 8.95 -2.10
C ILE A 35 -10.45 9.83 -3.16
N ARG A 36 -10.46 11.14 -2.92
CA ARG A 36 -11.06 12.09 -3.85
C ARG A 36 -10.27 12.14 -5.14
N SER A 37 -8.95 12.00 -5.03
CA SER A 37 -8.07 12.05 -6.20
C SER A 37 -8.55 11.08 -7.28
N ALA A 38 -8.31 9.79 -7.05
CA ALA A 38 -8.72 8.76 -8.00
C ALA A 38 -10.06 8.17 -7.62
N PRO A 39 -10.72 7.50 -8.58
CA PRO A 39 -12.03 6.88 -8.37
C PRO A 39 -11.94 5.65 -7.48
N PRO A 40 -13.10 5.16 -7.03
CA PRO A 40 -13.18 3.99 -6.15
C PRO A 40 -12.80 2.70 -6.87
N ARG A 41 -13.10 2.64 -8.16
CA ARG A 41 -12.79 1.47 -8.96
C ARG A 41 -11.29 1.17 -8.94
N VAL A 42 -10.49 2.23 -8.89
CA VAL A 42 -9.03 2.08 -8.87
C VAL A 42 -8.55 1.70 -7.48
N THR A 43 -7.95 0.51 -7.38
CA THR A 43 -7.44 0.02 -6.11
C THR A 43 -5.93 -0.20 -6.17
N THR A 44 -5.41 -0.36 -7.38
CA THR A 44 -3.98 -0.58 -7.58
C THR A 44 -3.18 0.61 -7.08
N ALA A 45 -2.48 0.44 -5.96
CA ALA A 45 -1.67 1.49 -5.38
C ALA A 45 -0.57 1.93 -6.35
N TYR A 46 0.36 2.73 -5.86
CA TYR A 46 1.47 3.22 -6.67
C TYR A 46 2.58 3.81 -5.81
N ILE A 47 3.73 3.17 -5.83
CA ILE A 47 4.88 3.64 -5.05
C ILE A 47 6.15 3.66 -5.89
N GLY A 48 6.36 4.76 -6.60
CA GLY A 48 7.54 4.89 -7.44
C GLY A 48 8.76 5.31 -6.65
N ASN A 49 9.80 5.76 -7.36
CA ASN A 49 11.03 6.20 -6.71
C ASN A 49 11.62 5.09 -5.85
N ILE A 50 11.44 3.85 -6.29
CA ILE A 50 11.95 2.70 -5.55
C ILE A 50 13.39 2.39 -5.95
N PRO A 51 14.25 2.17 -4.94
CA PRO A 51 15.67 1.86 -5.16
C PRO A 51 15.87 0.48 -5.77
N HIS A 52 16.62 0.42 -6.85
CA HIS A 52 16.90 -0.85 -7.53
C HIS A 52 17.40 -1.88 -6.55
N PHE A 53 18.16 -1.44 -5.55
CA PHE A 53 18.71 -2.34 -4.54
C PHE A 53 17.69 -2.60 -3.44
N ALA A 54 16.50 -3.04 -3.83
CA ALA A 54 15.44 -3.32 -2.86
C ALA A 54 15.09 -4.81 -2.86
N THR A 55 14.12 -5.18 -2.03
CA THR A 55 13.69 -6.57 -1.93
C THR A 55 12.23 -6.65 -1.53
N GLU A 56 11.46 -7.46 -2.27
CA GLU A 56 10.04 -7.63 -1.99
C GLU A 56 9.81 -8.02 -0.53
N ALA A 57 10.71 -8.85 0.00
CA ALA A 57 10.61 -9.29 1.39
C ALA A 57 10.48 -8.10 2.34
N ASP A 58 11.29 -7.08 2.11
CA ASP A 58 11.27 -5.88 2.95
C ASP A 58 10.06 -5.01 2.60
N LEU A 59 9.44 -5.29 1.46
CA LEU A 59 8.28 -4.53 1.02
C LEU A 59 7.00 -5.06 1.65
N ILE A 60 6.98 -6.35 1.95
CA ILE A 60 5.82 -6.98 2.56
C ILE A 60 5.40 -6.22 3.82
N PRO A 61 6.36 -5.99 4.73
CA PRO A 61 6.11 -5.27 5.98
C PRO A 61 5.81 -3.79 5.75
N LEU A 62 6.29 -3.26 4.64
CA LEU A 62 6.08 -1.85 4.30
C LEU A 62 4.81 -1.68 3.48
N PHE A 63 3.95 -2.69 3.49
CA PHE A 63 2.71 -2.65 2.74
C PHE A 63 1.59 -3.36 3.50
N GLN A 64 1.79 -4.64 3.77
CA GLN A 64 0.80 -5.43 4.49
C GLN A 64 0.36 -4.72 5.78
N ASN A 65 1.29 -4.01 6.40
CA ASN A 65 1.01 -3.29 7.63
C ASN A 65 -0.05 -2.23 7.40
N PHE A 66 -0.02 -1.60 6.22
CA PHE A 66 -0.98 -0.57 5.87
C PHE A 66 -2.40 -1.10 5.92
N GLY A 67 -2.76 -1.93 4.94
CA GLY A 67 -4.09 -2.50 4.89
C GLY A 67 -4.07 -3.99 4.64
N PHE A 68 -4.46 -4.40 3.44
CA PHE A 68 -4.49 -5.81 3.08
C PHE A 68 -3.96 -6.02 1.66
N ILE A 69 -3.01 -6.94 1.51
CA ILE A 69 -2.42 -7.23 0.22
C ILE A 69 -3.07 -8.46 -0.41
N LEU A 70 -3.46 -8.35 -1.68
CA LEU A 70 -4.09 -9.46 -2.38
C LEU A 70 -3.07 -10.20 -3.24
N ASP A 71 -2.43 -9.48 -4.16
CA ASP A 71 -1.42 -10.07 -5.03
C ASP A 71 -0.34 -9.05 -5.37
N PHE A 72 0.38 -8.60 -4.36
CA PHE A 72 1.44 -7.62 -4.56
C PHE A 72 2.39 -8.07 -5.67
N LYS A 73 2.81 -7.12 -6.50
CA LYS A 73 3.72 -7.41 -7.61
C LYS A 73 4.82 -6.36 -7.70
N HIS A 74 5.97 -6.65 -7.12
CA HIS A 74 7.09 -5.73 -7.15
C HIS A 74 7.60 -5.51 -8.57
N TYR A 75 7.48 -4.28 -9.06
CA TYR A 75 7.93 -3.95 -10.41
C TYR A 75 9.11 -3.00 -10.38
N PRO A 76 10.29 -3.53 -10.02
CA PRO A 76 11.53 -2.75 -9.95
C PRO A 76 12.02 -2.31 -11.33
N GLU A 77 11.78 -3.16 -12.33
CA GLU A 77 12.21 -2.86 -13.68
C GLU A 77 11.56 -1.57 -14.19
N LYS A 78 10.30 -1.38 -13.85
CA LYS A 78 9.56 -0.19 -14.27
C LYS A 78 9.95 1.01 -13.41
N GLY A 79 9.69 0.93 -12.11
CA GLY A 79 10.01 2.01 -11.21
C GLY A 79 8.88 2.35 -10.27
N CYS A 80 8.16 1.32 -9.82
CA CYS A 80 7.04 1.51 -8.90
C CYS A 80 6.40 0.18 -8.53
N CYS A 81 5.90 0.09 -7.32
CA CYS A 81 5.26 -1.13 -6.84
C CYS A 81 3.74 -1.04 -6.98
N PHE A 82 3.15 -2.04 -7.62
CA PHE A 82 1.71 -2.07 -7.82
C PHE A 82 1.04 -3.01 -6.81
N ILE A 83 -0.05 -2.54 -6.21
CA ILE A 83 -0.77 -3.34 -5.24
C ILE A 83 -2.28 -3.16 -5.39
N LYS A 84 -2.94 -4.17 -5.96
CA LYS A 84 -4.38 -4.13 -6.17
C LYS A 84 -5.12 -4.47 -4.88
N TYR A 85 -5.08 -3.55 -3.92
CA TYR A 85 -5.75 -3.76 -2.64
C TYR A 85 -7.21 -4.17 -2.84
N ASP A 86 -7.76 -4.86 -1.86
CA ASP A 86 -9.14 -5.32 -1.93
C ASP A 86 -10.10 -4.14 -1.89
N THR A 87 -9.75 -3.11 -1.11
CA THR A 87 -10.57 -1.93 -0.97
C THR A 87 -9.86 -0.69 -1.53
N HIS A 88 -10.65 0.25 -2.04
CA HIS A 88 -10.09 1.48 -2.60
C HIS A 88 -9.30 2.25 -1.54
N GLU A 89 -9.99 2.68 -0.49
CA GLU A 89 -9.35 3.43 0.57
C GLU A 89 -8.10 2.71 1.08
N GLN A 90 -8.14 1.39 1.05
CA GLN A 90 -7.02 0.58 1.50
C GLN A 90 -5.72 1.06 0.87
N ALA A 91 -5.60 0.89 -0.44
CA ALA A 91 -4.40 1.32 -1.16
C ALA A 91 -4.13 2.80 -0.94
N ALA A 92 -5.19 3.60 -0.99
CA ALA A 92 -5.07 5.04 -0.81
C ALA A 92 -4.29 5.37 0.46
N VAL A 93 -4.47 4.55 1.49
CA VAL A 93 -3.79 4.75 2.76
C VAL A 93 -2.28 4.72 2.58
N CYS A 94 -1.82 3.92 1.62
CA CYS A 94 -0.39 3.80 1.35
C CYS A 94 0.16 5.11 0.78
N ILE A 95 -0.59 5.72 -0.12
CA ILE A 95 -0.16 6.98 -0.74
C ILE A 95 0.13 8.04 0.32
N VAL A 96 -0.51 7.90 1.49
CA VAL A 96 -0.31 8.85 2.58
C VAL A 96 0.47 8.20 3.72
N ALA A 97 0.69 6.90 3.61
CA ALA A 97 1.43 6.17 4.63
C ALA A 97 2.94 6.31 4.44
N LEU A 98 3.36 6.39 3.18
CA LEU A 98 4.78 6.52 2.85
C LEU A 98 5.06 7.89 2.24
N ALA A 99 4.53 8.12 1.05
CA ALA A 99 4.73 9.39 0.36
C ALA A 99 6.15 9.90 0.54
N ASN A 100 7.09 9.33 -0.22
CA ASN A 100 8.48 9.74 -0.14
C ASN A 100 9.07 9.39 1.22
N PHE A 101 9.32 8.10 1.44
CA PHE A 101 9.87 7.63 2.71
C PHE A 101 11.23 6.97 2.50
N PRO A 102 12.12 7.09 3.49
CA PRO A 102 13.47 6.52 3.44
C PRO A 102 13.44 4.99 3.51
N PHE A 103 13.52 4.35 2.34
CA PHE A 103 13.52 2.90 2.28
C PHE A 103 14.94 2.33 2.32
N GLN A 104 15.87 3.05 1.68
CA GLN A 104 17.25 2.63 1.64
C GLN A 104 18.17 3.82 1.35
N GLY A 105 17.82 4.97 1.91
CA GLY A 105 18.63 6.17 1.70
C GLY A 105 17.82 7.31 1.12
N ARG A 106 17.27 7.10 -0.07
CA ARG A 106 16.48 8.12 -0.74
C ARG A 106 14.99 7.96 -0.42
N ASN A 107 14.19 8.92 -0.84
CA ASN A 107 12.76 8.89 -0.59
C ASN A 107 12.01 8.32 -1.79
N LEU A 108 10.84 7.74 -1.54
CA LEU A 108 10.03 7.16 -2.60
C LEU A 108 9.07 8.19 -3.19
N ARG A 109 8.00 7.71 -3.81
CA ARG A 109 7.00 8.60 -4.41
C ARG A 109 5.67 7.87 -4.59
N THR A 110 4.58 8.62 -4.52
CA THR A 110 3.24 8.06 -4.68
C THR A 110 2.38 8.93 -5.57
N GLY A 111 1.23 8.39 -5.98
CA GLY A 111 0.32 9.15 -6.84
C GLY A 111 -0.74 8.26 -7.47
N TRP A 112 -1.21 7.27 -6.72
CA TRP A 112 -2.23 6.35 -7.21
C TRP A 112 -1.72 5.57 -8.41
N GLY A 113 -2.31 4.40 -8.65
CA GLY A 113 -1.90 3.58 -9.77
C GLY A 113 -2.73 3.83 -11.01
N LYS A 114 -3.74 3.01 -11.22
CA LYS A 114 -4.61 3.15 -12.38
C LYS A 114 -5.12 4.58 -12.51
N GLU A 115 -4.94 5.16 -13.69
CA GLU A 115 -5.39 6.54 -13.95
C GLU A 115 -4.86 7.49 -12.87
N ARG A 116 -3.64 7.97 -13.06
CA ARG A 116 -3.02 8.88 -12.11
C ARG A 116 -3.60 10.30 -12.25
N GLY A 1 -6.49 -10.45 6.36
CA GLY A 1 -5.13 -10.86 6.66
C GLY A 1 -4.96 -12.36 6.72
N SER A 2 -4.66 -12.97 5.59
CA SER A 2 -4.47 -14.41 5.52
C SER A 2 -2.99 -14.78 5.59
N GLY A 3 -2.34 -14.43 6.69
CA GLY A 3 -0.94 -14.72 6.86
C GLY A 3 -0.05 -13.52 6.61
N TYR A 4 0.51 -12.96 7.67
CA TYR A 4 1.37 -11.79 7.56
C TYR A 4 2.79 -12.21 7.18
N THR A 5 3.06 -12.25 5.88
CA THR A 5 4.37 -12.63 5.38
C THR A 5 4.43 -12.55 3.86
N ASN A 6 3.32 -12.90 3.21
CA ASN A 6 3.24 -12.86 1.76
C ASN A 6 1.92 -12.25 1.29
N TYR A 7 1.65 -12.36 0.00
CA TYR A 7 0.43 -11.81 -0.57
C TYR A 7 -0.62 -12.91 -0.76
N ASN A 8 -1.86 -12.49 -0.99
CA ASN A 8 -2.96 -13.44 -1.18
C ASN A 8 -4.27 -12.70 -1.42
N ASN A 9 -5.12 -13.27 -2.28
CA ASN A 9 -6.41 -12.66 -2.59
C ASN A 9 -7.51 -13.26 -1.71
N GLY A 10 -7.97 -12.48 -0.73
CA GLY A 10 -9.01 -12.94 0.16
C GLY A 10 -10.31 -13.21 -0.56
N SER A 11 -10.85 -14.42 -0.38
CA SER A 11 -12.09 -14.80 -1.03
C SER A 11 -13.28 -14.10 -0.37
N ASN A 12 -13.21 -13.94 0.94
CA ASN A 12 -14.28 -13.29 1.69
C ASN A 12 -13.95 -11.83 1.93
N TYR A 13 -12.98 -11.58 2.79
CA TYR A 13 -12.57 -10.21 3.12
C TYR A 13 -11.38 -10.22 4.09
N THR A 14 -10.67 -9.10 4.14
CA THR A 14 -9.52 -8.97 5.03
C THR A 14 -9.89 -9.27 6.47
N GLN A 15 -11.05 -8.77 6.89
CA GLN A 15 -11.53 -8.99 8.25
C GLN A 15 -10.57 -8.38 9.27
N LYS A 16 -10.69 -7.07 9.48
CA LYS A 16 -9.84 -6.36 10.42
C LYS A 16 -10.64 -5.34 11.22
N LYS A 17 -11.41 -4.52 10.51
CA LYS A 17 -12.22 -3.49 11.15
C LYS A 17 -11.35 -2.40 11.75
N GLN A 18 -10.73 -2.70 12.89
CA GLN A 18 -9.86 -1.75 13.56
C GLN A 18 -10.62 -0.46 13.89
N THR A 19 -11.43 -0.50 14.95
CA THR A 19 -12.20 0.66 15.36
C THR A 19 -11.80 1.13 16.75
N ILE A 20 -11.45 0.18 17.61
CA ILE A 20 -11.05 0.49 18.97
C ILE A 20 -9.54 0.76 19.05
N GLY A 21 -9.18 1.87 19.70
CA GLY A 21 -7.78 2.23 19.84
C GLY A 21 -7.33 3.19 18.76
N LEU A 22 -6.23 3.88 19.03
CA LEU A 22 -5.69 4.84 18.07
C LEU A 22 -5.21 4.15 16.79
N PRO A 23 -5.08 4.92 15.71
CA PRO A 23 -4.64 4.40 14.41
C PRO A 23 -3.17 3.99 14.42
N PRO A 24 -2.75 3.27 13.37
CA PRO A 24 -1.37 2.79 13.23
C PRO A 24 -0.39 3.93 12.97
N GLN A 25 -0.80 4.87 12.13
CA GLN A 25 0.04 6.01 11.79
C GLN A 25 -0.75 7.04 10.97
N VAL A 26 -1.59 6.56 10.08
CA VAL A 26 -2.40 7.44 9.23
C VAL A 26 -3.74 7.73 9.89
N ASN A 27 -4.25 8.94 9.66
CA ASN A 27 -5.53 9.36 10.22
C ASN A 27 -6.61 9.39 9.15
N PRO A 28 -7.88 9.37 9.59
CA PRO A 28 -9.03 9.40 8.68
C PRO A 28 -9.19 10.75 7.99
N GLN A 29 -8.82 11.82 8.70
CA GLN A 29 -8.93 13.16 8.16
C GLN A 29 -7.94 13.37 7.02
N ALA A 30 -6.77 12.74 7.13
CA ALA A 30 -5.73 12.86 6.12
C ALA A 30 -5.82 11.72 5.11
N VAL A 31 -7.02 11.17 4.95
CA VAL A 31 -7.24 10.07 4.01
C VAL A 31 -8.43 10.35 3.11
N ASP A 32 -9.48 10.94 3.67
CA ASP A 32 -10.68 11.26 2.91
C ASP A 32 -10.33 12.10 1.67
N HIS A 33 -9.32 12.95 1.82
CA HIS A 33 -8.89 13.82 0.72
C HIS A 33 -8.30 12.99 -0.42
N ILE A 34 -7.63 11.89 -0.07
CA ILE A 34 -7.02 11.02 -1.05
C ILE A 34 -8.07 10.22 -1.80
N ILE A 35 -9.08 9.75 -1.07
CA ILE A 35 -10.15 8.96 -1.68
C ILE A 35 -10.89 9.77 -2.73
N ARG A 36 -10.97 11.08 -2.53
CA ARG A 36 -11.66 11.95 -3.47
C ARG A 36 -10.93 11.97 -4.82
N SER A 37 -9.61 11.84 -4.77
CA SER A 37 -8.80 11.85 -5.98
C SER A 37 -9.33 10.85 -7.00
N ALA A 38 -9.05 9.57 -6.76
CA ALA A 38 -9.51 8.51 -7.65
C ALA A 38 -10.77 7.85 -7.12
N PRO A 39 -11.48 7.14 -8.01
CA PRO A 39 -12.73 6.45 -7.65
C PRO A 39 -12.49 5.26 -6.73
N PRO A 40 -13.58 4.69 -6.19
CA PRO A 40 -13.51 3.53 -5.29
C PRO A 40 -13.09 2.26 -6.01
N ARG A 41 -13.30 2.23 -7.32
CA ARG A 41 -12.94 1.07 -8.13
C ARG A 41 -11.45 0.76 -8.02
N VAL A 42 -10.63 1.69 -8.49
CA VAL A 42 -9.18 1.53 -8.44
C VAL A 42 -8.71 1.27 -7.02
N THR A 43 -7.98 0.17 -6.82
CA THR A 43 -7.47 -0.20 -5.51
C THR A 43 -5.96 -0.34 -5.53
N THR A 44 -5.41 -0.53 -6.73
CA THR A 44 -3.96 -0.68 -6.88
C THR A 44 -3.23 0.59 -6.48
N ALA A 45 -2.43 0.49 -5.42
CA ALA A 45 -1.67 1.64 -4.93
C ALA A 45 -0.69 2.14 -5.99
N TYR A 46 0.23 3.00 -5.57
CA TYR A 46 1.23 3.56 -6.48
C TYR A 46 2.53 3.87 -5.75
N ILE A 47 3.59 3.16 -6.10
CA ILE A 47 4.88 3.37 -5.47
C ILE A 47 6.01 3.32 -6.50
N GLY A 48 6.01 4.29 -7.42
CA GLY A 48 7.03 4.34 -8.44
C GLY A 48 8.24 5.15 -8.01
N ASN A 49 9.12 4.52 -7.25
CA ASN A 49 10.33 5.19 -6.77
C ASN A 49 11.13 4.27 -5.85
N ILE A 50 11.11 2.98 -6.15
CA ILE A 50 11.83 2.00 -5.36
C ILE A 50 13.33 2.04 -5.66
N PRO A 51 14.14 2.07 -4.59
CA PRO A 51 15.60 2.11 -4.71
C PRO A 51 16.18 0.80 -5.24
N HIS A 52 17.30 0.90 -5.96
CA HIS A 52 17.95 -0.27 -6.53
C HIS A 52 18.17 -1.34 -5.46
N PHE A 53 18.36 -0.89 -4.22
CA PHE A 53 18.59 -1.81 -3.11
C PHE A 53 17.33 -1.95 -2.26
N ALA A 54 16.32 -2.59 -2.84
CA ALA A 54 15.05 -2.80 -2.14
C ALA A 54 14.45 -4.15 -2.49
N THR A 55 14.78 -5.17 -1.71
CA THR A 55 14.26 -6.51 -1.94
C THR A 55 12.77 -6.59 -1.65
N GLU A 56 12.06 -7.42 -2.43
CA GLU A 56 10.63 -7.58 -2.25
C GLU A 56 10.28 -7.94 -0.81
N ALA A 57 11.12 -8.79 -0.21
CA ALA A 57 10.91 -9.21 1.17
C ALA A 57 10.84 -8.02 2.11
N ASP A 58 11.40 -6.89 1.67
CA ASP A 58 11.42 -5.67 2.47
C ASP A 58 10.21 -4.79 2.13
N LEU A 59 9.60 -5.05 0.99
CA LEU A 59 8.43 -4.28 0.55
C LEU A 59 7.16 -4.80 1.21
N ILE A 60 7.02 -6.13 1.26
CA ILE A 60 5.86 -6.75 1.86
C ILE A 60 5.59 -6.19 3.25
N PRO A 61 6.63 -6.17 4.10
CA PRO A 61 6.53 -5.66 5.46
C PRO A 61 6.34 -4.15 5.50
N LEU A 62 6.54 -3.50 4.37
CA LEU A 62 6.39 -2.05 4.28
C LEU A 62 5.10 -1.68 3.54
N PHE A 63 4.28 -2.69 3.25
CA PHE A 63 3.02 -2.47 2.56
C PHE A 63 1.90 -3.30 3.19
N GLN A 64 2.06 -4.61 3.18
CA GLN A 64 1.06 -5.52 3.75
C GLN A 64 0.69 -5.09 5.17
N ASN A 65 1.70 -4.67 5.93
CA ASN A 65 1.48 -4.24 7.31
C ASN A 65 0.39 -3.17 7.38
N PHE A 66 0.31 -2.36 6.33
CA PHE A 66 -0.69 -1.30 6.27
C PHE A 66 -2.10 -1.87 6.31
N GLY A 67 -2.36 -2.87 5.47
CA GLY A 67 -3.66 -3.49 5.43
C GLY A 67 -3.61 -4.91 4.89
N PHE A 68 -3.38 -5.04 3.59
CA PHE A 68 -3.31 -6.34 2.95
C PHE A 68 -2.89 -6.21 1.49
N ILE A 69 -2.25 -7.25 0.97
CA ILE A 69 -1.79 -7.26 -0.41
C ILE A 69 -2.32 -8.47 -1.16
N LEU A 70 -3.08 -8.22 -2.22
CA LEU A 70 -3.65 -9.31 -3.02
C LEU A 70 -2.72 -9.69 -4.16
N ASP A 71 -2.13 -8.69 -4.81
CA ASP A 71 -1.20 -8.92 -5.91
C ASP A 71 -0.08 -7.90 -5.90
N PHE A 72 1.14 -8.37 -5.64
CA PHE A 72 2.30 -7.49 -5.60
C PHE A 72 3.25 -7.78 -6.76
N LYS A 73 3.95 -6.76 -7.22
CA LYS A 73 4.89 -6.90 -8.33
C LYS A 73 6.07 -5.95 -8.17
N HIS A 74 6.95 -5.93 -9.17
CA HIS A 74 8.13 -5.07 -9.14
C HIS A 74 8.94 -5.21 -10.42
N TYR A 75 9.35 -4.09 -10.99
CA TYR A 75 10.14 -4.09 -12.21
C TYR A 75 11.55 -3.57 -11.96
N PRO A 76 12.50 -4.02 -12.77
CA PRO A 76 13.91 -3.61 -12.66
C PRO A 76 14.12 -2.16 -13.07
N GLU A 77 13.59 -1.80 -14.23
CA GLU A 77 13.73 -0.44 -14.73
C GLU A 77 12.54 0.42 -14.31
N LYS A 78 11.33 -0.08 -14.56
CA LYS A 78 10.12 0.64 -14.21
C LYS A 78 10.18 1.14 -12.77
N GLY A 79 10.70 0.32 -11.87
CA GLY A 79 10.81 0.70 -10.48
C GLY A 79 9.50 1.22 -9.92
N CYS A 80 8.45 0.42 -10.01
CA CYS A 80 7.14 0.80 -9.51
C CYS A 80 6.28 -0.42 -9.23
N CYS A 81 6.17 -0.78 -7.95
CA CYS A 81 5.38 -1.93 -7.54
C CYS A 81 3.89 -1.58 -7.46
N PHE A 82 3.04 -2.58 -7.66
CA PHE A 82 1.60 -2.38 -7.61
C PHE A 82 0.96 -3.24 -6.53
N ILE A 83 0.15 -2.61 -5.68
CA ILE A 83 -0.53 -3.32 -4.60
C ILE A 83 -2.04 -3.20 -4.73
N LYS A 84 -2.66 -4.22 -5.30
CA LYS A 84 -4.11 -4.23 -5.48
C LYS A 84 -4.82 -4.56 -4.17
N TYR A 85 -4.81 -3.62 -3.24
CA TYR A 85 -5.45 -3.81 -1.94
C TYR A 85 -6.86 -4.36 -2.11
N ASP A 86 -7.42 -4.89 -1.03
CA ASP A 86 -8.77 -5.45 -1.05
C ASP A 86 -9.81 -4.33 -1.07
N THR A 87 -9.51 -3.22 -0.40
CA THR A 87 -10.42 -2.09 -0.34
C THR A 87 -9.76 -0.83 -0.89
N HIS A 88 -10.59 0.11 -1.35
CA HIS A 88 -10.08 1.36 -1.90
C HIS A 88 -9.32 2.15 -0.85
N GLU A 89 -10.00 2.51 0.23
CA GLU A 89 -9.38 3.26 1.31
C GLU A 89 -8.07 2.61 1.75
N GLN A 90 -8.02 1.28 1.68
CA GLN A 90 -6.83 0.54 2.07
C GLN A 90 -5.58 1.11 1.40
N ALA A 91 -5.49 0.95 0.09
CA ALA A 91 -4.35 1.46 -0.66
C ALA A 91 -4.17 2.96 -0.44
N ALA A 92 -5.28 3.69 -0.47
CA ALA A 92 -5.26 5.13 -0.28
C ALA A 92 -4.46 5.51 0.96
N VAL A 93 -4.60 4.69 2.01
CA VAL A 93 -3.88 4.93 3.27
C VAL A 93 -2.38 4.88 3.07
N CYS A 94 -1.94 4.01 2.16
CA CYS A 94 -0.51 3.85 1.88
C CYS A 94 0.08 5.16 1.40
N ILE A 95 -0.69 5.91 0.62
CA ILE A 95 -0.23 7.19 0.10
C ILE A 95 0.03 8.19 1.22
N VAL A 96 -0.75 8.08 2.30
CA VAL A 96 -0.61 8.97 3.44
C VAL A 96 0.10 8.27 4.59
N ALA A 97 0.61 7.07 4.32
CA ALA A 97 1.31 6.30 5.35
C ALA A 97 2.82 6.37 5.15
N LEU A 98 3.24 6.45 3.89
CA LEU A 98 4.66 6.52 3.56
C LEU A 98 5.02 7.89 3.00
N ALA A 99 4.65 8.12 1.74
CA ALA A 99 4.94 9.40 1.09
C ALA A 99 6.39 9.82 1.31
N ASN A 100 7.27 9.38 0.41
CA ASN A 100 8.69 9.71 0.50
C ASN A 100 9.30 9.08 1.75
N PHE A 101 8.90 7.85 2.05
CA PHE A 101 9.41 7.14 3.21
C PHE A 101 10.93 6.99 3.12
N PRO A 102 11.61 7.11 4.28
CA PRO A 102 13.07 6.99 4.36
C PRO A 102 13.54 5.56 4.12
N PHE A 103 14.01 5.29 2.90
CA PHE A 103 14.49 3.96 2.55
C PHE A 103 16.02 3.91 2.55
N GLN A 104 16.59 3.66 3.72
CA GLN A 104 18.04 3.59 3.86
C GLN A 104 18.71 4.84 3.27
N GLY A 105 18.06 5.99 3.48
CA GLY A 105 18.61 7.23 2.96
C GLY A 105 18.01 7.61 1.62
N ARG A 106 16.74 7.26 1.41
CA ARG A 106 16.07 7.57 0.16
C ARG A 106 14.63 8.03 0.42
N ASN A 107 13.85 8.16 -0.65
CA ASN A 107 12.47 8.60 -0.54
C ASN A 107 11.62 8.02 -1.67
N LEU A 108 10.65 7.19 -1.31
CA LEU A 108 9.78 6.57 -2.29
C LEU A 108 8.73 7.55 -2.79
N ARG A 109 7.74 7.05 -3.51
CA ARG A 109 6.67 7.88 -4.05
C ARG A 109 5.30 7.30 -3.71
N THR A 110 4.27 8.12 -3.84
CA THR A 110 2.90 7.69 -3.55
C THR A 110 1.92 8.28 -4.55
N GLY A 111 0.76 7.64 -4.67
CA GLY A 111 -0.26 8.13 -5.59
C GLY A 111 -1.37 7.12 -5.81
N TRP A 112 -2.08 7.26 -6.93
CA TRP A 112 -3.18 6.35 -7.26
C TRP A 112 -2.86 5.55 -8.52
N GLY A 113 -2.82 4.23 -8.38
CA GLY A 113 -2.53 3.38 -9.52
C GLY A 113 -3.74 3.17 -10.42
N LYS A 114 -3.65 2.19 -11.30
CA LYS A 114 -4.74 1.88 -12.23
C LYS A 114 -4.52 0.54 -12.91
N GLU A 115 -5.46 0.15 -13.76
CA GLU A 115 -5.37 -1.11 -14.48
C GLU A 115 -5.38 -2.29 -13.51
N ARG A 116 -6.58 -2.68 -13.08
CA ARG A 116 -6.73 -3.79 -12.15
C ARG A 116 -5.84 -3.60 -10.93
N GLY A 1 2.52 -21.16 4.57
CA GLY A 1 2.70 -20.74 5.95
C GLY A 1 1.68 -21.37 6.88
N SER A 2 1.32 -20.65 7.94
CA SER A 2 0.35 -21.15 8.91
C SER A 2 -0.57 -20.02 9.38
N GLY A 3 -1.86 -20.31 9.45
CA GLY A 3 -2.82 -19.32 9.89
C GLY A 3 -3.11 -18.27 8.82
N TYR A 4 -3.80 -17.21 9.21
CA TYR A 4 -4.14 -16.14 8.28
C TYR A 4 -2.88 -15.46 7.76
N THR A 5 -1.99 -15.07 8.66
CA THR A 5 -0.75 -14.41 8.30
C THR A 5 -1.02 -13.15 7.50
N ASN A 6 0.05 -12.52 7.01
CA ASN A 6 -0.08 -11.30 6.23
C ASN A 6 0.41 -11.52 4.79
N TYR A 7 0.41 -10.44 4.01
CA TYR A 7 0.84 -10.52 2.61
C TYR A 7 0.03 -11.56 1.85
N ASN A 8 -1.22 -11.74 2.25
CA ASN A 8 -2.10 -12.70 1.60
C ASN A 8 -3.51 -12.63 2.16
N ASN A 9 -4.50 -12.95 1.34
CA ASN A 9 -5.89 -12.92 1.76
C ASN A 9 -6.48 -14.33 1.79
N GLY A 10 -6.56 -14.95 0.62
CA GLY A 10 -7.11 -16.30 0.53
C GLY A 10 -8.60 -16.33 0.81
N SER A 11 -9.31 -15.29 0.38
CA SER A 11 -10.75 -15.21 0.59
C SER A 11 -11.32 -13.95 -0.06
N ASN A 12 -10.55 -12.87 -0.02
CA ASN A 12 -10.97 -11.60 -0.61
C ASN A 12 -12.22 -11.07 0.09
N TYR A 13 -12.02 -10.41 1.23
CA TYR A 13 -13.13 -9.85 2.00
C TYR A 13 -12.62 -9.09 3.22
N THR A 14 -11.56 -9.62 3.84
CA THR A 14 -10.98 -9.01 5.01
C THR A 14 -11.97 -8.99 6.17
N GLN A 15 -12.18 -10.15 6.78
CA GLN A 15 -13.10 -10.27 7.91
C GLN A 15 -12.63 -11.35 8.88
N LYS A 16 -11.33 -11.38 9.15
CA LYS A 16 -10.75 -12.35 10.07
C LYS A 16 -11.25 -12.13 11.49
N LYS A 17 -11.40 -10.86 11.86
CA LYS A 17 -11.88 -10.50 13.19
C LYS A 17 -12.05 -8.99 13.33
N GLN A 18 -13.30 -8.54 13.36
CA GLN A 18 -13.60 -7.12 13.49
C GLN A 18 -12.92 -6.32 12.38
N THR A 19 -13.62 -6.14 11.27
CA THR A 19 -13.08 -5.40 10.14
C THR A 19 -12.62 -4.01 10.56
N ILE A 20 -11.30 -3.84 10.67
CA ILE A 20 -10.73 -2.56 11.07
C ILE A 20 -11.18 -2.16 12.47
N GLY A 21 -10.55 -2.76 13.48
CA GLY A 21 -10.91 -2.45 14.85
C GLY A 21 -10.01 -1.39 15.47
N LEU A 22 -9.56 -0.46 14.63
CA LEU A 22 -8.69 0.61 15.10
C LEU A 22 -8.53 1.69 14.02
N PRO A 23 -8.12 2.89 14.46
CA PRO A 23 -7.92 4.03 13.55
C PRO A 23 -6.71 3.84 12.64
N PRO A 24 -6.61 4.70 11.61
CA PRO A 24 -5.50 4.63 10.64
C PRO A 24 -4.17 5.05 11.27
N GLN A 25 -3.08 4.50 10.74
CA GLN A 25 -1.75 4.81 11.24
C GLN A 25 -1.34 6.24 10.88
N VAL A 26 -1.55 6.60 9.61
CA VAL A 26 -1.22 7.93 9.13
C VAL A 26 -2.23 8.97 9.61
N ASN A 27 -2.14 10.17 9.08
CA ASN A 27 -3.05 11.25 9.45
C ASN A 27 -4.37 11.14 8.69
N PRO A 28 -5.48 11.39 9.39
CA PRO A 28 -6.82 11.32 8.79
C PRO A 28 -7.07 12.45 7.81
N GLN A 29 -6.78 13.68 8.23
CA GLN A 29 -6.97 14.85 7.39
C GLN A 29 -6.14 14.75 6.12
N ALA A 30 -4.97 14.11 6.22
CA ALA A 30 -4.08 13.94 5.08
C ALA A 30 -4.35 12.62 4.37
N VAL A 31 -5.62 12.20 4.38
CA VAL A 31 -6.00 10.95 3.73
C VAL A 31 -7.31 11.10 2.97
N ASP A 32 -8.27 11.79 3.58
CA ASP A 32 -9.56 12.02 2.96
C ASP A 32 -9.40 12.68 1.59
N HIS A 33 -8.39 13.55 1.47
CA HIS A 33 -8.13 14.26 0.22
C HIS A 33 -7.69 13.28 -0.87
N ILE A 34 -6.95 12.25 -0.47
CA ILE A 34 -6.46 11.25 -1.41
C ILE A 34 -7.61 10.36 -1.90
N ILE A 35 -8.39 9.85 -0.96
CA ILE A 35 -9.52 8.99 -1.29
C ILE A 35 -10.45 9.66 -2.29
N ARG A 36 -10.62 10.97 -2.13
CA ARG A 36 -11.49 11.74 -3.02
C ARG A 36 -10.93 11.77 -4.43
N SER A 37 -9.62 11.69 -4.54
CA SER A 37 -8.96 11.72 -5.85
C SER A 37 -9.61 10.73 -6.81
N ALA A 38 -9.40 9.45 -6.55
CA ALA A 38 -9.97 8.40 -7.40
C ALA A 38 -11.34 7.95 -6.87
N PRO A 39 -12.13 7.34 -7.75
CA PRO A 39 -13.47 6.85 -7.40
C PRO A 39 -13.42 5.65 -6.47
N PRO A 40 -14.56 5.35 -5.83
CA PRO A 40 -14.67 4.23 -4.89
C PRO A 40 -14.59 2.88 -5.59
N ARG A 41 -13.44 2.60 -6.20
CA ARG A 41 -13.24 1.34 -6.91
C ARG A 41 -11.79 1.21 -7.37
N VAL A 42 -10.87 1.70 -6.55
CA VAL A 42 -9.44 1.64 -6.88
C VAL A 42 -8.60 1.37 -5.63
N THR A 43 -7.94 0.22 -5.61
CA THR A 43 -7.10 -0.16 -4.49
C THR A 43 -5.64 -0.30 -4.89
N THR A 44 -5.42 -0.56 -6.18
CA THR A 44 -4.07 -0.72 -6.71
C THR A 44 -3.22 0.52 -6.42
N ALA A 45 -2.40 0.42 -5.37
CA ALA A 45 -1.53 1.53 -4.99
C ALA A 45 -0.46 1.79 -6.05
N TYR A 46 0.51 2.63 -5.71
CA TYR A 46 1.59 2.96 -6.65
C TYR A 46 2.65 3.80 -5.96
N ILE A 47 3.89 3.29 -5.94
CA ILE A 47 4.99 4.00 -5.32
C ILE A 47 6.24 3.93 -6.20
N GLY A 48 6.30 4.82 -7.19
CA GLY A 48 7.45 4.85 -8.09
C GLY A 48 8.72 5.32 -7.39
N ASN A 49 9.66 5.82 -8.17
CA ASN A 49 10.93 6.31 -7.63
C ASN A 49 11.57 5.27 -6.73
N ILE A 50 11.59 4.02 -7.19
CA ILE A 50 12.18 2.93 -6.42
C ILE A 50 13.54 2.55 -6.97
N PRO A 51 14.53 2.42 -6.06
CA PRO A 51 15.90 2.05 -6.43
C PRO A 51 16.00 0.60 -6.91
N HIS A 52 16.87 0.38 -7.89
CA HIS A 52 17.07 -0.96 -8.44
C HIS A 52 17.41 -1.97 -7.33
N PHE A 53 17.99 -1.47 -6.26
CA PHE A 53 18.37 -2.32 -5.12
C PHE A 53 17.24 -2.37 -4.09
N ALA A 54 16.01 -2.45 -4.57
CA ALA A 54 14.85 -2.49 -3.69
C ALA A 54 14.25 -3.89 -3.65
N THR A 55 14.58 -4.66 -2.62
CA THR A 55 14.07 -6.02 -2.48
C THR A 55 12.67 -6.02 -1.89
N GLU A 56 11.78 -6.79 -2.48
CA GLU A 56 10.39 -6.88 -2.02
C GLU A 56 10.35 -7.23 -0.53
N ALA A 57 11.26 -8.10 -0.11
CA ALA A 57 11.32 -8.52 1.29
C ALA A 57 11.43 -7.31 2.22
N ASP A 58 12.13 -6.28 1.76
CA ASP A 58 12.30 -5.07 2.55
C ASP A 58 11.11 -4.14 2.40
N LEU A 59 10.27 -4.43 1.42
CA LEU A 59 9.07 -3.62 1.17
C LEU A 59 7.91 -4.09 2.03
N ILE A 60 7.86 -5.40 2.28
CA ILE A 60 6.80 -5.97 3.10
C ILE A 60 6.66 -5.24 4.44
N PRO A 61 7.80 -5.08 5.13
CA PRO A 61 7.83 -4.40 6.43
C PRO A 61 7.59 -2.91 6.31
N LEU A 62 7.55 -2.41 5.07
CA LEU A 62 7.33 -1.00 4.82
C LEU A 62 5.97 -0.78 4.15
N PHE A 63 5.04 -1.70 4.36
CA PHE A 63 3.71 -1.60 3.78
C PHE A 63 2.69 -2.33 4.66
N GLN A 64 2.96 -3.61 4.94
CA GLN A 64 2.05 -4.40 5.76
C GLN A 64 1.68 -3.66 7.04
N ASN A 65 2.62 -2.89 7.57
CA ASN A 65 2.39 -2.13 8.80
C ASN A 65 1.26 -1.13 8.60
N PHE A 66 1.22 -0.50 7.42
CA PHE A 66 0.19 0.48 7.12
C PHE A 66 -1.21 -0.13 7.27
N GLY A 67 -1.56 -1.01 6.33
CA GLY A 67 -2.86 -1.65 6.37
C GLY A 67 -2.78 -3.15 6.17
N PHE A 68 -3.40 -3.63 5.10
CA PHE A 68 -3.39 -5.06 4.79
C PHE A 68 -3.02 -5.29 3.33
N ILE A 69 -1.95 -6.06 3.12
CA ILE A 69 -1.48 -6.38 1.78
C ILE A 69 -2.09 -7.68 1.26
N LEU A 70 -2.50 -7.68 0.00
CA LEU A 70 -3.10 -8.86 -0.61
C LEU A 70 -2.05 -9.68 -1.36
N ASP A 71 -1.41 -9.06 -2.34
CA ASP A 71 -0.39 -9.72 -3.12
C ASP A 71 0.85 -8.84 -3.27
N PHE A 72 0.63 -7.55 -3.55
CA PHE A 72 1.73 -6.61 -3.71
C PHE A 72 2.62 -7.00 -4.89
N LYS A 73 2.35 -6.43 -6.05
CA LYS A 73 3.12 -6.71 -7.25
C LYS A 73 4.24 -5.69 -7.43
N HIS A 74 5.41 -5.99 -6.89
CA HIS A 74 6.57 -5.11 -7.00
C HIS A 74 7.12 -5.11 -8.42
N TYR A 75 7.30 -3.92 -8.97
CA TYR A 75 7.82 -3.77 -10.33
C TYR A 75 9.21 -3.15 -10.31
N PRO A 76 10.23 -3.97 -10.01
CA PRO A 76 11.62 -3.53 -9.96
C PRO A 76 12.17 -3.19 -11.34
N GLU A 77 11.66 -3.87 -12.36
CA GLU A 77 12.11 -3.65 -13.73
C GLU A 77 12.07 -2.16 -14.08
N LYS A 78 11.08 -1.45 -13.54
CA LYS A 78 10.92 -0.03 -13.79
C LYS A 78 11.20 0.77 -12.52
N GLY A 79 10.67 0.31 -11.40
CA GLY A 79 10.87 1.00 -10.14
C GLY A 79 9.58 1.54 -9.55
N CYS A 80 8.57 0.66 -9.44
CA CYS A 80 7.28 1.06 -8.90
C CYS A 80 6.66 -0.08 -8.11
N CYS A 81 6.05 0.26 -6.97
CA CYS A 81 5.42 -0.74 -6.11
C CYS A 81 3.90 -0.68 -6.25
N PHE A 82 3.29 -1.81 -6.57
CA PHE A 82 1.84 -1.89 -6.72
C PHE A 82 1.22 -2.73 -5.61
N ILE A 83 0.30 -2.11 -4.88
CA ILE A 83 -0.38 -2.80 -3.78
C ILE A 83 -1.89 -2.75 -3.95
N LYS A 84 -2.47 -3.86 -4.40
CA LYS A 84 -3.91 -3.94 -4.60
C LYS A 84 -4.62 -4.25 -3.29
N TYR A 85 -4.65 -3.27 -2.40
CA TYR A 85 -5.30 -3.44 -1.10
C TYR A 85 -6.74 -3.93 -1.27
N ASP A 86 -7.38 -4.25 -0.16
CA ASP A 86 -8.75 -4.73 -0.19
C ASP A 86 -9.74 -3.57 -0.27
N THR A 87 -9.39 -2.45 0.37
CA THR A 87 -10.23 -1.27 0.37
C THR A 87 -9.53 -0.09 -0.30
N HIS A 88 -10.32 0.82 -0.86
CA HIS A 88 -9.78 2.00 -1.53
C HIS A 88 -8.95 2.84 -0.56
N GLU A 89 -9.57 3.28 0.53
CA GLU A 89 -8.90 4.10 1.53
C GLU A 89 -7.64 3.40 2.02
N GLN A 90 -7.67 2.07 2.07
CA GLN A 90 -6.53 1.29 2.53
C GLN A 90 -5.25 1.72 1.81
N ALA A 91 -5.17 1.41 0.52
CA ALA A 91 -3.99 1.77 -0.27
C ALA A 91 -3.72 3.27 -0.19
N ALA A 92 -4.76 4.07 -0.32
CA ALA A 92 -4.62 5.53 -0.26
C ALA A 92 -3.80 5.95 0.95
N VAL A 93 -4.10 5.34 2.11
CA VAL A 93 -3.39 5.65 3.34
C VAL A 93 -1.88 5.56 3.14
N CYS A 94 -1.45 4.57 2.38
CA CYS A 94 -0.03 4.36 2.11
C CYS A 94 0.54 5.50 1.28
N ILE A 95 -0.29 6.01 0.36
CA ILE A 95 0.14 7.11 -0.50
C ILE A 95 0.58 8.32 0.31
N VAL A 96 -0.02 8.49 1.48
CA VAL A 96 0.31 9.60 2.36
C VAL A 96 1.15 9.13 3.55
N ALA A 97 1.42 7.84 3.61
CA ALA A 97 2.20 7.26 4.69
C ALA A 97 3.70 7.33 4.37
N LEU A 98 4.03 7.18 3.10
CA LEU A 98 5.42 7.23 2.67
C LEU A 98 5.65 8.36 1.67
N ALA A 99 5.10 8.22 0.48
CA ALA A 99 5.24 9.23 -0.56
C ALA A 99 6.70 9.51 -0.87
N ASN A 100 7.27 10.50 -0.19
CA ASN A 100 8.67 10.86 -0.39
C ASN A 100 9.54 10.30 0.72
N PHE A 101 9.19 9.11 1.20
CA PHE A 101 9.94 8.45 2.26
C PHE A 101 11.35 8.11 1.79
N PRO A 102 12.35 8.39 2.66
CA PRO A 102 13.76 8.11 2.36
C PRO A 102 14.06 6.62 2.32
N PHE A 103 14.58 6.16 1.20
CA PHE A 103 14.93 4.74 1.03
C PHE A 103 16.39 4.59 0.63
N GLN A 104 17.27 4.58 1.62
CA GLN A 104 18.70 4.44 1.36
C GLN A 104 19.24 5.62 0.56
N GLY A 105 18.69 6.80 0.82
CA GLY A 105 19.12 7.99 0.11
C GLY A 105 18.35 8.22 -1.17
N ARG A 106 17.02 8.13 -1.08
CA ARG A 106 16.17 8.33 -2.25
C ARG A 106 14.75 8.72 -1.83
N ASN A 107 14.20 9.73 -2.49
CA ASN A 107 12.86 10.19 -2.18
C ASN A 107 11.83 9.54 -3.09
N LEU A 108 11.22 8.46 -2.61
CA LEU A 108 10.21 7.73 -3.39
C LEU A 108 9.07 8.66 -3.80
N ARG A 109 8.06 8.09 -4.45
CA ARG A 109 6.92 8.87 -4.90
C ARG A 109 5.67 7.99 -5.01
N THR A 110 4.66 8.29 -4.21
CA THR A 110 3.42 7.53 -4.22
C THR A 110 2.46 8.04 -5.29
N GLY A 111 1.29 7.42 -5.38
CA GLY A 111 0.31 7.82 -6.36
C GLY A 111 -0.81 6.82 -6.52
N TRP A 112 -1.84 7.18 -7.28
CA TRP A 112 -2.98 6.30 -7.51
C TRP A 112 -2.75 5.42 -8.73
N GLY A 113 -3.24 4.19 -8.67
CA GLY A 113 -3.08 3.27 -9.79
C GLY A 113 -4.04 3.56 -10.92
N LYS A 114 -4.64 2.50 -11.46
CA LYS A 114 -5.59 2.64 -12.56
C LYS A 114 -4.96 3.37 -13.74
N GLU A 115 -3.69 3.08 -14.00
CA GLU A 115 -2.97 3.71 -15.09
C GLU A 115 -3.28 3.01 -16.42
N ARG A 116 -4.08 3.67 -17.25
CA ARG A 116 -4.46 3.12 -18.55
C ARG A 116 -5.14 1.77 -18.39
N GLY A 1 3.99 -18.90 11.08
CA GLY A 1 3.18 -20.05 11.43
C GLY A 1 1.69 -19.74 11.40
N SER A 2 1.30 -18.62 11.99
CA SER A 2 -0.10 -18.21 12.02
C SER A 2 -0.28 -16.82 11.43
N GLY A 3 0.69 -15.94 11.68
CA GLY A 3 0.63 -14.59 11.17
C GLY A 3 0.57 -14.54 9.66
N TYR A 4 1.43 -15.32 9.01
CA TYR A 4 1.47 -15.37 7.55
C TYR A 4 1.74 -13.99 6.98
N THR A 5 3.00 -13.70 6.70
CA THR A 5 3.39 -12.41 6.14
C THR A 5 3.53 -12.48 4.62
N ASN A 6 2.42 -12.29 3.92
CA ASN A 6 2.42 -12.34 2.46
C ASN A 6 1.19 -11.62 1.90
N TYR A 7 0.98 -11.76 0.60
CA TYR A 7 -0.15 -11.14 -0.07
C TYR A 7 -1.44 -11.91 0.19
N ASN A 8 -1.53 -13.10 -0.40
CA ASN A 8 -2.70 -13.94 -0.23
C ASN A 8 -3.93 -13.29 -0.84
N ASN A 9 -4.92 -14.11 -1.20
CA ASN A 9 -6.15 -13.60 -1.80
C ASN A 9 -7.16 -14.73 -1.99
N GLY A 10 -8.18 -14.75 -1.14
CA GLY A 10 -9.20 -15.78 -1.23
C GLY A 10 -9.17 -16.74 -0.05
N SER A 11 -9.03 -16.18 1.15
CA SER A 11 -8.99 -16.98 2.36
C SER A 11 -10.36 -17.00 3.05
N ASN A 12 -10.77 -15.84 3.55
CA ASN A 12 -12.05 -15.73 4.24
C ASN A 12 -12.59 -14.31 4.14
N TYR A 13 -11.95 -13.38 4.83
CA TYR A 13 -12.36 -11.98 4.83
C TYR A 13 -11.17 -11.06 5.09
N THR A 14 -11.45 -9.77 5.22
CA THR A 14 -10.41 -8.78 5.47
C THR A 14 -9.82 -8.94 6.86
N GLN A 15 -8.49 -8.92 6.95
CA GLN A 15 -7.81 -9.06 8.22
C GLN A 15 -7.66 -7.71 8.93
N LYS A 16 -6.97 -6.78 8.28
CA LYS A 16 -6.76 -5.46 8.83
C LYS A 16 -8.07 -4.66 8.85
N LYS A 17 -8.30 -3.96 9.95
CA LYS A 17 -9.52 -3.16 10.10
C LYS A 17 -9.25 -1.92 10.96
N GLN A 18 -10.18 -0.98 10.93
CA GLN A 18 -10.05 0.25 11.70
C GLN A 18 -10.47 0.03 13.15
N THR A 19 -10.09 0.95 14.03
CA THR A 19 -10.42 0.86 15.44
C THR A 19 -10.39 2.23 16.10
N ILE A 20 -11.51 2.62 16.70
CA ILE A 20 -11.60 3.91 17.38
C ILE A 20 -10.85 3.89 18.70
N GLY A 21 -10.23 5.02 19.03
CA GLY A 21 -9.48 5.11 20.27
C GLY A 21 -7.98 4.97 20.06
N LEU A 22 -7.58 3.87 19.43
CA LEU A 22 -6.17 3.61 19.16
C LEU A 22 -5.94 3.26 17.70
N PRO A 23 -6.06 4.28 16.82
CA PRO A 23 -5.87 4.09 15.38
C PRO A 23 -4.41 3.82 15.01
N PRO A 24 -4.18 3.39 13.77
CA PRO A 24 -2.84 3.08 13.27
C PRO A 24 -1.99 4.33 13.10
N GLN A 25 -0.76 4.14 12.63
CA GLN A 25 0.16 5.26 12.42
C GLN A 25 -0.45 6.31 11.51
N VAL A 26 -1.05 5.85 10.40
CA VAL A 26 -1.67 6.75 9.44
C VAL A 26 -2.98 7.32 9.99
N ASN A 27 -3.47 8.38 9.37
CA ASN A 27 -4.71 9.01 9.80
C ASN A 27 -5.90 8.45 9.01
N PRO A 28 -7.07 8.39 9.68
CA PRO A 28 -8.29 7.87 9.06
C PRO A 28 -8.84 8.80 7.98
N GLN A 29 -8.79 10.10 8.25
CA GLN A 29 -9.29 11.08 7.30
C GLN A 29 -8.20 11.44 6.27
N ALA A 30 -6.95 11.36 6.70
CA ALA A 30 -5.83 11.67 5.81
C ALA A 30 -5.94 10.92 4.50
N VAL A 31 -6.52 9.72 4.54
CA VAL A 31 -6.69 8.91 3.35
C VAL A 31 -7.88 9.38 2.53
N ASP A 32 -8.91 9.86 3.22
CA ASP A 32 -10.11 10.35 2.55
C ASP A 32 -9.77 11.35 1.46
N HIS A 33 -8.79 12.21 1.74
CA HIS A 33 -8.37 13.23 0.77
C HIS A 33 -7.80 12.57 -0.48
N ILE A 34 -7.16 11.42 -0.31
CA ILE A 34 -6.57 10.69 -1.43
C ILE A 34 -7.65 10.06 -2.29
N ILE A 35 -8.57 9.34 -1.65
CA ILE A 35 -9.66 8.69 -2.36
C ILE A 35 -10.39 9.66 -3.27
N ARG A 36 -10.72 10.84 -2.73
CA ARG A 36 -11.42 11.86 -3.50
C ARG A 36 -10.67 12.19 -4.78
N SER A 37 -9.36 11.96 -4.77
CA SER A 37 -8.52 12.24 -5.93
C SER A 37 -8.37 10.99 -6.80
N ALA A 38 -9.43 10.21 -6.90
CA ALA A 38 -9.41 9.00 -7.70
C ALA A 38 -10.75 8.27 -7.64
N PRO A 39 -11.08 7.53 -8.70
CA PRO A 39 -12.33 6.78 -8.79
C PRO A 39 -12.36 5.58 -7.84
N PRO A 40 -13.56 5.04 -7.61
CA PRO A 40 -13.75 3.89 -6.72
C PRO A 40 -13.18 2.61 -7.31
N ARG A 41 -13.20 2.51 -8.63
CA ARG A 41 -12.68 1.33 -9.32
C ARG A 41 -11.18 1.18 -9.09
N VAL A 42 -10.41 2.19 -9.53
CA VAL A 42 -8.96 2.16 -9.37
C VAL A 42 -8.57 1.81 -7.95
N THR A 43 -7.93 0.65 -7.79
CA THR A 43 -7.49 0.20 -6.47
C THR A 43 -5.97 0.06 -6.41
N THR A 44 -5.36 -0.17 -7.57
CA THR A 44 -3.92 -0.33 -7.64
C THR A 44 -3.20 0.88 -7.07
N ALA A 45 -2.41 0.66 -6.03
CA ALA A 45 -1.66 1.73 -5.38
C ALA A 45 -0.56 2.27 -6.30
N TYR A 46 0.32 3.08 -5.74
CA TYR A 46 1.41 3.66 -6.51
C TYR A 46 2.33 4.49 -5.61
N ILE A 47 3.55 3.99 -5.41
CA ILE A 47 4.52 4.69 -4.58
C ILE A 47 5.45 5.55 -5.42
N GLY A 48 6.45 4.91 -6.03
CA GLY A 48 7.40 5.63 -6.86
C GLY A 48 8.71 5.90 -6.15
N ASN A 49 9.75 6.22 -6.91
CA ASN A 49 11.06 6.49 -6.35
C ASN A 49 11.50 5.36 -5.41
N ILE A 50 11.54 4.16 -5.94
CA ILE A 50 11.95 2.99 -5.15
C ILE A 50 13.42 2.66 -5.39
N PRO A 51 14.15 2.42 -4.29
CA PRO A 51 15.58 2.07 -4.36
C PRO A 51 15.81 0.68 -4.93
N HIS A 52 17.07 0.26 -4.95
CA HIS A 52 17.43 -1.05 -5.48
C HIS A 52 17.63 -2.05 -4.35
N PHE A 53 18.07 -1.56 -3.19
CA PHE A 53 18.30 -2.42 -2.03
C PHE A 53 17.01 -2.60 -1.23
N ALA A 54 15.95 -3.00 -1.91
CA ALA A 54 14.65 -3.22 -1.27
C ALA A 54 13.98 -4.47 -1.80
N THR A 55 13.50 -4.40 -3.03
CA THR A 55 12.82 -5.54 -3.65
C THR A 55 11.44 -5.77 -3.03
N GLU A 56 10.53 -6.35 -3.81
CA GLU A 56 9.18 -6.62 -3.33
C GLU A 56 9.22 -7.33 -1.99
N ALA A 57 10.17 -8.24 -1.82
CA ALA A 57 10.31 -8.98 -0.58
C ALA A 57 10.36 -8.05 0.62
N ASP A 58 11.21 -7.03 0.54
CA ASP A 58 11.35 -6.05 1.62
C ASP A 58 10.17 -5.09 1.63
N LEU A 59 9.37 -5.12 0.57
CA LEU A 59 8.22 -4.23 0.45
C LEU A 59 6.99 -4.87 1.10
N ILE A 60 6.91 -6.20 1.04
CA ILE A 60 5.80 -6.92 1.63
C ILE A 60 5.55 -6.49 3.07
N PRO A 61 6.62 -6.51 3.88
CA PRO A 61 6.55 -6.11 5.29
C PRO A 61 6.31 -4.63 5.48
N LEU A 62 6.31 -3.89 4.36
CA LEU A 62 6.10 -2.44 4.39
C LEU A 62 4.67 -2.11 3.99
N PHE A 63 4.14 -2.84 3.01
CA PHE A 63 2.78 -2.61 2.53
C PHE A 63 1.78 -3.46 3.30
N GLN A 64 2.10 -4.74 3.46
CA GLN A 64 1.22 -5.66 4.17
C GLN A 64 0.80 -5.07 5.52
N ASN A 65 1.70 -4.29 6.12
CA ASN A 65 1.41 -3.68 7.42
C ASN A 65 0.31 -2.64 7.29
N PHE A 66 0.30 -1.91 6.18
CA PHE A 66 -0.71 -0.89 5.94
C PHE A 66 -2.11 -1.48 5.92
N GLY A 67 -2.43 -2.20 4.85
CA GLY A 67 -3.73 -2.82 4.72
C GLY A 67 -3.65 -4.28 4.33
N PHE A 68 -4.21 -4.61 3.16
CA PHE A 68 -4.20 -5.99 2.66
C PHE A 68 -3.73 -6.04 1.22
N ILE A 69 -2.80 -6.94 0.93
CA ILE A 69 -2.27 -7.10 -0.42
C ILE A 69 -2.84 -8.33 -1.09
N LEU A 70 -3.06 -8.23 -2.40
CA LEU A 70 -3.60 -9.35 -3.17
C LEU A 70 -2.64 -9.77 -4.28
N ASP A 71 -2.36 -8.84 -5.18
CA ASP A 71 -1.45 -9.10 -6.29
C ASP A 71 -0.35 -8.04 -6.37
N PHE A 72 0.75 -8.29 -5.67
CA PHE A 72 1.87 -7.35 -5.65
C PHE A 72 2.86 -7.65 -6.78
N LYS A 73 3.50 -6.61 -7.29
CA LYS A 73 4.47 -6.77 -8.37
C LYS A 73 5.40 -5.56 -8.44
N HIS A 74 6.70 -5.82 -8.24
CA HIS A 74 7.70 -4.76 -8.28
C HIS A 74 8.04 -4.39 -9.71
N TYR A 75 7.93 -3.11 -10.03
CA TYR A 75 8.24 -2.63 -11.37
C TYR A 75 9.48 -1.74 -11.37
N PRO A 76 10.66 -2.38 -11.30
CA PRO A 76 11.94 -1.66 -11.29
C PRO A 76 12.25 -1.02 -12.63
N GLU A 77 11.81 -1.67 -13.71
CA GLU A 77 12.06 -1.15 -15.06
C GLU A 77 11.62 0.31 -15.16
N LYS A 78 10.53 0.64 -14.48
CA LYS A 78 10.00 2.00 -14.50
C LYS A 78 10.31 2.73 -13.20
N GLY A 79 9.63 2.33 -12.13
CA GLY A 79 9.84 2.95 -10.84
C GLY A 79 8.54 3.22 -10.10
N CYS A 80 7.84 2.15 -9.74
CA CYS A 80 6.57 2.27 -9.03
C CYS A 80 5.98 0.90 -8.74
N CYS A 81 5.70 0.63 -7.47
CA CYS A 81 5.13 -0.65 -7.06
C CYS A 81 3.61 -0.63 -7.18
N PHE A 82 3.07 -1.63 -7.86
CA PHE A 82 1.62 -1.73 -8.05
C PHE A 82 1.01 -2.68 -7.04
N ILE A 83 -0.06 -2.23 -6.38
CA ILE A 83 -0.75 -3.05 -5.39
C ILE A 83 -2.26 -2.87 -5.48
N LYS A 84 -2.94 -3.86 -6.05
CA LYS A 84 -4.38 -3.82 -6.20
C LYS A 84 -5.08 -4.25 -4.91
N TYR A 85 -5.00 -3.41 -3.89
CA TYR A 85 -5.61 -3.71 -2.60
C TYR A 85 -7.04 -4.20 -2.78
N ASP A 86 -7.52 -4.97 -1.81
CA ASP A 86 -8.88 -5.51 -1.86
C ASP A 86 -9.91 -4.39 -1.92
N THR A 87 -9.60 -3.27 -1.27
CA THR A 87 -10.51 -2.12 -1.25
C THR A 87 -9.82 -0.88 -1.77
N HIS A 88 -10.61 0.11 -2.18
CA HIS A 88 -10.09 1.36 -2.71
C HIS A 88 -9.36 2.14 -1.62
N GLU A 89 -10.09 2.54 -0.59
CA GLU A 89 -9.51 3.29 0.52
C GLU A 89 -8.24 2.62 1.02
N GLN A 90 -8.21 1.30 0.96
CA GLN A 90 -7.05 0.54 1.41
C GLN A 90 -5.77 1.07 0.79
N ALA A 91 -5.60 0.83 -0.51
CA ALA A 91 -4.42 1.29 -1.23
C ALA A 91 -4.17 2.78 -0.98
N ALA A 92 -5.23 3.57 -1.04
CA ALA A 92 -5.13 5.01 -0.82
C ALA A 92 -4.39 5.31 0.47
N VAL A 93 -4.64 4.49 1.50
CA VAL A 93 -3.99 4.67 2.80
C VAL A 93 -2.47 4.66 2.67
N CYS A 94 -1.99 3.92 1.67
CA CYS A 94 -0.54 3.82 1.43
C CYS A 94 0.03 5.18 1.04
N ILE A 95 -0.64 5.86 0.12
CA ILE A 95 -0.19 7.17 -0.34
C ILE A 95 0.03 8.12 0.83
N VAL A 96 -0.70 7.90 1.91
CA VAL A 96 -0.59 8.74 3.09
C VAL A 96 0.11 7.99 4.23
N ALA A 97 0.48 6.74 3.97
CA ALA A 97 1.16 5.92 4.96
C ALA A 97 2.67 6.14 4.93
N LEU A 98 3.20 6.36 3.73
CA LEU A 98 4.62 6.58 3.56
C LEU A 98 4.90 8.02 3.10
N ALA A 99 4.51 8.33 1.86
CA ALA A 99 4.71 9.66 1.32
C ALA A 99 6.09 10.21 1.68
N ASN A 100 7.10 9.82 0.92
CA ASN A 100 8.47 10.26 1.17
C ASN A 100 8.99 9.71 2.50
N PHE A 101 9.09 8.39 2.58
CA PHE A 101 9.57 7.73 3.79
C PHE A 101 11.02 7.29 3.62
N PRO A 102 11.79 7.36 4.72
CA PRO A 102 13.20 6.98 4.72
C PRO A 102 13.39 5.47 4.57
N PHE A 103 13.84 5.05 3.39
CA PHE A 103 14.07 3.63 3.12
C PHE A 103 15.55 3.30 3.17
N GLN A 104 16.09 3.18 4.38
CA GLN A 104 17.50 2.86 4.57
C GLN A 104 18.38 3.98 4.02
N GLY A 105 17.89 5.21 4.11
CA GLY A 105 18.66 6.34 3.61
C GLY A 105 18.24 6.75 2.21
N ARG A 106 16.96 6.59 1.91
CA ARG A 106 16.45 6.95 0.59
C ARG A 106 14.94 7.19 0.64
N ASN A 107 14.53 8.41 0.31
CA ASN A 107 13.11 8.76 0.33
C ASN A 107 12.44 8.35 -0.98
N LEU A 108 11.16 8.00 -0.89
CA LEU A 108 10.39 7.59 -2.07
C LEU A 108 9.28 8.59 -2.36
N ARG A 109 8.34 8.18 -3.21
CA ARG A 109 7.22 9.03 -3.59
C ARG A 109 5.88 8.33 -3.34
N THR A 110 4.81 8.89 -3.88
CA THR A 110 3.49 8.32 -3.72
C THR A 110 2.56 8.74 -4.85
N GLY A 111 1.34 8.21 -4.85
CA GLY A 111 0.38 8.55 -5.88
C GLY A 111 -0.63 7.45 -6.12
N TRP A 112 -1.51 7.64 -7.09
CA TRP A 112 -2.53 6.66 -7.42
C TRP A 112 -2.10 5.80 -8.59
N GLY A 113 -2.49 4.52 -8.57
CA GLY A 113 -2.14 3.61 -9.64
C GLY A 113 -3.24 3.45 -10.66
N LYS A 114 -3.21 2.34 -11.39
CA LYS A 114 -4.22 2.07 -12.41
C LYS A 114 -4.29 0.58 -12.72
N GLU A 115 -5.33 0.18 -13.44
CA GLU A 115 -5.51 -1.22 -13.81
C GLU A 115 -5.31 -1.42 -15.31
N ARG A 116 -5.79 -0.46 -16.10
CA ARG A 116 -5.67 -0.53 -17.55
C ARG A 116 -5.88 0.85 -18.17
N GLY A 1 7.11 -20.32 4.60
CA GLY A 1 6.24 -19.25 5.08
C GLY A 1 6.74 -17.88 4.66
N SER A 2 7.35 -17.16 5.59
CA SER A 2 7.86 -15.82 5.32
C SER A 2 9.07 -15.89 4.38
N GLY A 3 8.87 -15.45 3.14
CA GLY A 3 9.95 -15.45 2.17
C GLY A 3 9.47 -15.10 0.77
N TYR A 4 8.54 -15.89 0.24
CA TYR A 4 8.01 -15.65 -1.09
C TYR A 4 6.74 -14.80 -1.03
N THR A 5 5.74 -15.31 -0.33
CA THR A 5 4.46 -14.61 -0.19
C THR A 5 3.93 -14.70 1.24
N ASN A 6 3.82 -13.55 1.89
CA ASN A 6 3.33 -13.50 3.26
C ASN A 6 2.22 -12.46 3.41
N TYR A 7 1.30 -12.44 2.45
CA TYR A 7 0.20 -11.49 2.48
C TYR A 7 -1.10 -12.16 2.91
N ASN A 8 -1.36 -13.34 2.34
CA ASN A 8 -2.56 -14.10 2.66
C ASN A 8 -3.81 -13.35 2.18
N ASN A 9 -4.90 -14.10 1.99
CA ASN A 9 -6.15 -13.51 1.53
C ASN A 9 -7.26 -14.57 1.47
N GLY A 10 -8.23 -14.45 2.36
CA GLY A 10 -9.34 -15.39 2.39
C GLY A 10 -10.51 -14.89 3.21
N SER A 11 -11.24 -15.83 3.81
CA SER A 11 -12.40 -15.47 4.62
C SER A 11 -13.40 -14.66 3.82
N ASN A 12 -14.43 -14.16 4.50
CA ASN A 12 -15.46 -13.35 3.86
C ASN A 12 -14.84 -12.22 3.04
N TYR A 13 -14.05 -11.39 3.72
CA TYR A 13 -13.40 -10.26 3.07
C TYR A 13 -12.46 -9.54 4.03
N THR A 14 -11.35 -10.20 4.38
CA THR A 14 -10.37 -9.62 5.29
C THR A 14 -10.90 -9.61 6.72
N GLN A 15 -11.91 -8.79 6.97
CA GLN A 15 -12.51 -8.68 8.29
C GLN A 15 -13.78 -7.85 8.26
N LYS A 16 -14.32 -7.55 9.44
CA LYS A 16 -15.54 -6.76 9.54
C LYS A 16 -15.36 -5.59 10.49
N LYS A 17 -16.07 -4.50 10.24
CA LYS A 17 -15.99 -3.31 11.08
C LYS A 17 -14.57 -2.75 11.09
N GLN A 18 -14.06 -2.42 9.92
CA GLN A 18 -12.71 -1.87 9.80
C GLN A 18 -12.43 -1.43 8.36
N THR A 19 -13.28 -0.55 7.84
CA THR A 19 -13.11 -0.05 6.48
C THR A 19 -13.89 1.24 6.28
N ILE A 20 -13.94 2.07 7.32
CA ILE A 20 -14.65 3.34 7.26
C ILE A 20 -14.54 4.10 8.56
N GLY A 21 -14.36 5.42 8.46
CA GLY A 21 -14.24 6.24 9.66
C GLY A 21 -12.81 6.68 9.91
N LEU A 22 -12.44 6.78 11.18
CA LEU A 22 -11.09 7.21 11.55
C LEU A 22 -10.38 6.11 12.35
N PRO A 23 -10.06 5.00 11.68
CA PRO A 23 -9.38 3.87 12.30
C PRO A 23 -7.94 4.19 12.66
N PRO A 24 -7.32 3.30 13.47
CA PRO A 24 -5.93 3.48 13.91
C PRO A 24 -4.94 3.28 12.76
N GLN A 25 -3.65 3.21 13.11
CA GLN A 25 -2.60 3.03 12.12
C GLN A 25 -2.55 4.20 11.15
N VAL A 26 -1.56 5.07 11.32
CA VAL A 26 -1.40 6.24 10.47
C VAL A 26 -2.56 7.20 10.63
N ASN A 27 -2.30 8.49 10.39
CA ASN A 27 -3.34 9.51 10.51
C ASN A 27 -4.58 9.13 9.73
N PRO A 28 -5.73 9.11 10.42
CA PRO A 28 -7.02 8.77 9.81
C PRO A 28 -7.50 9.83 8.83
N GLN A 29 -7.14 11.08 9.10
CA GLN A 29 -7.55 12.19 8.24
C GLN A 29 -6.53 12.40 7.11
N ALA A 30 -5.25 12.22 7.43
CA ALA A 30 -4.20 12.38 6.44
C ALA A 30 -4.50 11.58 5.17
N VAL A 31 -5.01 10.38 5.35
CA VAL A 31 -5.35 9.51 4.22
C VAL A 31 -6.60 10.01 3.51
N ASP A 32 -7.52 10.58 4.26
CA ASP A 32 -8.77 11.11 3.70
C ASP A 32 -8.48 12.01 2.51
N HIS A 33 -7.43 12.82 2.62
CA HIS A 33 -7.05 13.74 1.55
C HIS A 33 -6.67 12.98 0.29
N ILE A 34 -6.05 11.81 0.48
CA ILE A 34 -5.61 10.99 -0.65
C ILE A 34 -6.81 10.30 -1.30
N ILE A 35 -7.66 9.69 -0.48
CA ILE A 35 -8.85 9.00 -0.98
C ILE A 35 -9.66 9.90 -1.91
N ARG A 36 -9.65 11.20 -1.63
CA ARG A 36 -10.37 12.16 -2.44
C ARG A 36 -9.85 12.18 -3.88
N SER A 37 -8.55 11.96 -4.03
CA SER A 37 -7.92 11.96 -5.34
C SER A 37 -8.66 11.01 -6.29
N ALA A 38 -8.42 9.71 -6.11
CA ALA A 38 -9.06 8.71 -6.95
C ALA A 38 -10.43 8.32 -6.40
N PRO A 39 -11.27 7.72 -7.25
CA PRO A 39 -12.63 7.30 -6.88
C PRO A 39 -12.61 6.12 -5.91
N PRO A 40 -13.76 5.89 -5.25
CA PRO A 40 -13.90 4.78 -4.30
C PRO A 40 -13.90 3.42 -4.98
N ARG A 41 -12.77 3.06 -5.58
CA ARG A 41 -12.64 1.79 -6.27
C ARG A 41 -11.17 1.40 -6.42
N VAL A 42 -10.37 2.31 -6.97
CA VAL A 42 -8.95 2.06 -7.16
C VAL A 42 -8.29 1.59 -5.87
N THR A 43 -7.61 0.44 -5.95
CA THR A 43 -6.94 -0.12 -4.79
C THR A 43 -5.44 -0.23 -5.02
N THR A 44 -5.05 -0.40 -6.28
CA THR A 44 -3.65 -0.53 -6.64
C THR A 44 -2.84 0.67 -6.16
N ALA A 45 -1.96 0.44 -5.19
CA ALA A 45 -1.14 1.51 -4.64
C ALA A 45 -0.20 2.08 -5.69
N TYR A 46 0.76 2.88 -5.26
CA TYR A 46 1.72 3.49 -6.17
C TYR A 46 2.83 4.19 -5.40
N ILE A 47 4.00 3.56 -5.35
CA ILE A 47 5.14 4.13 -4.65
C ILE A 47 6.39 4.13 -5.53
N GLY A 48 6.62 5.23 -6.23
CA GLY A 48 7.78 5.33 -7.10
C GLY A 48 9.04 5.67 -6.34
N ASN A 49 10.07 6.07 -7.07
CA ASN A 49 11.35 6.43 -6.46
C ASN A 49 11.92 5.25 -5.68
N ILE A 50 11.70 4.04 -6.19
CA ILE A 50 12.20 2.83 -5.54
C ILE A 50 13.59 2.46 -6.05
N PRO A 51 14.50 2.15 -5.12
CA PRO A 51 15.87 1.78 -5.46
C PRO A 51 15.95 0.40 -6.12
N HIS A 52 16.54 0.36 -7.31
CA HIS A 52 16.67 -0.89 -8.05
C HIS A 52 17.31 -1.97 -7.18
N PHE A 53 18.15 -1.55 -6.24
CA PHE A 53 18.82 -2.48 -5.34
C PHE A 53 17.97 -2.75 -4.11
N ALA A 54 16.70 -3.05 -4.33
CA ALA A 54 15.77 -3.34 -3.23
C ALA A 54 15.30 -4.78 -3.27
N THR A 55 14.49 -5.16 -2.30
CA THR A 55 13.96 -6.52 -2.22
C THR A 55 12.60 -6.55 -1.52
N GLU A 56 11.65 -7.24 -2.14
CA GLU A 56 10.31 -7.34 -1.58
C GLU A 56 10.35 -7.78 -0.12
N ALA A 57 11.32 -8.64 0.20
CA ALA A 57 11.48 -9.13 1.56
C ALA A 57 11.48 -7.99 2.57
N ASP A 58 11.95 -6.82 2.14
CA ASP A 58 12.00 -5.65 3.00
C ASP A 58 10.78 -4.77 2.79
N LEU A 59 10.18 -4.87 1.61
CA LEU A 59 8.99 -4.08 1.28
C LEU A 59 7.77 -4.61 2.01
N ILE A 60 7.59 -5.92 1.98
CA ILE A 60 6.45 -6.55 2.65
C ILE A 60 6.32 -6.06 4.08
N PRO A 61 7.39 -6.20 4.86
CA PRO A 61 7.43 -5.78 6.27
C PRO A 61 7.40 -4.26 6.41
N LEU A 62 6.62 -3.61 5.56
CA LEU A 62 6.51 -2.15 5.61
C LEU A 62 5.15 -1.69 5.08
N PHE A 63 4.71 -2.31 3.99
CA PHE A 63 3.42 -1.97 3.39
C PHE A 63 2.28 -2.68 4.12
N GLN A 64 2.43 -3.99 4.30
CA GLN A 64 1.42 -4.78 4.98
C GLN A 64 1.01 -4.14 6.30
N ASN A 65 1.96 -3.48 6.95
CA ASN A 65 1.70 -2.81 8.23
C ASN A 65 0.64 -1.74 8.07
N PHE A 66 0.58 -1.13 6.89
CA PHE A 66 -0.40 -0.09 6.62
C PHE A 66 -1.80 -0.67 6.46
N GLY A 67 -1.95 -1.61 5.53
CA GLY A 67 -3.25 -2.24 5.31
C GLY A 67 -3.21 -3.74 5.54
N PHE A 68 -3.03 -4.49 4.45
CA PHE A 68 -2.98 -5.95 4.53
C PHE A 68 -2.35 -6.54 3.28
N ILE A 69 -2.65 -5.94 2.13
CA ILE A 69 -2.12 -6.42 0.86
C ILE A 69 -2.66 -7.80 0.51
N LEU A 70 -2.89 -8.02 -0.78
CA LEU A 70 -3.41 -9.30 -1.24
C LEU A 70 -2.53 -9.88 -2.36
N ASP A 71 -2.11 -9.00 -3.26
CA ASP A 71 -1.26 -9.42 -4.38
C ASP A 71 -0.20 -8.36 -4.67
N PHE A 72 0.79 -8.26 -3.78
CA PHE A 72 1.87 -7.29 -3.94
C PHE A 72 2.63 -7.54 -5.24
N LYS A 73 2.51 -6.61 -6.18
CA LYS A 73 3.20 -6.74 -7.47
C LYS A 73 4.28 -5.66 -7.61
N HIS A 74 5.48 -5.98 -7.14
CA HIS A 74 6.60 -5.04 -7.22
C HIS A 74 7.05 -4.86 -8.67
N TYR A 75 7.12 -3.61 -9.11
CA TYR A 75 7.54 -3.31 -10.47
C TYR A 75 8.87 -2.56 -10.48
N PRO A 76 9.96 -3.30 -10.24
CA PRO A 76 11.31 -2.74 -10.22
C PRO A 76 11.79 -2.31 -11.60
N GLU A 77 11.34 -3.03 -12.63
CA GLU A 77 11.73 -2.72 -14.01
C GLU A 77 11.27 -1.31 -14.38
N LYS A 78 10.10 -0.92 -13.89
CA LYS A 78 9.55 0.40 -14.18
C LYS A 78 10.03 1.43 -13.15
N GLY A 79 9.60 1.25 -11.91
CA GLY A 79 10.00 2.16 -10.86
C GLY A 79 8.83 2.61 -10.01
N CYS A 80 8.09 1.65 -9.46
CA CYS A 80 6.94 1.94 -8.63
C CYS A 80 6.29 0.67 -8.12
N CYS A 81 5.87 0.69 -6.85
CA CYS A 81 5.24 -0.47 -6.24
C CYS A 81 3.73 -0.45 -6.46
N PHE A 82 3.19 -1.56 -6.96
CA PHE A 82 1.76 -1.66 -7.21
C PHE A 82 1.12 -2.71 -6.30
N ILE A 83 0.47 -2.24 -5.24
CA ILE A 83 -0.19 -3.13 -4.29
C ILE A 83 -1.70 -2.96 -4.33
N LYS A 84 -2.40 -3.95 -4.86
CA LYS A 84 -3.85 -3.91 -4.96
C LYS A 84 -4.49 -4.36 -3.64
N TYR A 85 -4.45 -3.48 -2.64
CA TYR A 85 -5.03 -3.79 -1.34
C TYR A 85 -6.46 -4.28 -1.48
N ASP A 86 -7.02 -4.77 -0.38
CA ASP A 86 -8.39 -5.28 -0.38
C ASP A 86 -9.39 -4.12 -0.49
N THR A 87 -9.09 -3.03 0.20
CA THR A 87 -9.97 -1.86 0.19
C THR A 87 -9.25 -0.64 -0.37
N HIS A 88 -10.02 0.37 -0.73
CA HIS A 88 -9.46 1.60 -1.28
C HIS A 88 -8.65 2.35 -0.23
N GLU A 89 -9.29 2.71 0.87
CA GLU A 89 -8.63 3.43 1.94
C GLU A 89 -7.32 2.73 2.34
N GLN A 90 -7.31 1.41 2.26
CA GLN A 90 -6.14 0.63 2.61
C GLN A 90 -4.90 1.18 1.92
N ALA A 91 -4.79 0.92 0.62
CA ALA A 91 -3.65 1.40 -0.16
C ALA A 91 -3.43 2.89 0.04
N ALA A 92 -4.52 3.66 0.06
CA ALA A 92 -4.45 5.10 0.24
C ALA A 92 -3.65 5.45 1.50
N VAL A 93 -3.73 4.60 2.51
CA VAL A 93 -3.02 4.82 3.76
C VAL A 93 -1.51 4.71 3.56
N CYS A 94 -1.11 3.89 2.59
CA CYS A 94 0.30 3.70 2.29
C CYS A 94 0.91 4.96 1.69
N ILE A 95 0.09 5.73 1.00
CA ILE A 95 0.55 6.97 0.37
C ILE A 95 0.87 8.03 1.42
N VAL A 96 0.09 8.04 2.50
CA VAL A 96 0.28 9.00 3.57
C VAL A 96 1.09 8.39 4.71
N ALA A 97 1.30 7.08 4.65
CA ALA A 97 2.07 6.38 5.68
C ALA A 97 3.56 6.57 5.47
N LEU A 98 3.99 6.57 4.22
CA LEU A 98 5.39 6.75 3.88
C LEU A 98 5.64 8.11 3.24
N ALA A 99 5.10 8.30 2.03
CA ALA A 99 5.25 9.55 1.31
C ALA A 99 6.68 10.06 1.40
N ASN A 100 7.55 9.55 0.54
CA ASN A 100 8.95 9.96 0.52
C ASN A 100 9.66 9.54 1.81
N PHE A 101 9.68 8.24 2.06
CA PHE A 101 10.32 7.70 3.26
C PHE A 101 11.71 7.18 2.94
N PRO A 102 12.64 7.32 3.90
CA PRO A 102 14.03 6.87 3.75
C PRO A 102 14.15 5.36 3.74
N PHE A 103 14.35 4.78 2.56
CA PHE A 103 14.49 3.35 2.41
C PHE A 103 15.95 2.94 2.30
N GLN A 104 16.70 3.66 1.48
CA GLN A 104 18.12 3.38 1.28
C GLN A 104 18.89 4.66 0.98
N GLY A 105 18.47 5.75 1.61
CA GLY A 105 19.14 7.03 1.40
C GLY A 105 18.32 7.98 0.56
N ARG A 106 17.80 7.50 -0.56
CA ARG A 106 17.00 8.32 -1.45
C ARG A 106 15.62 8.60 -0.84
N ASN A 107 14.76 9.26 -1.61
CA ASN A 107 13.42 9.58 -1.15
C ASN A 107 12.37 8.93 -2.04
N LEU A 108 11.70 7.92 -1.50
CA LEU A 108 10.66 7.20 -2.24
C LEU A 108 9.57 8.16 -2.71
N ARG A 109 8.52 7.61 -3.30
CA ARG A 109 7.41 8.41 -3.79
C ARG A 109 6.08 7.78 -3.40
N THR A 110 4.98 8.40 -3.86
CA THR A 110 3.64 7.91 -3.57
C THR A 110 2.64 8.34 -4.62
N GLY A 111 1.39 7.92 -4.46
CA GLY A 111 0.36 8.29 -5.41
C GLY A 111 -0.70 7.20 -5.56
N TRP A 112 -1.53 7.34 -6.59
CA TRP A 112 -2.59 6.36 -6.85
C TRP A 112 -2.26 5.53 -8.08
N GLY A 113 -2.77 4.30 -8.10
CA GLY A 113 -2.54 3.41 -9.22
C GLY A 113 -3.73 3.31 -10.15
N LYS A 114 -3.76 2.26 -10.96
CA LYS A 114 -4.86 2.06 -11.91
C LYS A 114 -4.91 0.60 -12.36
N GLU A 115 -5.95 0.27 -13.12
CA GLU A 115 -6.12 -1.09 -13.63
C GLU A 115 -7.11 -1.13 -14.79
N ARG A 116 -8.19 -0.35 -14.66
CA ARG A 116 -9.21 -0.30 -15.69
C ARG A 116 -9.62 1.15 -15.97
N GLY A 1 2.02 -18.10 13.16
CA GLY A 1 3.38 -17.95 13.64
C GLY A 1 4.22 -17.11 12.70
N SER A 2 5.49 -16.91 13.06
CA SER A 2 6.41 -16.11 12.24
C SER A 2 7.08 -16.99 11.19
N GLY A 3 7.92 -16.37 10.37
CA GLY A 3 8.62 -17.10 9.32
C GLY A 3 8.74 -16.30 8.04
N TYR A 4 7.60 -15.98 7.43
CA TYR A 4 7.60 -15.22 6.19
C TYR A 4 6.44 -14.22 6.17
N THR A 5 5.22 -14.72 6.32
CA THR A 5 4.03 -13.88 6.33
C THR A 5 3.90 -13.13 5.01
N ASN A 6 3.08 -13.68 4.11
CA ASN A 6 2.85 -13.06 2.81
C ASN A 6 1.36 -12.91 2.52
N TYR A 7 0.98 -11.76 1.98
CA TYR A 7 -0.41 -11.49 1.67
C TYR A 7 -1.02 -12.62 0.83
N ASN A 8 -2.34 -12.56 0.65
CA ASN A 8 -3.04 -13.58 -0.12
C ASN A 8 -4.30 -13.00 -0.76
N ASN A 9 -5.34 -12.84 0.03
CA ASN A 9 -6.60 -12.29 -0.46
C ASN A 9 -7.66 -12.30 0.64
N GLY A 10 -8.50 -11.27 0.65
CA GLY A 10 -9.55 -11.18 1.65
C GLY A 10 -10.94 -11.33 1.06
N SER A 11 -11.60 -12.44 1.40
CA SER A 11 -12.93 -12.72 0.90
C SER A 11 -14.00 -12.23 1.88
N ASN A 12 -13.83 -12.57 3.15
CA ASN A 12 -14.77 -12.17 4.18
C ASN A 12 -14.06 -11.41 5.29
N TYR A 13 -13.10 -12.05 5.94
CA TYR A 13 -12.35 -11.42 7.02
C TYR A 13 -10.95 -11.03 6.56
N THR A 14 -10.49 -9.87 6.99
CA THR A 14 -9.17 -9.38 6.62
C THR A 14 -8.35 -9.02 7.86
N GLN A 15 -8.89 -8.12 8.68
CA GLN A 15 -8.21 -7.68 9.89
C GLN A 15 -9.07 -7.96 11.13
N LYS A 16 -8.41 -8.25 12.23
CA LYS A 16 -9.11 -8.54 13.48
C LYS A 16 -9.32 -7.27 14.29
N LYS A 17 -10.12 -6.35 13.75
CA LYS A 17 -10.40 -5.09 14.43
C LYS A 17 -11.86 -4.69 14.24
N GLN A 18 -12.32 -3.75 15.04
CA GLN A 18 -13.70 -3.27 14.96
C GLN A 18 -13.94 -2.50 13.67
N THR A 19 -15.21 -2.27 13.35
CA THR A 19 -15.57 -1.55 12.15
C THR A 19 -14.91 -0.16 12.11
N ILE A 20 -14.77 0.44 13.28
CA ILE A 20 -14.16 1.76 13.39
C ILE A 20 -12.83 1.69 14.13
N GLY A 21 -12.19 2.85 14.29
CA GLY A 21 -10.91 2.89 14.98
C GLY A 21 -9.75 2.52 14.08
N LEU A 22 -9.37 3.43 13.20
CA LEU A 22 -8.26 3.17 12.28
C LEU A 22 -6.98 2.87 13.05
N PRO A 23 -6.01 2.25 12.35
CA PRO A 23 -4.72 1.90 12.94
C PRO A 23 -3.86 3.11 13.23
N PRO A 24 -2.78 2.91 13.99
CA PRO A 24 -1.85 3.99 14.36
C PRO A 24 -1.03 4.48 13.17
N GLN A 25 -0.03 5.32 13.44
CA GLN A 25 0.82 5.85 12.40
C GLN A 25 0.06 6.85 11.52
N VAL A 26 -0.80 6.31 10.66
CA VAL A 26 -1.60 7.16 9.76
C VAL A 26 -2.95 7.49 10.39
N ASN A 27 -3.81 8.14 9.61
CA ASN A 27 -5.13 8.51 10.09
C ASN A 27 -6.12 8.59 8.92
N PRO A 28 -7.43 8.49 9.25
CA PRO A 28 -8.50 8.55 8.24
C PRO A 28 -8.65 9.95 7.65
N GLN A 29 -8.60 10.96 8.51
CA GLN A 29 -8.74 12.35 8.07
C GLN A 29 -7.74 12.66 6.96
N ALA A 30 -6.55 12.07 7.04
CA ALA A 30 -5.52 12.29 6.05
C ALA A 30 -5.55 11.22 4.97
N VAL A 31 -6.75 10.66 4.74
CA VAL A 31 -6.91 9.62 3.73
C VAL A 31 -8.13 9.91 2.84
N ASP A 32 -9.21 10.37 3.46
CA ASP A 32 -10.42 10.69 2.73
C ASP A 32 -10.13 11.65 1.58
N HIS A 33 -9.19 12.56 1.80
CA HIS A 33 -8.82 13.54 0.79
C HIS A 33 -8.19 12.86 -0.42
N ILE A 34 -7.48 11.77 -0.18
CA ILE A 34 -6.82 11.03 -1.24
C ILE A 34 -7.84 10.24 -2.07
N ILE A 35 -8.80 9.62 -1.39
CA ILE A 35 -9.84 8.85 -2.05
C ILE A 35 -10.58 9.70 -3.08
N ARG A 36 -10.78 10.97 -2.75
CA ARG A 36 -11.47 11.88 -3.65
C ARG A 36 -10.77 11.96 -5.00
N SER A 37 -9.46 11.78 -5.00
CA SER A 37 -8.68 11.84 -6.22
C SER A 37 -9.28 10.95 -7.30
N ALA A 38 -9.09 9.63 -7.15
CA ALA A 38 -9.63 8.67 -8.11
C ALA A 38 -10.99 8.16 -7.66
N PRO A 39 -11.77 7.62 -8.62
CA PRO A 39 -13.09 7.08 -8.35
C PRO A 39 -13.06 5.80 -7.52
N PRO A 40 -14.19 5.46 -6.90
CA PRO A 40 -14.31 4.25 -6.06
C PRO A 40 -14.27 2.97 -6.89
N ARG A 41 -13.12 2.72 -7.52
CA ARG A 41 -12.95 1.52 -8.34
C ARG A 41 -11.48 1.13 -8.44
N VAL A 42 -10.63 2.11 -8.76
CA VAL A 42 -9.20 1.87 -8.88
C VAL A 42 -8.57 1.66 -7.52
N THR A 43 -7.98 0.47 -7.31
CA THR A 43 -7.34 0.14 -6.05
C THR A 43 -5.82 0.15 -6.19
N THR A 44 -5.35 -0.01 -7.42
CA THR A 44 -3.91 -0.03 -7.69
C THR A 44 -3.22 1.18 -7.05
N ALA A 45 -2.23 0.90 -6.20
CA ALA A 45 -1.50 1.96 -5.53
C ALA A 45 -0.32 2.44 -6.37
N TYR A 46 0.57 3.21 -5.76
CA TYR A 46 1.74 3.72 -6.46
C TYR A 46 2.85 4.07 -5.47
N ILE A 47 4.03 3.49 -5.68
CA ILE A 47 5.17 3.73 -4.81
C ILE A 47 6.47 3.80 -5.62
N GLY A 48 6.64 4.88 -6.38
CA GLY A 48 7.83 5.03 -7.19
C GLY A 48 9.06 5.36 -6.34
N ASN A 49 10.14 5.75 -7.01
CA ASN A 49 11.38 6.08 -6.32
C ASN A 49 11.88 4.91 -5.49
N ILE A 50 11.88 3.72 -6.10
CA ILE A 50 12.33 2.51 -5.41
C ILE A 50 13.76 2.17 -5.80
N PRO A 51 14.60 1.88 -4.79
CA PRO A 51 16.00 1.52 -5.00
C PRO A 51 16.17 0.16 -5.66
N HIS A 52 17.40 -0.18 -6.00
CA HIS A 52 17.70 -1.46 -6.64
C HIS A 52 17.70 -2.59 -5.62
N PHE A 53 18.02 -2.25 -4.37
CA PHE A 53 18.06 -3.24 -3.30
C PHE A 53 16.72 -3.31 -2.57
N ALA A 54 15.64 -3.24 -3.34
CA ALA A 54 14.29 -3.30 -2.77
C ALA A 54 13.62 -4.64 -3.06
N THR A 55 13.75 -5.57 -2.11
CA THR A 55 13.16 -6.89 -2.26
C THR A 55 11.72 -6.91 -1.78
N GLU A 56 10.86 -7.65 -2.48
CA GLU A 56 9.45 -7.75 -2.12
C GLU A 56 9.30 -8.24 -0.68
N ALA A 57 10.16 -9.17 -0.28
CA ALA A 57 10.11 -9.72 1.06
C ALA A 57 10.12 -8.60 2.11
N ASP A 58 10.72 -7.47 1.76
CA ASP A 58 10.79 -6.33 2.66
C ASP A 58 9.67 -5.35 2.38
N LEU A 59 9.12 -5.40 1.17
CA LEU A 59 8.03 -4.51 0.78
C LEU A 59 6.71 -4.97 1.36
N ILE A 60 6.46 -6.27 1.28
CA ILE A 60 5.23 -6.85 1.81
C ILE A 60 4.99 -6.41 3.25
N PRO A 61 5.99 -6.62 4.10
CA PRO A 61 5.92 -6.26 5.53
C PRO A 61 5.93 -4.75 5.73
N LEU A 62 6.04 -4.00 4.64
CA LEU A 62 6.05 -2.55 4.70
C LEU A 62 4.73 -1.96 4.22
N PHE A 63 4.12 -2.62 3.24
CA PHE A 63 2.85 -2.17 2.69
C PHE A 63 1.69 -2.93 3.32
N GLN A 64 1.80 -4.25 3.34
CA GLN A 64 0.75 -5.10 3.91
C GLN A 64 0.32 -4.58 5.28
N ASN A 65 1.27 -4.01 6.03
CA ASN A 65 0.99 -3.48 7.34
C ASN A 65 -0.06 -2.38 7.28
N PHE A 66 -0.01 -1.59 6.21
CA PHE A 66 -0.95 -0.50 6.02
C PHE A 66 -2.39 -1.03 5.94
N GLY A 67 -2.70 -1.66 4.81
CA GLY A 67 -4.03 -2.21 4.62
C GLY A 67 -4.06 -3.72 4.70
N PHE A 68 -3.90 -4.37 3.56
CA PHE A 68 -3.91 -5.82 3.50
C PHE A 68 -3.10 -6.33 2.31
N ILE A 69 -3.50 -5.90 1.11
CA ILE A 69 -2.81 -6.31 -0.11
C ILE A 69 -2.98 -7.81 -0.37
N LEU A 70 -2.85 -8.21 -1.63
CA LEU A 70 -2.99 -9.60 -2.01
C LEU A 70 -2.00 -9.97 -3.11
N ASP A 71 -2.04 -9.22 -4.20
CA ASP A 71 -1.14 -9.46 -5.32
C ASP A 71 0.17 -8.70 -5.15
N PHE A 72 0.12 -7.39 -5.39
CA PHE A 72 1.30 -6.54 -5.27
C PHE A 72 2.34 -6.90 -6.33
N LYS A 73 2.97 -5.87 -6.89
CA LYS A 73 3.99 -6.07 -7.92
C LYS A 73 5.11 -5.05 -7.77
N HIS A 74 6.34 -5.52 -7.92
CA HIS A 74 7.51 -4.65 -7.82
C HIS A 74 7.56 -3.66 -8.98
N TYR A 75 7.52 -4.19 -10.20
CA TYR A 75 7.57 -3.36 -11.39
C TYR A 75 8.82 -2.49 -11.41
N PRO A 76 9.98 -3.15 -11.59
CA PRO A 76 11.28 -2.45 -11.63
C PRO A 76 11.44 -1.61 -12.88
N GLU A 77 10.79 -2.02 -13.96
CA GLU A 77 10.87 -1.29 -15.23
C GLU A 77 10.58 0.20 -15.02
N LYS A 78 9.31 0.52 -14.81
CA LYS A 78 8.90 1.90 -14.60
C LYS A 78 9.62 2.50 -13.40
N GLY A 79 9.70 1.73 -12.32
CA GLY A 79 10.36 2.20 -11.12
C GLY A 79 9.39 2.45 -9.98
N CYS A 80 8.29 1.70 -9.97
CA CYS A 80 7.29 1.85 -8.93
C CYS A 80 6.57 0.53 -8.67
N CYS A 81 6.16 0.31 -7.42
CA CYS A 81 5.47 -0.92 -7.05
C CYS A 81 3.96 -0.71 -7.06
N PHE A 82 3.26 -1.57 -7.80
CA PHE A 82 1.81 -1.48 -7.91
C PHE A 82 1.14 -2.42 -6.91
N ILE A 83 0.20 -1.88 -6.14
CA ILE A 83 -0.52 -2.68 -5.14
C ILE A 83 -2.02 -2.59 -5.35
N LYS A 84 -2.62 -3.70 -5.80
CA LYS A 84 -4.05 -3.74 -6.04
C LYS A 84 -4.81 -4.15 -4.78
N TYR A 85 -4.84 -3.26 -3.80
CA TYR A 85 -5.52 -3.53 -2.54
C TYR A 85 -6.92 -4.09 -2.78
N ASP A 86 -7.50 -4.67 -1.74
CA ASP A 86 -8.84 -5.24 -1.85
C ASP A 86 -9.89 -4.13 -1.96
N THR A 87 -9.66 -3.03 -1.26
CA THR A 87 -10.58 -1.91 -1.27
C THR A 87 -9.87 -0.61 -1.66
N HIS A 88 -10.64 0.37 -2.10
CA HIS A 88 -10.09 1.66 -2.50
C HIS A 88 -9.67 2.47 -1.28
N GLU A 89 -10.25 2.14 -0.13
CA GLU A 89 -9.94 2.85 1.11
C GLU A 89 -8.74 2.20 1.81
N GLN A 90 -7.95 1.45 1.06
CA GLN A 90 -6.77 0.79 1.60
C GLN A 90 -5.50 1.29 0.94
N ALA A 91 -5.41 1.14 -0.37
CA ALA A 91 -4.24 1.59 -1.12
C ALA A 91 -3.97 3.08 -0.89
N ALA A 92 -5.03 3.88 -0.96
CA ALA A 92 -4.91 5.31 -0.75
C ALA A 92 -4.17 5.63 0.54
N VAL A 93 -4.40 4.80 1.57
CA VAL A 93 -3.75 5.00 2.86
C VAL A 93 -2.24 4.95 2.72
N CYS A 94 -1.76 4.16 1.77
CA CYS A 94 -0.32 4.02 1.54
C CYS A 94 0.28 5.36 1.11
N ILE A 95 -0.40 6.04 0.21
CA ILE A 95 0.07 7.33 -0.29
C ILE A 95 0.27 8.33 0.86
N VAL A 96 -0.53 8.17 1.91
CA VAL A 96 -0.46 9.05 3.06
C VAL A 96 0.19 8.34 4.24
N ALA A 97 0.66 7.11 4.01
CA ALA A 97 1.30 6.32 5.05
C ALA A 97 2.81 6.45 4.99
N LEU A 98 3.34 6.55 3.77
CA LEU A 98 4.78 6.67 3.56
C LEU A 98 5.13 8.04 3.01
N ALA A 99 4.82 8.25 1.73
CA ALA A 99 5.10 9.53 1.08
C ALA A 99 6.53 9.99 1.36
N ASN A 100 7.46 9.54 0.52
CA ASN A 100 8.86 9.90 0.68
C ASN A 100 9.43 9.33 1.98
N PHE A 101 9.18 8.05 2.21
CA PHE A 101 9.66 7.38 3.42
C PHE A 101 11.11 6.93 3.25
N PRO A 102 11.88 7.02 4.35
CA PRO A 102 13.30 6.63 4.34
C PRO A 102 13.48 5.13 4.21
N PHE A 103 13.94 4.70 3.04
CA PHE A 103 14.16 3.28 2.78
C PHE A 103 15.66 2.96 2.69
N GLN A 104 16.32 2.93 3.83
CA GLN A 104 17.76 2.65 3.88
C GLN A 104 18.54 3.75 3.18
N GLY A 105 18.06 4.99 3.29
CA GLY A 105 18.73 6.11 2.67
C GLY A 105 18.16 6.44 1.30
N ARG A 106 16.84 6.55 1.23
CA ARG A 106 16.18 6.86 -0.03
C ARG A 106 14.82 7.50 0.22
N ASN A 107 14.32 8.24 -0.76
CA ASN A 107 13.03 8.91 -0.64
C ASN A 107 12.04 8.37 -1.67
N LEU A 108 11.32 7.33 -1.29
CA LEU A 108 10.33 6.72 -2.18
C LEU A 108 9.30 7.74 -2.64
N ARG A 109 8.31 7.28 -3.39
CA ARG A 109 7.25 8.16 -3.89
C ARG A 109 5.88 7.58 -3.59
N THR A 110 4.84 8.34 -3.91
CA THR A 110 3.46 7.91 -3.68
C THR A 110 2.52 8.47 -4.73
N GLY A 111 1.36 7.83 -4.89
CA GLY A 111 0.39 8.28 -5.86
C GLY A 111 -0.67 7.24 -6.15
N TRP A 112 -1.58 7.56 -7.06
CA TRP A 112 -2.65 6.64 -7.42
C TRP A 112 -2.27 5.80 -8.63
N GLY A 113 -2.73 4.55 -8.66
CA GLY A 113 -2.41 3.67 -9.77
C GLY A 113 -3.25 3.96 -11.00
N LYS A 114 -2.98 3.26 -12.08
CA LYS A 114 -3.71 3.45 -13.33
C LYS A 114 -3.44 2.29 -14.30
N GLU A 115 -4.50 1.56 -14.64
CA GLU A 115 -4.37 0.44 -15.56
C GLU A 115 -4.76 0.84 -16.98
N ARG A 116 -5.81 1.64 -17.09
CA ARG A 116 -6.29 2.10 -18.38
C ARG A 116 -6.84 3.53 -18.29
N GLY A 1 -0.10 -8.44 12.94
CA GLY A 1 0.12 -9.23 14.14
C GLY A 1 1.18 -10.30 13.95
N SER A 2 0.75 -11.53 13.71
CA SER A 2 1.68 -12.63 13.52
C SER A 2 1.01 -13.76 12.71
N GLY A 3 1.49 -13.94 11.48
CA GLY A 3 0.94 -14.99 10.63
C GLY A 3 1.34 -14.81 9.18
N TYR A 4 2.20 -15.70 8.70
CA TYR A 4 2.67 -15.63 7.32
C TYR A 4 3.37 -14.30 7.03
N THR A 5 3.85 -14.14 5.80
CA THR A 5 4.53 -12.92 5.40
C THR A 5 4.15 -12.52 3.99
N ASN A 6 4.12 -13.50 3.08
CA ASN A 6 3.77 -13.24 1.69
C ASN A 6 2.37 -12.66 1.58
N TYR A 7 1.85 -12.59 0.35
CA TYR A 7 0.52 -12.06 0.11
C TYR A 7 -0.50 -13.18 -0.07
N ASN A 8 -1.16 -13.55 1.02
CA ASN A 8 -2.17 -14.62 0.99
C ASN A 8 -3.54 -14.06 1.31
N ASN A 9 -4.43 -14.08 0.31
CA ASN A 9 -5.79 -13.59 0.48
C ASN A 9 -6.81 -14.63 0.02
N GLY A 10 -7.70 -15.02 0.92
CA GLY A 10 -8.72 -16.00 0.58
C GLY A 10 -9.66 -16.28 1.73
N SER A 11 -9.89 -17.56 2.02
CA SER A 11 -10.78 -17.95 3.10
C SER A 11 -10.17 -17.65 4.46
N ASN A 12 -11.01 -17.39 5.45
CA ASN A 12 -10.54 -17.08 6.80
C ASN A 12 -9.51 -15.96 6.77
N TYR A 13 -9.78 -14.93 5.99
CA TYR A 13 -8.88 -13.79 5.88
C TYR A 13 -9.65 -12.48 5.93
N THR A 14 -8.91 -11.37 5.86
CA THR A 14 -9.52 -10.05 5.89
C THR A 14 -10.45 -9.91 7.09
N GLN A 15 -11.21 -8.81 7.13
CA GLN A 15 -12.14 -8.56 8.22
C GLN A 15 -13.40 -7.87 7.71
N LYS A 16 -14.43 -7.84 8.55
CA LYS A 16 -15.69 -7.21 8.19
C LYS A 16 -15.92 -5.93 8.99
N LYS A 17 -15.48 -4.81 8.43
CA LYS A 17 -15.63 -3.51 9.09
C LYS A 17 -17.00 -2.92 8.80
N GLN A 18 -17.17 -2.41 7.58
CA GLN A 18 -18.43 -1.80 7.18
C GLN A 18 -18.86 -0.72 8.16
N THR A 19 -18.01 0.29 8.33
CA THR A 19 -18.30 1.38 9.26
C THR A 19 -17.62 2.68 8.80
N ILE A 20 -17.87 3.76 9.53
CA ILE A 20 -17.28 5.04 9.21
C ILE A 20 -15.76 4.94 9.03
N GLY A 21 -15.15 4.04 9.80
CA GLY A 21 -13.72 3.86 9.73
C GLY A 21 -12.98 4.53 10.87
N LEU A 22 -12.14 3.77 11.56
CA LEU A 22 -11.37 4.30 12.67
C LEU A 22 -9.98 4.75 12.23
N PRO A 23 -9.39 5.69 12.97
CA PRO A 23 -8.05 6.22 12.67
C PRO A 23 -6.96 5.19 12.91
N PRO A 24 -6.31 4.74 11.83
CA PRO A 24 -5.23 3.76 11.90
C PRO A 24 -3.97 4.33 12.53
N GLN A 25 -2.88 3.56 12.47
CA GLN A 25 -1.61 4.00 13.04
C GLN A 25 -1.08 5.22 12.31
N VAL A 26 -1.30 5.27 11.00
CA VAL A 26 -0.84 6.39 10.18
C VAL A 26 -1.78 7.58 10.32
N ASN A 27 -1.23 8.78 10.18
CA ASN A 27 -2.02 10.01 10.29
C ASN A 27 -3.27 9.92 9.43
N PRO A 28 -4.44 9.78 10.09
CA PRO A 28 -5.73 9.67 9.41
C PRO A 28 -6.14 10.99 8.77
N GLN A 29 -5.77 12.10 9.40
CA GLN A 29 -6.11 13.42 8.89
C GLN A 29 -5.51 13.63 7.49
N ALA A 30 -4.34 13.06 7.26
CA ALA A 30 -3.67 13.19 5.98
C ALA A 30 -4.14 12.11 5.01
N VAL A 31 -5.16 11.36 5.40
CA VAL A 31 -5.71 10.29 4.58
C VAL A 31 -7.01 10.71 3.92
N ASP A 32 -7.82 11.46 4.66
CA ASP A 32 -9.10 11.94 4.14
C ASP A 32 -8.92 12.61 2.78
N HIS A 33 -7.79 13.30 2.61
CA HIS A 33 -7.51 13.99 1.36
C HIS A 33 -7.15 13.00 0.27
N ILE A 34 -6.46 11.92 0.64
CA ILE A 34 -6.06 10.89 -0.31
C ILE A 34 -7.26 10.06 -0.77
N ILE A 35 -8.05 9.61 0.19
CA ILE A 35 -9.23 8.81 -0.10
C ILE A 35 -10.20 9.57 -1.02
N ARG A 36 -10.27 10.88 -0.84
CA ARG A 36 -11.15 11.71 -1.66
C ARG A 36 -10.39 12.31 -2.84
N SER A 37 -9.36 11.60 -3.30
CA SER A 37 -8.55 12.06 -4.42
C SER A 37 -8.61 11.07 -5.58
N ALA A 38 -9.75 10.39 -5.70
CA ALA A 38 -9.94 9.41 -6.77
C ALA A 38 -11.33 8.79 -6.71
N PRO A 39 -11.77 8.21 -7.84
CA PRO A 39 -13.09 7.58 -7.93
C PRO A 39 -13.18 6.30 -7.11
N PRO A 40 -14.40 5.92 -6.72
CA PRO A 40 -14.65 4.72 -5.92
C PRO A 40 -14.42 3.44 -6.73
N ARG A 41 -13.17 3.20 -7.10
CA ARG A 41 -12.81 2.02 -7.87
C ARG A 41 -11.31 1.99 -8.17
N VAL A 42 -10.52 2.45 -7.21
CA VAL A 42 -9.07 2.47 -7.36
C VAL A 42 -8.37 2.08 -6.07
N THR A 43 -8.02 0.80 -5.96
CA THR A 43 -7.35 0.29 -4.77
C THR A 43 -5.86 0.10 -5.02
N THR A 44 -5.49 -0.06 -6.29
CA THR A 44 -4.09 -0.25 -6.66
C THR A 44 -3.22 0.89 -6.15
N ALA A 45 -2.47 0.64 -5.09
CA ALA A 45 -1.60 1.65 -4.51
C ALA A 45 -0.56 2.12 -5.52
N TYR A 46 0.42 2.88 -5.05
CA TYR A 46 1.46 3.41 -5.92
C TYR A 46 2.48 4.22 -5.11
N ILE A 47 3.71 3.72 -5.04
CA ILE A 47 4.77 4.40 -4.31
C ILE A 47 5.62 5.26 -5.24
N GLY A 48 6.53 4.62 -5.97
CA GLY A 48 7.39 5.33 -6.89
C GLY A 48 8.74 5.65 -6.29
N ASN A 49 9.68 6.06 -7.13
CA ASN A 49 11.03 6.39 -6.68
C ASN A 49 11.67 5.20 -5.98
N ILE A 50 11.52 4.02 -6.57
CA ILE A 50 12.10 2.80 -6.01
C ILE A 50 13.41 2.44 -6.70
N PRO A 51 14.43 2.12 -5.89
CA PRO A 51 15.76 1.76 -6.41
C PRO A 51 15.75 0.40 -7.10
N HIS A 52 16.48 0.29 -8.20
CA HIS A 52 16.56 -0.96 -8.95
C HIS A 52 16.91 -2.12 -8.04
N PHE A 53 17.67 -1.83 -6.98
CA PHE A 53 18.07 -2.86 -6.03
C PHE A 53 17.07 -2.97 -4.90
N ALA A 54 15.79 -2.92 -5.24
CA ALA A 54 14.72 -3.03 -4.26
C ALA A 54 14.07 -4.41 -4.29
N THR A 55 14.59 -5.32 -3.47
CA THR A 55 14.06 -6.68 -3.41
C THR A 55 12.64 -6.69 -2.86
N GLU A 56 11.71 -7.21 -3.66
CA GLU A 56 10.31 -7.29 -3.27
C GLU A 56 10.17 -7.95 -1.89
N ALA A 57 11.02 -8.92 -1.62
CA ALA A 57 11.00 -9.63 -0.35
C ALA A 57 11.11 -8.66 0.82
N ASP A 58 11.80 -7.55 0.59
CA ASP A 58 11.99 -6.54 1.63
C ASP A 58 10.84 -5.53 1.61
N LEU A 59 10.05 -5.56 0.56
CA LEU A 59 8.91 -4.65 0.41
C LEU A 59 7.69 -5.20 1.13
N ILE A 60 7.54 -6.52 1.11
CA ILE A 60 6.41 -7.17 1.76
C ILE A 60 6.33 -6.80 3.23
N PRO A 61 7.46 -6.94 3.94
CA PRO A 61 7.54 -6.62 5.37
C PRO A 61 7.45 -5.12 5.64
N LEU A 62 7.44 -4.33 4.56
CA LEU A 62 7.35 -2.88 4.68
C LEU A 62 5.93 -2.40 4.41
N PHE A 63 5.23 -3.09 3.52
CA PHE A 63 3.86 -2.73 3.18
C PHE A 63 2.86 -3.54 4.00
N GLN A 64 3.06 -4.86 4.01
CA GLN A 64 2.18 -5.76 4.76
C GLN A 64 1.97 -5.26 6.18
N ASN A 65 3.01 -4.65 6.75
CA ASN A 65 2.94 -4.12 8.11
C ASN A 65 1.81 -3.10 8.25
N PHE A 66 1.58 -2.34 7.19
CA PHE A 66 0.53 -1.33 7.19
C PHE A 66 -0.84 -1.96 7.41
N GLY A 67 -1.32 -2.68 6.39
CA GLY A 67 -2.62 -3.33 6.50
C GLY A 67 -2.60 -4.74 5.93
N PHE A 68 -3.12 -4.89 4.72
CA PHE A 68 -3.18 -6.20 4.08
C PHE A 68 -2.89 -6.07 2.58
N ILE A 69 -2.08 -7.00 2.07
CA ILE A 69 -1.73 -6.99 0.65
C ILE A 69 -2.36 -8.18 -0.08
N LEU A 70 -3.04 -7.88 -1.18
CA LEU A 70 -3.69 -8.92 -1.97
C LEU A 70 -2.81 -9.34 -3.15
N ASP A 71 -2.51 -8.40 -4.03
CA ASP A 71 -1.67 -8.67 -5.19
C ASP A 71 -0.55 -7.64 -5.31
N PHE A 72 0.64 -8.02 -4.87
CA PHE A 72 1.80 -7.13 -4.93
C PHE A 72 2.64 -7.40 -6.18
N LYS A 73 3.36 -6.39 -6.64
CA LYS A 73 4.20 -6.52 -7.81
C LYS A 73 5.27 -5.43 -7.83
N HIS A 74 6.01 -5.37 -8.93
CA HIS A 74 7.07 -4.36 -9.08
C HIS A 74 7.70 -4.45 -10.48
N TYR A 75 8.08 -3.29 -11.02
CA TYR A 75 8.68 -3.23 -12.34
C TYR A 75 10.13 -2.74 -12.25
N PRO A 76 10.97 -3.21 -13.18
CA PRO A 76 12.38 -2.83 -13.24
C PRO A 76 12.58 -1.37 -13.65
N GLU A 77 11.92 -0.98 -14.74
CA GLU A 77 12.01 0.39 -15.24
C GLU A 77 11.22 1.35 -14.36
N LYS A 78 9.91 1.21 -14.37
CA LYS A 78 9.04 2.06 -13.57
C LYS A 78 9.51 2.12 -12.12
N GLY A 79 9.53 0.97 -11.46
CA GLY A 79 9.96 0.91 -10.08
C GLY A 79 8.81 1.05 -9.10
N CYS A 80 7.84 1.89 -9.45
CA CYS A 80 6.68 2.12 -8.60
C CYS A 80 6.04 0.79 -8.19
N CYS A 81 5.71 0.68 -6.91
CA CYS A 81 5.09 -0.54 -6.38
C CYS A 81 3.57 -0.41 -6.37
N PHE A 82 2.90 -1.44 -6.88
CA PHE A 82 1.44 -1.44 -6.93
C PHE A 82 0.87 -2.43 -5.91
N ILE A 83 -0.10 -1.96 -5.14
CA ILE A 83 -0.74 -2.79 -4.12
C ILE A 83 -2.25 -2.60 -4.12
N LYS A 84 -2.96 -3.53 -4.75
CA LYS A 84 -4.42 -3.46 -4.82
C LYS A 84 -5.05 -4.02 -3.54
N TYR A 85 -5.15 -3.17 -2.53
CA TYR A 85 -5.73 -3.58 -1.25
C TYR A 85 -7.16 -4.08 -1.44
N ASP A 86 -7.82 -4.42 -0.34
CA ASP A 86 -9.18 -4.92 -0.38
C ASP A 86 -10.17 -3.78 -0.59
N THR A 87 -9.93 -2.66 0.08
CA THR A 87 -10.80 -1.50 -0.05
C THR A 87 -10.01 -0.26 -0.44
N HIS A 88 -10.72 0.77 -0.92
CA HIS A 88 -10.08 2.01 -1.34
C HIS A 88 -9.53 2.76 -0.14
N GLU A 89 -10.08 2.48 1.04
CA GLU A 89 -9.65 3.13 2.27
C GLU A 89 -8.55 2.32 2.96
N GLN A 90 -7.72 1.66 2.16
CA GLN A 90 -6.64 0.85 2.70
C GLN A 90 -5.32 1.20 2.04
N ALA A 91 -5.25 1.05 0.72
CA ALA A 91 -4.05 1.35 -0.04
C ALA A 91 -3.64 2.81 0.14
N ALA A 92 -4.63 3.70 0.19
CA ALA A 92 -4.38 5.13 0.35
C ALA A 92 -3.50 5.38 1.57
N VAL A 93 -3.69 4.58 2.62
CA VAL A 93 -2.91 4.72 3.84
C VAL A 93 -1.42 4.53 3.57
N CYS A 94 -1.11 3.82 2.49
CA CYS A 94 0.27 3.56 2.12
C CYS A 94 0.95 4.82 1.61
N ILE A 95 0.16 5.73 1.05
CA ILE A 95 0.67 6.99 0.52
C ILE A 95 1.09 7.92 1.64
N VAL A 96 0.37 7.85 2.77
CA VAL A 96 0.67 8.69 3.92
C VAL A 96 1.48 7.92 4.96
N ALA A 97 1.60 6.62 4.77
CA ALA A 97 2.35 5.77 5.69
C ALA A 97 3.85 5.91 5.47
N LEU A 98 4.25 6.03 4.21
CA LEU A 98 5.66 6.16 3.86
C LEU A 98 5.96 7.58 3.38
N ALA A 99 5.43 7.93 2.22
CA ALA A 99 5.63 9.25 1.65
C ALA A 99 7.09 9.70 1.81
N ASN A 100 7.94 9.25 0.90
CA ASN A 100 9.36 9.59 0.95
C ASN A 100 10.03 8.99 2.17
N PHE A 101 9.95 7.66 2.28
CA PHE A 101 10.54 6.96 3.41
C PHE A 101 11.97 6.51 3.07
N PRO A 102 12.84 6.52 4.09
CA PRO A 102 14.24 6.11 3.92
C PRO A 102 14.39 4.61 3.68
N PHE A 103 14.65 4.24 2.43
CA PHE A 103 14.81 2.84 2.07
C PHE A 103 16.28 2.47 1.95
N GLN A 104 17.02 3.25 1.17
CA GLN A 104 18.44 3.00 0.97
C GLN A 104 19.16 4.28 0.57
N GLY A 105 18.89 5.36 1.29
CA GLY A 105 19.52 6.63 1.00
C GLY A 105 18.67 7.51 0.10
N ARG A 106 17.90 6.87 -0.79
CA ARG A 106 17.05 7.60 -1.72
C ARG A 106 15.67 7.86 -1.10
N ASN A 107 15.05 8.97 -1.48
CA ASN A 107 13.74 9.33 -0.96
C ASN A 107 12.64 8.82 -1.89
N LEU A 108 11.98 7.75 -1.46
CA LEU A 108 10.89 7.16 -2.26
C LEU A 108 9.80 8.19 -2.52
N ARG A 109 8.71 7.74 -3.14
CA ARG A 109 7.60 8.62 -3.46
C ARG A 109 6.27 7.96 -3.12
N THR A 110 5.17 8.56 -3.57
CA THR A 110 3.84 8.02 -3.31
C THR A 110 2.83 8.53 -4.34
N GLY A 111 1.61 8.03 -4.26
CA GLY A 111 0.57 8.45 -5.19
C GLY A 111 -0.49 7.38 -5.38
N TRP A 112 -1.48 7.69 -6.22
CA TRP A 112 -2.56 6.75 -6.49
C TRP A 112 -2.26 5.91 -7.74
N GLY A 113 -2.69 4.66 -7.72
CA GLY A 113 -2.45 3.78 -8.85
C GLY A 113 -3.71 3.50 -9.64
N LYS A 114 -3.73 3.94 -10.90
CA LYS A 114 -4.89 3.73 -11.76
C LYS A 114 -4.53 2.85 -12.95
N GLU A 115 -5.48 2.68 -13.87
CA GLU A 115 -5.26 1.85 -15.06
C GLU A 115 -4.99 0.40 -14.66
N ARG A 116 -4.89 -0.46 -15.67
CA ARG A 116 -4.63 -1.88 -15.42
C ARG A 116 -3.16 -2.21 -15.69
N GLY A 1 1.78 -19.65 13.45
CA GLY A 1 1.95 -18.25 13.13
C GLY A 1 0.87 -17.73 12.20
N SER A 2 1.16 -16.63 11.53
CA SER A 2 0.20 -16.03 10.59
C SER A 2 0.90 -15.07 9.64
N GLY A 3 0.67 -15.28 8.34
CA GLY A 3 1.30 -14.43 7.34
C GLY A 3 2.68 -14.90 6.95
N TYR A 4 3.64 -14.76 7.87
CA TYR A 4 5.01 -15.17 7.63
C TYR A 4 5.56 -14.48 6.38
N THR A 5 5.46 -13.15 6.35
CA THR A 5 5.95 -12.38 5.21
C THR A 5 5.29 -12.83 3.92
N ASN A 6 4.05 -12.39 3.71
CA ASN A 6 3.32 -12.74 2.50
C ASN A 6 1.97 -12.03 2.46
N TYR A 7 1.29 -12.13 1.32
CA TYR A 7 -0.01 -11.49 1.15
C TYR A 7 -1.14 -12.43 1.56
N ASN A 8 -2.37 -12.05 1.23
CA ASN A 8 -3.54 -12.86 1.57
C ASN A 8 -4.67 -12.63 0.57
N ASN A 9 -5.86 -13.10 0.92
CA ASN A 9 -7.02 -12.95 0.05
C ASN A 9 -6.85 -13.77 -1.23
N GLY A 10 -7.97 -14.35 -1.70
CA GLY A 10 -7.92 -15.15 -2.90
C GLY A 10 -8.74 -16.42 -2.78
N SER A 11 -8.77 -16.99 -1.59
CA SER A 11 -9.51 -18.22 -1.33
C SER A 11 -9.50 -18.57 0.15
N ASN A 12 -9.65 -17.56 1.00
CA ASN A 12 -9.66 -17.76 2.44
C ASN A 12 -10.72 -16.89 3.11
N TYR A 13 -10.45 -15.59 3.19
CA TYR A 13 -11.39 -14.65 3.80
C TYR A 13 -10.91 -13.22 3.63
N THR A 14 -11.81 -12.27 3.89
CA THR A 14 -11.48 -10.85 3.76
C THR A 14 -11.67 -10.12 5.09
N GLN A 15 -11.25 -8.85 5.12
CA GLN A 15 -11.37 -8.05 6.32
C GLN A 15 -10.64 -8.69 7.49
N LYS A 16 -9.40 -8.25 7.71
CA LYS A 16 -8.59 -8.79 8.80
C LYS A 16 -8.13 -7.67 9.73
N LYS A 17 -9.08 -6.83 10.16
CA LYS A 17 -8.78 -5.73 11.06
C LYS A 17 -10.05 -5.20 11.71
N GLN A 18 -10.38 -5.72 12.88
CA GLN A 18 -11.57 -5.29 13.60
C GLN A 18 -11.22 -4.27 14.68
N THR A 19 -11.42 -3.00 14.36
CA THR A 19 -11.13 -1.92 15.29
C THR A 19 -12.19 -0.82 15.23
N ILE A 20 -12.50 -0.24 16.38
CA ILE A 20 -13.50 0.82 16.46
C ILE A 20 -13.09 1.89 17.47
N GLY A 21 -13.22 3.14 17.06
CA GLY A 21 -12.86 4.24 17.94
C GLY A 21 -11.67 5.02 17.43
N LEU A 22 -10.65 4.30 16.97
CA LEU A 22 -9.44 4.93 16.45
C LEU A 22 -9.02 4.31 15.13
N PRO A 23 -8.21 5.05 14.36
CA PRO A 23 -7.71 4.59 13.06
C PRO A 23 -6.71 3.44 13.19
N PRO A 24 -6.40 2.79 12.05
CA PRO A 24 -5.46 1.68 12.02
C PRO A 24 -4.03 2.12 12.26
N GLN A 25 -3.60 3.17 11.56
CA GLN A 25 -2.25 3.69 11.70
C GLN A 25 -2.22 5.19 11.45
N VAL A 26 -2.31 5.57 10.17
CA VAL A 26 -2.30 6.98 9.79
C VAL A 26 -3.68 7.60 9.95
N ASN A 27 -3.70 8.91 10.21
CA ASN A 27 -4.96 9.64 10.39
C ASN A 27 -5.79 9.58 9.12
N PRO A 28 -7.12 9.61 9.29
CA PRO A 28 -8.07 9.56 8.17
C PRO A 28 -8.05 10.84 7.34
N GLN A 29 -7.77 11.96 8.00
CA GLN A 29 -7.73 13.25 7.33
C GLN A 29 -6.61 13.28 6.29
N ALA A 30 -5.41 12.89 6.71
CA ALA A 30 -4.26 12.87 5.80
C ALA A 30 -4.57 12.09 4.53
N VAL A 31 -5.01 10.85 4.69
CA VAL A 31 -5.34 10.00 3.55
C VAL A 31 -6.56 10.54 2.81
N ASP A 32 -7.48 11.15 3.54
CA ASP A 32 -8.69 11.71 2.95
C ASP A 32 -8.34 12.61 1.76
N HIS A 33 -7.28 13.40 1.92
CA HIS A 33 -6.85 14.31 0.86
C HIS A 33 -6.48 13.54 -0.39
N ILE A 34 -5.92 12.34 -0.21
CA ILE A 34 -5.50 11.51 -1.33
C ILE A 34 -6.73 10.90 -2.03
N ILE A 35 -7.68 10.42 -1.23
CA ILE A 35 -8.88 9.81 -1.76
C ILE A 35 -9.55 10.72 -2.79
N ARG A 36 -9.46 12.03 -2.56
CA ARG A 36 -10.05 13.01 -3.48
C ARG A 36 -9.43 12.90 -4.86
N SER A 37 -8.14 12.57 -4.91
CA SER A 37 -7.44 12.43 -6.19
C SER A 37 -8.20 11.51 -7.14
N ALA A 38 -8.12 10.21 -6.87
CA ALA A 38 -8.81 9.22 -7.70
C ALA A 38 -10.25 9.04 -7.27
N PRO A 39 -11.08 8.49 -8.16
CA PRO A 39 -12.50 8.25 -7.89
C PRO A 39 -12.72 7.15 -6.86
N PRO A 40 -13.92 7.09 -6.29
CA PRO A 40 -14.29 6.09 -5.28
C PRO A 40 -14.41 4.68 -5.89
N ARG A 41 -13.29 4.16 -6.38
CA ARG A 41 -13.27 2.84 -6.98
C ARG A 41 -11.84 2.34 -7.16
N VAL A 42 -11.01 3.16 -7.79
CA VAL A 42 -9.61 2.81 -8.02
C VAL A 42 -8.94 2.36 -6.73
N THR A 43 -8.33 1.17 -6.76
CA THR A 43 -7.65 0.62 -5.59
C THR A 43 -6.16 0.41 -5.88
N THR A 44 -5.84 0.18 -7.14
CA THR A 44 -4.46 -0.05 -7.55
C THR A 44 -3.56 1.09 -7.09
N ALA A 45 -2.82 0.86 -6.01
CA ALA A 45 -1.92 1.87 -5.47
C ALA A 45 -0.86 2.26 -6.49
N TYR A 46 0.13 3.01 -6.04
CA TYR A 46 1.21 3.46 -6.91
C TYR A 46 2.27 4.22 -6.13
N ILE A 47 3.53 3.81 -6.29
CA ILE A 47 4.64 4.45 -5.60
C ILE A 47 5.78 4.76 -6.57
N GLY A 48 6.67 5.65 -6.14
CA GLY A 48 7.80 6.03 -6.98
C GLY A 48 9.11 6.04 -6.21
N ASN A 49 10.20 6.31 -6.92
CA ASN A 49 11.52 6.35 -6.31
C ASN A 49 11.78 5.09 -5.49
N ILE A 50 11.17 3.99 -5.90
CA ILE A 50 11.34 2.72 -5.21
C ILE A 50 12.70 2.11 -5.49
N PRO A 51 13.41 1.71 -4.42
CA PRO A 51 14.74 1.10 -4.53
C PRO A 51 14.69 -0.29 -5.14
N HIS A 52 15.51 -0.51 -6.17
CA HIS A 52 15.56 -1.80 -6.86
C HIS A 52 16.17 -2.86 -5.95
N PHE A 53 17.01 -2.42 -5.01
CA PHE A 53 17.65 -3.34 -4.08
C PHE A 53 16.82 -3.52 -2.81
N ALA A 54 15.51 -3.63 -3.00
CA ALA A 54 14.60 -3.81 -1.87
C ALA A 54 13.66 -4.99 -2.10
N THR A 55 14.12 -6.19 -1.75
CA THR A 55 13.32 -7.39 -1.92
C THR A 55 11.93 -7.23 -1.32
N GLU A 56 10.94 -7.83 -1.96
CA GLU A 56 9.56 -7.76 -1.50
C GLU A 56 9.47 -8.11 0.00
N ALA A 57 10.39 -8.97 0.44
CA ALA A 57 10.42 -9.39 1.83
C ALA A 57 10.38 -8.20 2.77
N ASP A 58 10.89 -7.06 2.30
CA ASP A 58 10.91 -5.84 3.09
C ASP A 58 9.74 -4.93 2.74
N LEU A 59 9.26 -5.06 1.50
CA LEU A 59 8.14 -4.25 1.03
C LEU A 59 6.83 -4.70 1.67
N ILE A 60 6.62 -6.01 1.71
CA ILE A 60 5.40 -6.57 2.29
C ILE A 60 5.17 -6.01 3.69
N PRO A 61 6.16 -6.17 4.58
CA PRO A 61 6.08 -5.68 5.96
C PRO A 61 6.14 -4.16 6.04
N LEU A 62 6.31 -3.52 4.89
CA LEU A 62 6.38 -2.06 4.84
C LEU A 62 5.05 -1.47 4.39
N PHE A 63 4.39 -2.16 3.45
CA PHE A 63 3.10 -1.70 2.94
C PHE A 63 1.95 -2.37 3.68
N GLN A 64 2.02 -3.69 3.79
CA GLN A 64 0.98 -4.45 4.48
C GLN A 64 0.65 -3.83 5.83
N ASN A 65 1.66 -3.29 6.50
CA ASN A 65 1.47 -2.66 7.79
C ASN A 65 0.41 -1.57 7.73
N PHE A 66 0.35 -0.87 6.59
CA PHE A 66 -0.61 0.19 6.41
C PHE A 66 -2.04 -0.36 6.41
N GLY A 67 -2.34 -1.21 5.43
CA GLY A 67 -3.66 -1.80 5.34
C GLY A 67 -3.62 -3.29 5.07
N PHE A 68 -4.12 -3.70 3.91
CA PHE A 68 -4.14 -5.11 3.54
C PHE A 68 -3.81 -5.29 2.06
N ILE A 69 -2.72 -5.99 1.78
CA ILE A 69 -2.30 -6.22 0.41
C ILE A 69 -3.09 -7.38 -0.21
N LEU A 70 -3.44 -7.23 -1.48
CA LEU A 70 -4.18 -8.26 -2.19
C LEU A 70 -3.34 -8.90 -3.29
N ASP A 71 -2.76 -8.06 -4.15
CA ASP A 71 -1.92 -8.54 -5.24
C ASP A 71 -0.80 -7.55 -5.53
N PHE A 72 0.19 -7.52 -4.63
CA PHE A 72 1.33 -6.62 -4.79
C PHE A 72 2.26 -7.11 -5.90
N LYS A 73 2.51 -6.24 -6.88
CA LYS A 73 3.38 -6.58 -8.00
C LYS A 73 4.51 -5.57 -8.15
N HIS A 74 5.66 -6.02 -8.61
CA HIS A 74 6.82 -5.15 -8.80
C HIS A 74 7.44 -5.36 -10.18
N TYR A 75 7.97 -4.29 -10.74
CA TYR A 75 8.60 -4.35 -12.07
C TYR A 75 10.11 -4.47 -11.94
N PRO A 76 10.73 -5.10 -12.95
CA PRO A 76 12.18 -5.31 -12.98
C PRO A 76 12.94 -3.99 -13.19
N GLU A 77 12.52 -3.23 -14.19
CA GLU A 77 13.16 -1.96 -14.50
C GLU A 77 12.17 -0.80 -14.40
N LYS A 78 11.79 -0.47 -13.17
CA LYS A 78 10.84 0.61 -12.94
C LYS A 78 10.58 0.79 -11.45
N GLY A 79 11.20 1.82 -10.86
CA GLY A 79 11.02 2.09 -9.44
C GLY A 79 9.58 2.47 -9.11
N CYS A 80 8.75 1.46 -8.83
CA CYS A 80 7.36 1.69 -8.49
C CYS A 80 6.74 0.45 -7.86
N CYS A 81 5.53 0.60 -7.34
CA CYS A 81 4.82 -0.51 -6.71
C CYS A 81 3.33 -0.48 -7.04
N PHE A 82 2.77 -1.65 -7.31
CA PHE A 82 1.35 -1.75 -7.65
C PHE A 82 0.63 -2.69 -6.69
N ILE A 83 -0.32 -2.14 -5.94
CA ILE A 83 -1.09 -2.93 -4.99
C ILE A 83 -2.57 -2.59 -5.04
N LYS A 84 -3.36 -3.51 -5.58
CA LYS A 84 -4.81 -3.30 -5.70
C LYS A 84 -5.52 -3.70 -4.40
N TYR A 85 -5.43 -2.84 -3.40
CA TYR A 85 -6.06 -3.10 -2.11
C TYR A 85 -7.53 -3.47 -2.29
N ASP A 86 -8.17 -3.92 -1.22
CA ASP A 86 -9.57 -4.30 -1.26
C ASP A 86 -10.46 -3.06 -1.34
N THR A 87 -10.09 -2.01 -0.63
CA THR A 87 -10.85 -0.77 -0.63
C THR A 87 -10.03 0.38 -1.19
N HIS A 88 -10.72 1.41 -1.67
CA HIS A 88 -10.05 2.57 -2.25
C HIS A 88 -9.19 3.27 -1.21
N GLU A 89 -9.82 3.70 -0.11
CA GLU A 89 -9.11 4.39 0.96
C GLU A 89 -7.91 3.56 1.43
N GLN A 90 -8.06 2.24 1.42
CA GLN A 90 -7.00 1.34 1.85
C GLN A 90 -5.68 1.70 1.17
N ALA A 91 -5.59 1.42 -0.12
CA ALA A 91 -4.38 1.71 -0.88
C ALA A 91 -3.91 3.14 -0.64
N ALA A 92 -4.84 4.09 -0.70
CA ALA A 92 -4.53 5.49 -0.48
C ALA A 92 -3.74 5.68 0.81
N VAL A 93 -4.07 4.89 1.82
CA VAL A 93 -3.40 4.97 3.11
C VAL A 93 -1.88 4.87 2.94
N CYS A 94 -1.45 4.11 1.94
CA CYS A 94 -0.02 3.95 1.68
C CYS A 94 0.57 5.21 1.07
N ILE A 95 -0.24 5.93 0.30
CA ILE A 95 0.20 7.16 -0.33
C ILE A 95 0.46 8.26 0.70
N VAL A 96 -0.29 8.22 1.79
CA VAL A 96 -0.14 9.21 2.86
C VAL A 96 0.71 8.66 4.00
N ALA A 97 0.79 7.33 4.09
CA ALA A 97 1.58 6.68 5.13
C ALA A 97 3.07 6.93 4.92
N LEU A 98 3.51 6.86 3.66
CA LEU A 98 4.90 7.07 3.32
C LEU A 98 5.12 8.45 2.70
N ALA A 99 4.53 8.65 1.52
CA ALA A 99 4.65 9.93 0.81
C ALA A 99 6.03 10.55 1.04
N ASN A 100 6.99 10.16 0.22
CA ASN A 100 8.35 10.67 0.33
C ASN A 100 9.02 10.17 1.60
N PHE A 101 9.04 8.85 1.77
CA PHE A 101 9.66 8.25 2.94
C PHE A 101 11.08 7.80 2.64
N PRO A 102 11.98 7.96 3.62
CA PRO A 102 13.38 7.59 3.49
C PRO A 102 13.58 6.07 3.44
N PHE A 103 13.87 5.56 2.24
CA PHE A 103 14.08 4.13 2.06
C PHE A 103 15.56 3.82 1.82
N GLN A 104 16.39 4.16 2.79
CA GLN A 104 17.82 3.92 2.69
C GLN A 104 18.46 4.86 1.68
N GLY A 105 17.95 6.09 1.60
CA GLY A 105 18.47 7.06 0.66
C GLY A 105 17.82 6.97 -0.70
N ARG A 106 16.49 7.09 -0.73
CA ARG A 106 15.75 7.02 -1.97
C ARG A 106 14.61 8.03 -1.98
N ASN A 107 13.83 8.04 -0.91
CA ASN A 107 12.70 8.96 -0.79
C ASN A 107 11.66 8.69 -1.88
N LEU A 108 10.70 7.83 -1.59
CA LEU A 108 9.66 7.49 -2.55
C LEU A 108 8.91 8.74 -3.01
N ARG A 109 7.89 8.55 -3.83
CA ARG A 109 7.10 9.66 -4.35
C ARG A 109 5.61 9.36 -4.25
N THR A 110 5.29 8.11 -3.91
CA THR A 110 3.89 7.69 -3.78
C THR A 110 3.09 8.10 -5.00
N GLY A 111 1.79 7.86 -4.95
CA GLY A 111 0.91 8.21 -6.07
C GLY A 111 -0.24 7.25 -6.23
N TRP A 112 -1.09 7.50 -7.21
CA TRP A 112 -2.25 6.65 -7.47
C TRP A 112 -2.01 5.76 -8.69
N GLY A 113 -2.78 4.68 -8.79
CA GLY A 113 -2.64 3.78 -9.91
C GLY A 113 -3.93 3.61 -10.70
N LYS A 114 -4.06 2.48 -11.38
CA LYS A 114 -5.26 2.19 -12.17
C LYS A 114 -5.42 0.69 -12.39
N GLU A 115 -6.65 0.27 -12.66
CA GLU A 115 -6.93 -1.14 -12.89
C GLU A 115 -7.03 -1.43 -14.39
N ARG A 116 -6.99 -2.72 -14.74
CA ARG A 116 -7.09 -3.12 -16.13
C ARG A 116 -7.69 -4.53 -16.25
N GLY A 1 12.66 -21.88 12.09
CA GLY A 1 12.47 -21.19 10.83
C GLY A 1 11.17 -20.41 10.79
N SER A 2 11.17 -19.24 11.41
CA SER A 2 9.98 -18.39 11.45
C SER A 2 9.44 -18.15 10.05
N GLY A 3 8.22 -18.60 9.79
CA GLY A 3 7.60 -18.43 8.50
C GLY A 3 7.08 -17.03 8.29
N TYR A 4 7.00 -16.60 7.03
CA TYR A 4 6.51 -15.26 6.70
C TYR A 4 5.03 -15.30 6.35
N THR A 5 4.31 -14.26 6.74
CA THR A 5 2.88 -14.17 6.46
C THR A 5 2.61 -14.07 4.96
N ASN A 6 3.50 -13.37 4.25
CA ASN A 6 3.36 -13.20 2.82
C ASN A 6 2.05 -12.50 2.48
N TYR A 7 1.73 -12.45 1.19
CA TYR A 7 0.50 -11.82 0.73
C TYR A 7 -0.62 -12.84 0.58
N ASN A 8 -1.82 -12.35 0.29
CA ASN A 8 -2.99 -13.22 0.12
C ASN A 8 -4.24 -12.40 -0.21
N ASN A 9 -4.95 -12.81 -1.26
CA ASN A 9 -6.16 -12.11 -1.67
C ASN A 9 -7.37 -12.64 -0.91
N GLY A 10 -8.06 -11.74 -0.22
CA GLY A 10 -9.23 -12.14 0.54
C GLY A 10 -10.51 -11.99 -0.25
N SER A 11 -10.70 -12.85 -1.24
CA SER A 11 -11.89 -12.81 -2.08
C SER A 11 -13.15 -13.03 -1.25
N ASN A 12 -13.97 -11.99 -1.14
CA ASN A 12 -15.21 -12.07 -0.37
C ASN A 12 -14.92 -12.35 1.10
N TYR A 13 -13.85 -11.76 1.60
CA TYR A 13 -13.46 -11.94 3.00
C TYR A 13 -12.39 -10.94 3.40
N THR A 14 -12.82 -9.78 3.89
CA THR A 14 -11.89 -8.74 4.31
C THR A 14 -11.49 -8.92 5.76
N GLN A 15 -10.30 -8.43 6.12
CA GLN A 15 -9.80 -8.53 7.48
C GLN A 15 -10.37 -7.43 8.36
N LYS A 16 -10.26 -6.18 7.90
CA LYS A 16 -10.76 -5.04 8.64
C LYS A 16 -12.28 -5.08 8.73
N LYS A 17 -12.79 -5.53 9.87
CA LYS A 17 -14.23 -5.62 10.08
C LYS A 17 -14.86 -4.22 10.12
N GLN A 18 -15.88 -4.02 9.30
CA GLN A 18 -16.57 -2.73 9.25
C GLN A 18 -17.36 -2.48 10.53
N THR A 19 -16.75 -1.76 11.46
CA THR A 19 -17.39 -1.45 12.73
C THR A 19 -16.98 -0.06 13.23
N ILE A 20 -17.65 0.40 14.28
CA ILE A 20 -17.36 1.71 14.85
C ILE A 20 -16.27 1.61 15.91
N GLY A 21 -15.33 2.55 15.86
CA GLY A 21 -14.24 2.55 16.83
C GLY A 21 -13.28 3.70 16.61
N LEU A 22 -12.02 3.37 16.32
CA LEU A 22 -11.00 4.38 16.08
C LEU A 22 -10.51 4.35 14.64
N PRO A 23 -10.01 5.49 14.16
CA PRO A 23 -9.49 5.61 12.80
C PRO A 23 -8.19 4.82 12.59
N PRO A 24 -7.80 4.67 11.31
CA PRO A 24 -6.57 3.95 10.95
C PRO A 24 -5.31 4.70 11.36
N GLN A 25 -4.16 4.19 10.92
CA GLN A 25 -2.89 4.82 11.25
C GLN A 25 -2.56 5.93 10.26
N VAL A 26 -1.47 6.65 10.52
CA VAL A 26 -1.05 7.75 9.65
C VAL A 26 -2.07 8.88 9.66
N ASN A 27 -1.61 10.10 9.39
CA ASN A 27 -2.48 11.26 9.36
C ASN A 27 -3.71 11.00 8.50
N PRO A 28 -4.87 10.85 9.17
CA PRO A 28 -6.15 10.61 8.47
C PRO A 28 -6.63 11.82 7.69
N GLN A 29 -6.36 13.01 8.21
CA GLN A 29 -6.76 14.24 7.56
C GLN A 29 -6.15 14.35 6.16
N ALA A 30 -4.94 13.82 6.01
CA ALA A 30 -4.24 13.85 4.73
C ALA A 30 -4.60 12.64 3.89
N VAL A 31 -5.62 11.91 4.32
CA VAL A 31 -6.07 10.72 3.59
C VAL A 31 -7.40 10.97 2.89
N ASP A 32 -8.28 11.70 3.55
CA ASP A 32 -9.59 12.02 2.98
C ASP A 32 -9.46 12.59 1.57
N HIS A 33 -8.40 13.37 1.35
CA HIS A 33 -8.16 13.98 0.05
C HIS A 33 -7.71 12.93 -0.96
N ILE A 34 -6.94 11.95 -0.49
CA ILE A 34 -6.45 10.89 -1.35
C ILE A 34 -7.57 9.93 -1.75
N ILE A 35 -8.33 9.48 -0.76
CA ILE A 35 -9.44 8.56 -1.01
C ILE A 35 -10.42 9.16 -2.01
N ARG A 36 -10.64 10.46 -1.94
CA ARG A 36 -11.55 11.15 -2.84
C ARG A 36 -10.96 11.23 -4.24
N SER A 37 -9.64 11.33 -4.33
CA SER A 37 -8.96 11.42 -5.61
C SER A 37 -9.44 10.32 -6.56
N ALA A 38 -9.72 9.15 -6.00
CA ALA A 38 -10.18 8.02 -6.79
C ALA A 38 -11.54 7.52 -6.30
N PRO A 39 -12.25 6.78 -7.16
CA PRO A 39 -13.56 6.23 -6.83
C PRO A 39 -13.49 5.12 -5.79
N PRO A 40 -14.63 4.82 -5.15
CA PRO A 40 -14.72 3.78 -4.12
C PRO A 40 -14.55 2.37 -4.70
N ARG A 41 -13.37 2.09 -5.24
CA ARG A 41 -13.08 0.79 -5.82
C ARG A 41 -11.58 0.60 -6.02
N VAL A 42 -10.94 1.61 -6.61
CA VAL A 42 -9.50 1.55 -6.86
C VAL A 42 -8.73 1.22 -5.58
N THR A 43 -8.07 0.06 -5.59
CA THR A 43 -7.30 -0.38 -4.43
C THR A 43 -5.82 -0.51 -4.77
N THR A 44 -5.54 -0.70 -6.05
CA THR A 44 -4.16 -0.84 -6.51
C THR A 44 -3.33 0.39 -6.16
N ALA A 45 -2.47 0.24 -5.16
CA ALA A 45 -1.61 1.35 -4.72
C ALA A 45 -0.70 1.81 -5.85
N TYR A 46 0.28 2.64 -5.51
CA TYR A 46 1.21 3.16 -6.48
C TYR A 46 2.40 3.84 -5.80
N ILE A 47 3.49 3.09 -5.64
CA ILE A 47 4.69 3.60 -5.00
C ILE A 47 5.88 3.56 -5.96
N GLY A 48 6.16 4.68 -6.62
CA GLY A 48 7.27 4.74 -7.54
C GLY A 48 8.57 5.07 -6.85
N ASN A 49 9.56 5.51 -7.64
CA ASN A 49 10.86 5.86 -7.10
C ASN A 49 11.43 4.73 -6.24
N ILE A 50 11.11 3.50 -6.62
CA ILE A 50 11.59 2.33 -5.88
C ILE A 50 13.00 1.94 -6.32
N PRO A 51 13.86 1.66 -5.34
CA PRO A 51 15.25 1.27 -5.60
C PRO A 51 15.35 -0.13 -6.21
N HIS A 52 16.09 -0.24 -7.31
CA HIS A 52 16.27 -1.51 -7.98
C HIS A 52 16.94 -2.53 -7.08
N PHE A 53 17.80 -2.03 -6.19
CA PHE A 53 18.52 -2.90 -5.26
C PHE A 53 17.64 -3.25 -4.07
N ALA A 54 16.46 -3.82 -4.35
CA ALA A 54 15.53 -4.20 -3.30
C ALA A 54 15.44 -5.72 -3.18
N THR A 55 14.75 -6.19 -2.14
CA THR A 55 14.60 -7.62 -1.91
C THR A 55 13.13 -8.01 -1.88
N GLU A 56 12.25 -7.02 -1.83
CA GLU A 56 10.81 -7.27 -1.80
C GLU A 56 10.37 -7.71 -0.40
N ALA A 57 11.06 -8.69 0.15
CA ALA A 57 10.75 -9.20 1.48
C ALA A 57 10.76 -8.09 2.52
N ASP A 58 11.46 -7.00 2.20
CA ASP A 58 11.57 -5.86 3.11
C ASP A 58 10.40 -4.90 2.89
N LEU A 59 9.72 -5.03 1.76
CA LEU A 59 8.59 -4.17 1.42
C LEU A 59 7.31 -4.67 2.09
N ILE A 60 7.15 -5.99 2.13
CA ILE A 60 5.97 -6.59 2.75
C ILE A 60 5.75 -6.04 4.16
N PRO A 61 6.80 -6.08 4.98
CA PRO A 61 6.74 -5.58 6.36
C PRO A 61 6.61 -4.06 6.42
N LEU A 62 6.71 -3.41 5.27
CA LEU A 62 6.61 -1.96 5.20
C LEU A 62 5.22 -1.54 4.74
N PHE A 63 4.65 -2.29 3.81
CA PHE A 63 3.32 -1.99 3.29
C PHE A 63 2.25 -2.69 4.12
N GLN A 64 2.42 -4.00 4.31
CA GLN A 64 1.46 -4.79 5.08
C GLN A 64 1.14 -4.12 6.42
N ASN A 65 2.15 -3.45 6.98
CA ASN A 65 1.98 -2.76 8.25
C ASN A 65 0.84 -1.75 8.18
N PHE A 66 0.72 -1.09 7.03
CA PHE A 66 -0.33 -0.10 6.83
C PHE A 66 -1.71 -0.72 6.97
N GLY A 67 -1.99 -1.74 6.16
CA GLY A 67 -3.27 -2.40 6.21
C GLY A 67 -3.17 -3.89 5.92
N PHE A 68 -3.35 -4.25 4.65
CA PHE A 68 -3.28 -5.66 4.24
C PHE A 68 -2.97 -5.77 2.75
N ILE A 69 -1.95 -6.55 2.43
CA ILE A 69 -1.54 -6.74 1.05
C ILE A 69 -2.21 -7.98 0.44
N LEU A 70 -2.72 -7.84 -0.77
CA LEU A 70 -3.39 -8.94 -1.45
C LEU A 70 -2.48 -9.53 -2.54
N ASP A 71 -2.12 -8.71 -3.52
CA ASP A 71 -1.26 -9.15 -4.61
C ASP A 71 -0.12 -8.17 -4.82
N PHE A 72 1.03 -8.46 -4.21
CA PHE A 72 2.20 -7.61 -4.33
C PHE A 72 3.10 -8.07 -5.48
N LYS A 73 4.00 -7.19 -5.91
CA LYS A 73 4.91 -7.52 -7.00
C LYS A 73 5.96 -6.42 -7.16
N HIS A 74 6.98 -6.69 -7.97
CA HIS A 74 8.04 -5.73 -8.21
C HIS A 74 8.76 -6.03 -9.53
N TYR A 75 8.31 -5.39 -10.60
CA TYR A 75 8.90 -5.59 -11.91
C TYR A 75 10.41 -5.34 -11.88
N PRO A 76 11.13 -5.97 -12.81
CA PRO A 76 12.59 -5.83 -12.91
C PRO A 76 13.00 -4.44 -13.39
N GLU A 77 12.38 -3.98 -14.47
CA GLU A 77 12.69 -2.67 -15.03
C GLU A 77 11.55 -1.69 -14.78
N LYS A 78 11.30 -1.41 -13.51
CA LYS A 78 10.23 -0.48 -13.13
C LYS A 78 10.16 -0.32 -11.62
N GLY A 79 10.71 0.79 -11.13
CA GLY A 79 10.70 1.05 -9.70
C GLY A 79 9.35 1.52 -9.20
N CYS A 80 8.33 0.70 -9.40
CA CYS A 80 6.98 1.05 -8.98
C CYS A 80 6.24 -0.18 -8.47
N CYS A 81 6.12 -0.28 -7.15
CA CYS A 81 5.44 -1.42 -6.53
C CYS A 81 3.93 -1.16 -6.44
N PHE A 82 3.15 -2.15 -6.87
CA PHE A 82 1.70 -2.03 -6.83
C PHE A 82 1.10 -2.98 -5.81
N ILE A 83 0.19 -2.46 -4.99
CA ILE A 83 -0.47 -3.28 -3.96
C ILE A 83 -1.98 -3.12 -4.02
N LYS A 84 -2.66 -4.16 -4.48
CA LYS A 84 -4.11 -4.15 -4.58
C LYS A 84 -4.76 -4.47 -3.24
N TYR A 85 -4.67 -3.53 -2.30
CA TYR A 85 -5.24 -3.72 -0.97
C TYR A 85 -6.68 -4.19 -1.06
N ASP A 86 -7.20 -4.70 0.04
CA ASP A 86 -8.58 -5.19 0.09
C ASP A 86 -9.57 -4.03 0.12
N THR A 87 -9.18 -2.94 0.78
CA THR A 87 -10.03 -1.77 0.89
C THR A 87 -9.42 -0.57 0.17
N HIS A 88 -10.27 0.31 -0.36
CA HIS A 88 -9.81 1.49 -1.08
C HIS A 88 -8.98 2.39 -0.17
N GLU A 89 -9.54 2.76 0.98
CA GLU A 89 -8.86 3.61 1.94
C GLU A 89 -7.52 2.99 2.34
N GLN A 90 -7.47 1.68 2.39
CA GLN A 90 -6.25 0.96 2.77
C GLN A 90 -5.06 1.46 1.97
N ALA A 91 -5.07 1.18 0.66
CA ALA A 91 -3.98 1.61 -0.21
C ALA A 91 -3.75 3.11 -0.12
N ALA A 92 -4.86 3.86 -0.05
CA ALA A 92 -4.77 5.31 0.03
C ALA A 92 -3.91 5.75 1.22
N VAL A 93 -3.91 4.93 2.26
CA VAL A 93 -3.12 5.23 3.45
C VAL A 93 -1.62 5.05 3.19
N CYS A 94 -1.30 4.22 2.20
CA CYS A 94 0.09 3.96 1.84
C CYS A 94 0.71 5.18 1.17
N ILE A 95 -0.12 6.00 0.53
CA ILE A 95 0.36 7.20 -0.15
C ILE A 95 0.78 8.27 0.86
N VAL A 96 0.09 8.31 1.99
CA VAL A 96 0.40 9.28 3.04
C VAL A 96 1.24 8.65 4.14
N ALA A 97 1.34 7.33 4.12
CA ALA A 97 2.12 6.60 5.12
C ALA A 97 3.61 6.72 4.84
N LEU A 98 3.97 6.71 3.55
CA LEU A 98 5.37 6.81 3.16
C LEU A 98 5.65 8.16 2.49
N ALA A 99 5.04 8.37 1.33
CA ALA A 99 5.23 9.62 0.60
C ALA A 99 6.68 10.04 0.60
N ASN A 100 7.50 9.38 -0.22
CA ASN A 100 8.91 9.70 -0.31
C ASN A 100 9.63 9.36 0.99
N PHE A 101 9.81 8.07 1.25
CA PHE A 101 10.47 7.61 2.47
C PHE A 101 11.79 6.90 2.13
N PRO A 102 12.79 7.08 3.00
CA PRO A 102 14.11 6.47 2.83
C PRO A 102 14.08 4.96 3.02
N PHE A 103 14.05 4.22 1.92
CA PHE A 103 14.02 2.76 1.97
C PHE A 103 15.43 2.19 1.94
N GLN A 104 16.31 2.83 1.17
CA GLN A 104 17.69 2.37 1.06
C GLN A 104 18.58 3.48 0.50
N GLY A 105 18.70 4.58 1.26
CA GLY A 105 19.51 5.69 0.82
C GLY A 105 18.72 6.73 0.05
N ARG A 106 17.78 6.27 -0.76
CA ARG A 106 16.96 7.16 -1.56
C ARG A 106 15.49 7.06 -1.15
N ASN A 107 14.70 8.07 -1.52
CA ASN A 107 13.28 8.09 -1.19
C ASN A 107 12.46 7.43 -2.29
N LEU A 108 11.17 7.22 -2.02
CA LEU A 108 10.28 6.60 -2.98
C LEU A 108 9.20 7.59 -3.45
N ARG A 109 8.11 7.06 -4.00
CA ARG A 109 7.02 7.89 -4.48
C ARG A 109 5.67 7.32 -4.02
N THR A 110 4.60 8.00 -4.40
CA THR A 110 3.26 7.58 -4.04
C THR A 110 2.23 7.98 -5.09
N GLY A 111 0.98 7.61 -4.88
CA GLY A 111 -0.07 7.95 -5.82
C GLY A 111 -1.14 6.89 -5.90
N TRP A 112 -1.98 6.97 -6.93
CA TRP A 112 -3.06 6.00 -7.11
C TRP A 112 -2.72 5.00 -8.22
N GLY A 113 -3.54 3.96 -8.34
CA GLY A 113 -3.31 2.96 -9.36
C GLY A 113 -4.01 3.28 -10.66
N LYS A 114 -4.01 2.32 -11.59
CA LYS A 114 -4.64 2.51 -12.88
C LYS A 114 -3.99 3.65 -13.66
N GLU A 115 -4.26 3.71 -14.96
CA GLU A 115 -3.69 4.75 -15.81
C GLU A 115 -4.75 5.33 -16.74
N ARG A 116 -4.73 6.64 -16.90
CA ARG A 116 -5.69 7.33 -17.77
C ARG A 116 -5.24 8.76 -18.06
N GLY A 1 2.30 -15.67 7.88
CA GLY A 1 2.74 -17.04 8.02
C GLY A 1 3.79 -17.21 9.12
N SER A 2 5.06 -17.11 8.73
CA SER A 2 6.15 -17.25 9.68
C SER A 2 6.39 -15.95 10.44
N GLY A 3 6.45 -14.85 9.69
CA GLY A 3 6.69 -13.56 10.31
C GLY A 3 6.42 -12.40 9.37
N TYR A 4 5.15 -12.15 9.06
CA TYR A 4 4.77 -11.08 8.16
C TYR A 4 5.39 -11.29 6.78
N THR A 5 4.81 -12.20 6.00
CA THR A 5 5.31 -12.49 4.67
C THR A 5 4.16 -12.87 3.73
N ASN A 6 4.51 -13.17 2.48
CA ASN A 6 3.50 -13.56 1.49
C ASN A 6 2.46 -12.46 1.31
N TYR A 7 1.53 -12.69 0.40
CA TYR A 7 0.46 -11.72 0.13
C TYR A 7 -0.91 -12.35 0.32
N ASN A 8 -1.26 -13.26 -0.58
CA ASN A 8 -2.56 -13.94 -0.52
C ASN A 8 -3.70 -12.95 -0.71
N ASN A 9 -4.84 -13.45 -1.15
CA ASN A 9 -6.01 -12.60 -1.38
C ASN A 9 -7.14 -12.98 -0.42
N GLY A 10 -6.77 -13.40 0.78
CA GLY A 10 -7.77 -13.77 1.77
C GLY A 10 -8.41 -12.57 2.44
N SER A 11 -8.50 -12.62 3.76
CA SER A 11 -9.11 -11.53 4.52
C SER A 11 -8.26 -11.19 5.76
N ASN A 12 -6.95 -11.07 5.54
CA ASN A 12 -6.03 -10.75 6.63
C ASN A 12 -6.50 -9.51 7.39
N TYR A 13 -7.07 -8.56 6.66
CA TYR A 13 -7.56 -7.33 7.27
C TYR A 13 -8.60 -6.66 6.39
N THR A 14 -9.47 -7.48 5.79
CA THR A 14 -10.52 -6.97 4.92
C THR A 14 -11.35 -5.90 5.63
N GLN A 15 -11.97 -5.03 4.83
CA GLN A 15 -12.79 -3.96 5.38
C GLN A 15 -13.82 -3.48 4.36
N LYS A 16 -14.34 -4.41 3.57
CA LYS A 16 -15.33 -4.09 2.55
C LYS A 16 -16.50 -3.32 3.15
N LYS A 17 -17.22 -3.96 4.05
CA LYS A 17 -18.36 -3.33 4.71
C LYS A 17 -18.50 -3.81 6.15
N GLN A 18 -19.59 -3.44 6.80
CA GLN A 18 -19.85 -3.83 8.17
C GLN A 18 -18.77 -3.28 9.11
N THR A 19 -19.04 -2.13 9.70
CA THR A 19 -18.10 -1.50 10.62
C THR A 19 -16.83 -1.08 9.89
N ILE A 20 -16.21 0.00 10.36
CA ILE A 20 -14.99 0.51 9.75
C ILE A 20 -13.83 0.48 10.74
N GLY A 21 -14.15 0.69 12.01
CA GLY A 21 -13.12 0.70 13.05
C GLY A 21 -12.17 1.87 12.91
N LEU A 22 -11.30 2.04 13.90
CA LEU A 22 -10.33 3.12 13.89
C LEU A 22 -8.96 2.64 14.38
N PRO A 23 -8.28 1.85 13.54
CA PRO A 23 -6.96 1.31 13.87
C PRO A 23 -5.88 2.39 13.89
N PRO A 24 -5.35 2.68 15.08
CA PRO A 24 -4.30 3.69 15.26
C PRO A 24 -2.97 3.25 14.65
N GLN A 25 -2.74 3.65 13.40
CA GLN A 25 -1.50 3.30 12.70
C GLN A 25 -0.95 4.49 11.94
N VAL A 26 -1.66 4.89 10.88
CA VAL A 26 -1.25 6.02 10.06
C VAL A 26 -2.22 7.19 10.21
N ASN A 27 -1.68 8.40 10.11
CA ASN A 27 -2.51 9.61 10.23
C ASN A 27 -3.73 9.53 9.32
N PRO A 28 -4.91 9.35 9.92
CA PRO A 28 -6.17 9.25 9.18
C PRO A 28 -6.58 10.59 8.56
N GLN A 29 -6.40 11.66 9.32
CA GLN A 29 -6.75 12.99 8.85
C GLN A 29 -6.02 13.32 7.55
N ALA A 30 -4.81 12.81 7.41
CA ALA A 30 -4.01 13.04 6.21
C ALA A 30 -4.27 11.96 5.16
N VAL A 31 -5.34 11.20 5.35
CA VAL A 31 -5.70 10.13 4.41
C VAL A 31 -6.99 10.46 3.67
N ASP A 32 -7.93 11.07 4.38
CA ASP A 32 -9.21 11.44 3.79
C ASP A 32 -9.00 12.23 2.51
N HIS A 33 -7.95 13.04 2.47
CA HIS A 33 -7.65 13.85 1.30
C HIS A 33 -7.23 12.96 0.12
N ILE A 34 -6.53 11.88 0.43
CA ILE A 34 -6.07 10.95 -0.61
C ILE A 34 -7.23 10.17 -1.20
N ILE A 35 -8.05 9.58 -0.32
CA ILE A 35 -9.21 8.81 -0.75
C ILE A 35 -10.18 9.66 -1.55
N ARG A 36 -10.44 10.87 -1.06
CA ARG A 36 -11.36 11.78 -1.72
C ARG A 36 -10.95 11.99 -3.19
N SER A 37 -9.65 11.84 -3.46
CA SER A 37 -9.13 12.02 -4.82
C SER A 37 -9.16 10.70 -5.57
N ALA A 38 -10.26 9.97 -5.45
CA ALA A 38 -10.41 8.70 -6.13
C ALA A 38 -11.75 8.06 -5.81
N PRO A 39 -12.29 7.27 -6.76
CA PRO A 39 -13.58 6.59 -6.61
C PRO A 39 -13.51 5.46 -5.58
N PRO A 40 -14.66 5.12 -4.99
CA PRO A 40 -14.76 4.06 -3.99
C PRO A 40 -14.56 2.68 -4.59
N ARG A 41 -13.35 2.42 -5.06
CA ARG A 41 -13.03 1.13 -5.67
C ARG A 41 -11.52 1.00 -5.92
N VAL A 42 -10.93 2.06 -6.44
CA VAL A 42 -9.49 2.07 -6.72
C VAL A 42 -8.69 1.63 -5.50
N THR A 43 -8.18 0.40 -5.56
CA THR A 43 -7.39 -0.15 -4.45
C THR A 43 -5.93 -0.29 -4.84
N THR A 44 -5.68 -0.44 -6.14
CA THR A 44 -4.31 -0.59 -6.65
C THR A 44 -3.44 0.58 -6.23
N ALA A 45 -2.60 0.36 -5.22
CA ALA A 45 -1.70 1.40 -4.73
C ALA A 45 -0.75 1.86 -5.82
N TYR A 46 0.28 2.59 -5.42
CA TYR A 46 1.27 3.09 -6.37
C TYR A 46 2.48 3.68 -5.63
N ILE A 47 3.63 3.04 -5.80
CA ILE A 47 4.86 3.50 -5.15
C ILE A 47 6.05 3.41 -6.11
N GLY A 48 6.23 4.46 -6.91
CA GLY A 48 7.34 4.49 -7.85
C GLY A 48 8.60 5.06 -7.26
N ASN A 49 9.57 5.39 -8.11
CA ASN A 49 10.83 5.94 -7.66
C ASN A 49 11.58 4.95 -6.77
N ILE A 50 11.42 3.66 -7.07
CA ILE A 50 12.08 2.62 -6.30
C ILE A 50 13.58 2.59 -6.59
N PRO A 51 14.39 2.50 -5.53
CA PRO A 51 15.85 2.45 -5.65
C PRO A 51 16.35 1.14 -6.25
N HIS A 52 17.35 1.23 -7.12
CA HIS A 52 17.91 0.06 -7.77
C HIS A 52 18.26 -1.02 -6.73
N PHE A 53 18.69 -0.57 -5.56
CA PHE A 53 19.06 -1.49 -4.49
C PHE A 53 17.85 -1.86 -3.64
N ALA A 54 16.76 -2.25 -4.31
CA ALA A 54 15.54 -2.63 -3.63
C ALA A 54 15.25 -4.12 -3.78
N THR A 55 14.61 -4.71 -2.79
CA THR A 55 14.28 -6.13 -2.82
C THR A 55 12.85 -6.38 -2.37
N GLU A 56 12.13 -7.23 -3.11
CA GLU A 56 10.74 -7.55 -2.78
C GLU A 56 10.62 -8.03 -1.34
N ALA A 57 11.56 -8.89 -0.93
CA ALA A 57 11.56 -9.42 0.43
C ALA A 57 11.57 -8.31 1.47
N ASP A 58 12.02 -7.12 1.05
CA ASP A 58 12.08 -5.98 1.94
C ASP A 58 10.84 -5.12 1.81
N LEU A 59 10.12 -5.28 0.70
CA LEU A 59 8.90 -4.52 0.46
C LEU A 59 7.72 -5.13 1.20
N ILE A 60 7.61 -6.45 1.15
CA ILE A 60 6.53 -7.16 1.82
C ILE A 60 6.42 -6.74 3.29
N PRO A 61 7.56 -6.79 3.99
CA PRO A 61 7.63 -6.42 5.41
C PRO A 61 7.45 -4.92 5.63
N LEU A 62 7.36 -4.17 4.53
CA LEU A 62 7.19 -2.73 4.60
C LEU A 62 5.74 -2.34 4.27
N PHE A 63 5.12 -3.09 3.37
CA PHE A 63 3.75 -2.83 2.96
C PHE A 63 2.78 -3.70 3.76
N GLN A 64 3.01 -5.00 3.77
CA GLN A 64 2.16 -5.93 4.49
C GLN A 64 1.95 -5.48 5.93
N ASN A 65 2.96 -4.83 6.50
CA ASN A 65 2.89 -4.35 7.88
C ASN A 65 1.83 -3.26 8.00
N PHE A 66 1.68 -2.46 6.95
CA PHE A 66 0.70 -1.38 6.95
C PHE A 66 -0.71 -1.92 7.14
N GLY A 67 -1.23 -2.60 6.12
CA GLY A 67 -2.56 -3.15 6.19
C GLY A 67 -2.61 -4.60 5.72
N PHE A 68 -3.12 -4.80 4.51
CA PHE A 68 -3.22 -6.14 3.94
C PHE A 68 -2.97 -6.12 2.44
N ILE A 69 -2.01 -6.92 1.99
CA ILE A 69 -1.67 -6.99 0.58
C ILE A 69 -2.42 -8.12 -0.12
N LEU A 70 -2.84 -7.87 -1.35
CA LEU A 70 -3.57 -8.87 -2.12
C LEU A 70 -2.74 -9.39 -3.28
N ASP A 71 -2.34 -8.48 -4.17
CA ASP A 71 -1.52 -8.84 -5.32
C ASP A 71 -0.37 -7.85 -5.50
N PHE A 72 0.77 -8.18 -4.91
CA PHE A 72 1.96 -7.32 -5.00
C PHE A 72 2.74 -7.62 -6.28
N LYS A 73 3.54 -6.65 -6.71
CA LYS A 73 4.34 -6.80 -7.91
C LYS A 73 5.58 -5.90 -7.86
N HIS A 74 6.75 -6.51 -8.01
CA HIS A 74 8.00 -5.77 -7.98
C HIS A 74 8.40 -5.30 -9.38
N TYR A 75 7.46 -5.44 -10.32
CA TYR A 75 7.71 -5.03 -11.70
C TYR A 75 8.83 -5.86 -12.32
N PRO A 76 8.83 -5.93 -13.66
CA PRO A 76 9.85 -6.69 -14.41
C PRO A 76 11.22 -6.04 -14.34
N GLU A 77 11.25 -4.72 -14.41
CA GLU A 77 12.51 -3.98 -14.35
C GLU A 77 12.55 -3.06 -13.14
N LYS A 78 11.67 -3.32 -12.18
CA LYS A 78 11.59 -2.52 -10.95
C LYS A 78 11.33 -1.06 -11.29
N GLY A 79 10.07 -0.65 -11.20
CA GLY A 79 9.71 0.72 -11.49
C GLY A 79 8.70 1.27 -10.51
N CYS A 80 7.52 0.65 -10.46
CA CYS A 80 6.47 1.09 -9.56
C CYS A 80 5.75 -0.10 -8.94
N CYS A 81 5.86 -0.23 -7.62
CA CYS A 81 5.22 -1.34 -6.90
C CYS A 81 3.71 -1.15 -6.84
N PHE A 82 2.97 -2.20 -7.20
CA PHE A 82 1.52 -2.14 -7.18
C PHE A 82 0.95 -3.01 -6.04
N ILE A 83 -0.02 -2.45 -5.32
CA ILE A 83 -0.64 -3.17 -4.21
C ILE A 83 -2.14 -2.95 -4.20
N LYS A 84 -2.89 -3.92 -4.73
CA LYS A 84 -4.34 -3.83 -4.77
C LYS A 84 -4.96 -4.28 -3.44
N TYR A 85 -4.81 -3.44 -2.42
CA TYR A 85 -5.35 -3.74 -1.10
C TYR A 85 -6.81 -4.18 -1.19
N ASP A 86 -7.30 -4.83 -0.14
CA ASP A 86 -8.67 -5.30 -0.11
C ASP A 86 -9.65 -4.12 -0.01
N THR A 87 -9.23 -3.08 0.71
CA THR A 87 -10.05 -1.89 0.89
C THR A 87 -9.44 -0.68 0.20
N HIS A 88 -10.29 0.21 -0.31
CA HIS A 88 -9.81 1.41 -0.98
C HIS A 88 -8.96 2.26 -0.05
N GLU A 89 -9.52 2.64 1.09
CA GLU A 89 -8.82 3.46 2.06
C GLU A 89 -7.51 2.80 2.47
N GLN A 90 -7.50 1.47 2.51
CA GLN A 90 -6.31 0.71 2.88
C GLN A 90 -5.09 1.20 2.10
N ALA A 91 -5.09 0.94 0.79
CA ALA A 91 -3.99 1.35 -0.07
C ALA A 91 -3.65 2.82 0.15
N ALA A 92 -4.67 3.66 0.21
CA ALA A 92 -4.48 5.09 0.40
C ALA A 92 -3.67 5.37 1.67
N VAL A 93 -3.87 4.54 2.68
CA VAL A 93 -3.15 4.70 3.95
C VAL A 93 -1.66 4.48 3.76
N CYS A 94 -1.30 3.73 2.73
CA CYS A 94 0.10 3.44 2.44
C CYS A 94 0.76 4.62 1.74
N ILE A 95 -0.02 5.35 0.95
CA ILE A 95 0.49 6.51 0.23
C ILE A 95 0.95 7.61 1.18
N VAL A 96 0.23 7.73 2.30
CA VAL A 96 0.56 8.74 3.31
C VAL A 96 1.49 8.17 4.37
N ALA A 97 1.46 6.85 4.53
CA ALA A 97 2.30 6.18 5.51
C ALA A 97 3.78 6.31 5.15
N LEU A 98 4.07 6.28 3.85
CA LEU A 98 5.44 6.39 3.37
C LEU A 98 5.66 7.71 2.65
N ALA A 99 4.91 7.94 1.58
CA ALA A 99 5.01 9.17 0.81
C ALA A 99 6.48 9.58 0.63
N ASN A 100 7.14 8.96 -0.34
CA ASN A 100 8.54 9.26 -0.61
C ASN A 100 9.41 8.96 0.61
N PHE A 101 9.32 7.73 1.11
CA PHE A 101 10.10 7.32 2.27
C PHE A 101 11.50 6.89 1.86
N PRO A 102 12.47 7.12 2.76
CA PRO A 102 13.88 6.75 2.51
C PRO A 102 14.10 5.25 2.53
N PHE A 103 14.07 4.64 1.35
CA PHE A 103 14.26 3.19 1.22
C PHE A 103 15.72 2.87 0.94
N GLN A 104 16.45 2.46 1.98
CA GLN A 104 17.85 2.12 1.84
C GLN A 104 18.66 3.30 1.35
N GLY A 105 18.22 4.51 1.71
CA GLY A 105 18.92 5.71 1.29
C GLY A 105 18.08 6.57 0.36
N ARG A 106 17.82 6.04 -0.84
CA ARG A 106 17.03 6.76 -1.83
C ARG A 106 15.55 6.74 -1.46
N ASN A 107 14.85 7.84 -1.73
CA ASN A 107 13.44 7.95 -1.44
C ASN A 107 12.60 7.38 -2.57
N LEU A 108 11.28 7.29 -2.36
CA LEU A 108 10.38 6.77 -3.36
C LEU A 108 9.32 7.81 -3.74
N ARG A 109 8.23 7.35 -4.33
CA ARG A 109 7.16 8.23 -4.75
C ARG A 109 5.81 7.50 -4.75
N THR A 110 5.06 7.66 -3.66
CA THR A 110 3.76 7.01 -3.54
C THR A 110 2.73 7.64 -4.47
N GLY A 111 1.48 7.22 -4.34
CA GLY A 111 0.43 7.75 -5.19
C GLY A 111 -0.71 6.77 -5.40
N TRP A 112 -1.64 7.12 -6.27
CA TRP A 112 -2.78 6.27 -6.56
C TRP A 112 -2.53 5.41 -7.80
N GLY A 113 -3.40 4.44 -8.03
CA GLY A 113 -3.24 3.55 -9.18
C GLY A 113 -4.53 3.43 -9.98
N LYS A 114 -4.58 2.42 -10.84
CA LYS A 114 -5.76 2.19 -11.68
C LYS A 114 -5.80 0.75 -12.18
N GLU A 115 -7.00 0.23 -12.34
CA GLU A 115 -7.18 -1.14 -12.81
C GLU A 115 -7.40 -1.17 -14.32
N ARG A 116 -8.12 -0.18 -14.82
CA ARG A 116 -8.41 -0.10 -16.26
C ARG A 116 -7.52 0.95 -16.92
N GLY A 1 11.76 -18.32 8.08
CA GLY A 1 11.61 -16.98 8.62
C GLY A 1 10.21 -16.43 8.43
N SER A 2 10.06 -15.12 8.62
CA SER A 2 8.76 -14.47 8.47
C SER A 2 8.79 -13.46 7.33
N GLY A 3 8.46 -13.93 6.13
CA GLY A 3 8.44 -13.06 4.96
C GLY A 3 8.21 -13.82 3.67
N TYR A 4 8.67 -13.24 2.57
CA TYR A 4 8.50 -13.87 1.26
C TYR A 4 7.03 -14.13 0.96
N THR A 5 6.36 -13.13 0.40
CA THR A 5 4.95 -13.26 0.07
C THR A 5 4.10 -13.40 1.32
N ASN A 6 3.26 -12.41 1.58
CA ASN A 6 2.39 -12.43 2.75
C ASN A 6 1.11 -11.64 2.48
N TYR A 7 0.62 -11.71 1.26
CA TYR A 7 -0.60 -11.02 0.87
C TYR A 7 -1.74 -11.99 0.62
N ASN A 8 -2.60 -12.17 1.62
CA ASN A 8 -3.73 -13.09 1.50
C ASN A 8 -4.91 -12.41 0.82
N ASN A 9 -6.07 -13.04 0.88
CA ASN A 9 -7.28 -12.50 0.27
C ASN A 9 -8.52 -13.19 0.80
N GLY A 10 -8.45 -14.51 0.95
CA GLY A 10 -9.57 -15.26 1.46
C GLY A 10 -9.17 -16.32 2.47
N SER A 11 -8.85 -15.87 3.68
CA SER A 11 -8.42 -16.78 4.75
C SER A 11 -9.47 -16.84 5.86
N ASN A 12 -9.74 -15.69 6.47
CA ASN A 12 -10.72 -15.61 7.55
C ASN A 12 -11.10 -14.17 7.84
N TYR A 13 -12.08 -13.66 7.10
CA TYR A 13 -12.54 -12.29 7.27
C TYR A 13 -11.41 -11.30 7.02
N THR A 14 -11.24 -10.91 5.76
CA THR A 14 -10.20 -9.97 5.38
C THR A 14 -10.75 -8.84 4.53
N GLN A 15 -11.97 -8.41 4.84
CA GLN A 15 -12.61 -7.33 4.10
C GLN A 15 -13.62 -6.60 4.97
N LYS A 16 -13.29 -6.45 6.24
CA LYS A 16 -14.18 -5.76 7.19
C LYS A 16 -13.43 -5.44 8.49
N LYS A 17 -13.24 -4.16 8.75
CA LYS A 17 -12.56 -3.73 9.96
C LYS A 17 -12.83 -2.26 10.25
N GLN A 18 -14.09 -1.85 10.06
CA GLN A 18 -14.49 -0.47 10.29
C GLN A 18 -15.20 -0.33 11.63
N THR A 19 -14.43 -0.24 12.71
CA THR A 19 -14.98 -0.10 14.05
C THR A 19 -14.34 1.05 14.80
N ILE A 20 -15.03 1.56 15.81
CA ILE A 20 -14.53 2.66 16.61
C ILE A 20 -13.26 2.27 17.35
N GLY A 21 -12.44 3.26 17.68
CA GLY A 21 -11.20 3.00 18.40
C GLY A 21 -10.03 3.78 17.84
N LEU A 22 -9.91 3.81 16.53
CA LEU A 22 -8.82 4.53 15.87
C LEU A 22 -7.47 3.97 16.30
N PRO A 23 -7.13 2.78 15.80
CA PRO A 23 -5.87 2.12 16.11
C PRO A 23 -4.67 2.83 15.48
N PRO A 24 -3.46 2.45 15.92
CA PRO A 24 -2.21 3.03 15.41
C PRO A 24 -1.93 2.62 13.97
N GLN A 25 -2.59 3.30 13.03
CA GLN A 25 -2.39 3.00 11.61
C GLN A 25 -2.50 4.28 10.78
N VAL A 26 -1.40 5.02 10.70
CA VAL A 26 -1.37 6.25 9.92
C VAL A 26 -2.54 7.16 10.29
N ASN A 27 -2.73 8.21 9.51
CA ASN A 27 -3.82 9.16 9.75
C ASN A 27 -4.99 8.88 8.82
N PRO A 28 -6.06 8.27 9.38
CA PRO A 28 -7.27 7.93 8.62
C PRO A 28 -8.06 9.17 8.22
N GLN A 29 -7.71 10.31 8.79
CA GLN A 29 -8.38 11.56 8.49
C GLN A 29 -7.77 12.24 7.26
N ALA A 30 -6.48 11.99 7.04
CA ALA A 30 -5.79 12.56 5.89
C ALA A 30 -5.99 11.72 4.64
N VAL A 31 -6.10 10.41 4.83
CA VAL A 31 -6.29 9.50 3.71
C VAL A 31 -7.52 9.88 2.90
N ASP A 32 -8.54 10.38 3.58
CA ASP A 32 -9.78 10.80 2.92
C ASP A 32 -9.49 11.75 1.78
N HIS A 33 -8.65 12.75 2.04
CA HIS A 33 -8.29 13.73 1.02
C HIS A 33 -7.74 13.05 -0.23
N ILE A 34 -7.02 11.96 -0.03
CA ILE A 34 -6.43 11.21 -1.14
C ILE A 34 -7.51 10.48 -1.93
N ILE A 35 -8.46 9.88 -1.22
CA ILE A 35 -9.54 9.15 -1.86
C ILE A 35 -10.27 10.02 -2.87
N ARG A 36 -10.42 11.30 -2.55
CA ARG A 36 -11.10 12.24 -3.43
C ARG A 36 -10.43 12.27 -4.80
N SER A 37 -9.11 12.15 -4.81
CA SER A 37 -8.34 12.17 -6.05
C SER A 37 -8.92 11.17 -7.06
N ALA A 38 -8.64 9.90 -6.83
CA ALA A 38 -9.12 8.84 -7.72
C ALA A 38 -10.59 8.52 -7.44
N PRO A 39 -11.25 7.89 -8.41
CA PRO A 39 -12.67 7.50 -8.28
C PRO A 39 -12.88 6.38 -7.28
N PRO A 40 -14.13 6.22 -6.83
CA PRO A 40 -14.49 5.19 -5.85
C PRO A 40 -14.42 3.78 -6.45
N ARG A 41 -13.21 3.36 -6.82
CA ARG A 41 -13.01 2.05 -7.41
C ARG A 41 -11.53 1.69 -7.45
N VAL A 42 -10.72 2.61 -7.95
CA VAL A 42 -9.28 2.40 -8.06
C VAL A 42 -8.70 1.98 -6.71
N THR A 43 -8.04 0.82 -6.69
CA THR A 43 -7.43 0.31 -5.47
C THR A 43 -5.92 0.20 -5.62
N THR A 44 -5.46 -0.04 -6.84
CA THR A 44 -4.04 -0.17 -7.11
C THR A 44 -3.27 1.06 -6.61
N ALA A 45 -2.38 0.84 -5.65
CA ALA A 45 -1.58 1.92 -5.08
C ALA A 45 -0.52 2.39 -6.07
N TYR A 46 0.41 3.20 -5.58
CA TYR A 46 1.48 3.73 -6.42
C TYR A 46 2.63 4.28 -5.57
N ILE A 47 3.80 3.68 -5.71
CA ILE A 47 4.98 4.11 -4.95
C ILE A 47 6.21 4.09 -5.83
N GLY A 48 6.25 4.96 -6.83
CA GLY A 48 7.39 5.02 -7.72
C GLY A 48 8.69 5.28 -6.98
N ASN A 49 9.79 5.35 -7.72
CA ASN A 49 11.10 5.60 -7.12
C ASN A 49 11.45 4.51 -6.12
N ILE A 50 11.57 3.28 -6.60
CA ILE A 50 11.91 2.15 -5.74
C ILE A 50 13.25 1.56 -6.11
N PRO A 51 14.10 1.31 -5.09
CA PRO A 51 15.44 0.75 -5.29
C PRO A 51 15.39 -0.71 -5.72
N HIS A 52 15.97 -1.01 -6.88
CA HIS A 52 15.99 -2.37 -7.40
C HIS A 52 16.62 -3.33 -6.39
N PHE A 53 17.47 -2.79 -5.52
CA PHE A 53 18.13 -3.60 -4.50
C PHE A 53 17.26 -3.72 -3.25
N ALA A 54 15.99 -4.03 -3.44
CA ALA A 54 15.07 -4.17 -2.32
C ALA A 54 14.12 -5.35 -2.54
N THR A 55 14.36 -6.44 -1.82
CA THR A 55 13.53 -7.63 -1.93
C THR A 55 12.10 -7.35 -1.51
N GLU A 56 11.14 -7.80 -2.32
CA GLU A 56 9.73 -7.60 -2.04
C GLU A 56 9.39 -8.05 -0.61
N ALA A 57 10.11 -9.06 -0.13
CA ALA A 57 9.89 -9.58 1.21
C ALA A 57 9.97 -8.48 2.25
N ASP A 58 10.80 -7.48 1.98
CA ASP A 58 10.97 -6.36 2.89
C ASP A 58 9.94 -5.26 2.61
N LEU A 59 9.27 -5.37 1.47
CA LEU A 59 8.26 -4.39 1.08
C LEU A 59 6.91 -4.73 1.70
N ILE A 60 6.69 -6.02 1.95
CA ILE A 60 5.43 -6.48 2.55
C ILE A 60 5.24 -5.88 3.95
N PRO A 61 6.27 -6.01 4.79
CA PRO A 61 6.24 -5.50 6.17
C PRO A 61 6.27 -3.97 6.21
N LEU A 62 6.33 -3.36 5.04
CA LEU A 62 6.36 -1.90 4.94
C LEU A 62 5.05 -1.36 4.42
N PHE A 63 4.41 -2.11 3.53
CA PHE A 63 3.14 -1.71 2.95
C PHE A 63 1.97 -2.37 3.68
N GLN A 64 2.08 -3.67 3.88
CA GLN A 64 1.03 -4.43 4.56
C GLN A 64 0.60 -3.73 5.84
N ASN A 65 1.57 -3.21 6.57
CA ASN A 65 1.29 -2.51 7.83
C ASN A 65 0.23 -1.43 7.62
N PHE A 66 0.23 -0.83 6.43
CA PHE A 66 -0.72 0.22 6.11
C PHE A 66 -2.14 -0.33 6.04
N GLY A 67 -2.41 -1.15 5.03
CA GLY A 67 -3.73 -1.73 4.88
C GLY A 67 -3.72 -3.24 5.06
N PHE A 68 -3.81 -3.96 3.96
CA PHE A 68 -3.81 -5.42 4.00
C PHE A 68 -3.08 -6.00 2.80
N ILE A 69 -3.35 -5.45 1.62
CA ILE A 69 -2.71 -5.91 0.39
C ILE A 69 -3.15 -7.33 0.04
N LEU A 70 -3.39 -7.57 -1.24
CA LEU A 70 -3.83 -8.87 -1.71
C LEU A 70 -2.93 -9.37 -2.85
N ASP A 71 -2.69 -8.50 -3.81
CA ASP A 71 -1.85 -8.85 -4.95
C ASP A 71 -0.71 -7.84 -5.12
N PHE A 72 0.45 -8.17 -4.58
CA PHE A 72 1.62 -7.31 -4.66
C PHE A 72 2.60 -7.80 -5.71
N LYS A 73 3.25 -6.88 -6.40
CA LYS A 73 4.22 -7.22 -7.43
C LYS A 73 5.33 -6.19 -7.49
N HIS A 74 6.57 -6.66 -7.38
CA HIS A 74 7.73 -5.77 -7.42
C HIS A 74 8.57 -6.04 -8.67
N TYR A 75 8.43 -5.17 -9.67
CA TYR A 75 9.17 -5.31 -10.92
C TYR A 75 10.67 -5.47 -10.65
N PRO A 76 11.38 -6.01 -11.64
CA PRO A 76 12.83 -6.22 -11.55
C PRO A 76 13.61 -4.92 -11.54
N GLU A 77 13.30 -4.04 -12.50
CA GLU A 77 13.98 -2.75 -12.60
C GLU A 77 13.08 -1.73 -13.30
N LYS A 78 12.07 -1.25 -12.57
CA LYS A 78 11.15 -0.26 -13.10
C LYS A 78 11.08 0.97 -12.21
N GLY A 79 11.09 0.74 -10.90
CA GLY A 79 11.04 1.84 -9.96
C GLY A 79 9.62 2.18 -9.55
N CYS A 80 8.84 1.17 -9.23
CA CYS A 80 7.45 1.36 -8.83
C CYS A 80 6.77 0.03 -8.52
N CYS A 81 5.93 0.02 -7.50
CA CYS A 81 5.22 -1.20 -7.12
C CYS A 81 3.72 -0.94 -6.99
N PHE A 82 2.93 -1.73 -7.71
CA PHE A 82 1.48 -1.58 -7.69
C PHE A 82 0.85 -2.55 -6.69
N ILE A 83 -0.02 -2.02 -5.82
CA ILE A 83 -0.68 -2.85 -4.83
C ILE A 83 -2.19 -2.63 -4.86
N LYS A 84 -2.91 -3.62 -5.37
CA LYS A 84 -4.37 -3.54 -5.46
C LYS A 84 -5.01 -3.95 -4.13
N TYR A 85 -4.93 -3.07 -3.14
CA TYR A 85 -5.50 -3.35 -1.83
C TYR A 85 -6.95 -3.83 -1.96
N ASP A 86 -7.44 -4.47 -0.91
CA ASP A 86 -8.81 -4.98 -0.90
C ASP A 86 -9.82 -3.83 -0.92
N THR A 87 -9.47 -2.73 -0.27
CA THR A 87 -10.34 -1.57 -0.22
C THR A 87 -9.68 -0.35 -0.87
N HIS A 88 -10.49 0.62 -1.26
CA HIS A 88 -9.99 1.84 -1.88
C HIS A 88 -9.15 2.66 -0.89
N GLU A 89 -9.80 3.11 0.18
CA GLU A 89 -9.11 3.90 1.19
C GLU A 89 -7.83 3.21 1.65
N GLN A 90 -7.85 1.88 1.66
CA GLN A 90 -6.70 1.11 2.08
C GLN A 90 -5.42 1.61 1.40
N ALA A 91 -5.29 1.32 0.11
CA ALA A 91 -4.12 1.75 -0.65
C ALA A 91 -3.89 3.25 -0.50
N ALA A 92 -4.97 4.02 -0.53
CA ALA A 92 -4.89 5.47 -0.39
C ALA A 92 -4.05 5.85 0.83
N VAL A 93 -4.22 5.11 1.92
CA VAL A 93 -3.48 5.38 3.15
C VAL A 93 -1.98 5.33 2.90
N CYS A 94 -1.56 4.46 1.99
CA CYS A 94 -0.15 4.32 1.67
C CYS A 94 0.42 5.63 1.12
N ILE A 95 -0.39 6.36 0.37
CA ILE A 95 0.04 7.63 -0.20
C ILE A 95 0.31 8.66 0.88
N VAL A 96 -0.38 8.52 2.02
CA VAL A 96 -0.20 9.44 3.13
C VAL A 96 0.57 8.78 4.27
N ALA A 97 1.00 7.54 4.05
CA ALA A 97 1.75 6.81 5.06
C ALA A 97 3.25 6.94 4.83
N LEU A 98 3.65 7.03 3.56
CA LEU A 98 5.06 7.16 3.21
C LEU A 98 5.34 8.52 2.56
N ALA A 99 4.87 8.68 1.33
CA ALA A 99 5.05 9.93 0.60
C ALA A 99 6.50 10.39 0.67
N ASN A 100 7.34 9.82 -0.18
CA ASN A 100 8.75 10.18 -0.22
C ASN A 100 9.45 9.78 1.08
N PHE A 101 9.40 8.49 1.39
CA PHE A 101 10.02 7.96 2.61
C PHE A 101 11.40 7.40 2.31
N PRO A 102 12.33 7.57 3.27
CA PRO A 102 13.71 7.08 3.13
C PRO A 102 13.78 5.56 3.18
N PHE A 103 13.94 4.94 2.01
CA PHE A 103 14.03 3.49 1.91
C PHE A 103 15.47 3.05 1.67
N GLN A 104 16.21 2.84 2.75
CA GLN A 104 17.60 2.41 2.66
C GLN A 104 18.47 3.53 2.08
N GLY A 105 18.08 4.77 2.35
CA GLY A 105 18.84 5.91 1.84
C GLY A 105 18.04 6.74 0.86
N ARG A 106 17.72 6.15 -0.29
CA ARG A 106 16.96 6.84 -1.33
C ARG A 106 15.48 6.91 -0.96
N ASN A 107 14.80 7.95 -1.45
CA ASN A 107 13.38 8.13 -1.16
C ASN A 107 12.53 7.54 -2.28
N LEU A 108 11.22 7.47 -2.05
CA LEU A 108 10.29 6.94 -3.04
C LEU A 108 9.26 7.98 -3.44
N ARG A 109 8.17 7.52 -4.06
CA ARG A 109 7.10 8.41 -4.48
C ARG A 109 5.74 7.89 -4.03
N THR A 110 4.68 8.62 -4.38
CA THR A 110 3.33 8.23 -4.02
C THR A 110 2.32 8.70 -5.06
N GLY A 111 1.13 8.12 -5.02
CA GLY A 111 0.09 8.49 -5.97
C GLY A 111 -0.95 7.40 -6.13
N TRP A 112 -1.89 7.62 -7.06
CA TRP A 112 -2.95 6.66 -7.30
C TRP A 112 -2.63 5.79 -8.51
N GLY A 113 -2.69 4.48 -8.33
CA GLY A 113 -2.39 3.56 -9.41
C GLY A 113 -3.60 3.29 -10.29
N LYS A 114 -3.57 3.80 -11.51
CA LYS A 114 -4.67 3.62 -12.46
C LYS A 114 -4.32 2.55 -13.49
N GLU A 115 -5.35 2.01 -14.13
CA GLU A 115 -5.16 0.98 -15.15
C GLU A 115 -5.56 1.49 -16.53
N ARG A 116 -6.65 2.25 -16.58
CA ARG A 116 -7.14 2.81 -17.83
C ARG A 116 -8.15 3.92 -17.57
N GLY A 1 -2.74 -22.88 3.00
CA GLY A 1 -1.63 -21.99 2.73
C GLY A 1 -1.27 -21.14 3.93
N SER A 2 -0.02 -21.25 4.38
CA SER A 2 0.46 -20.49 5.52
C SER A 2 1.90 -20.05 5.32
N GLY A 3 2.40 -19.21 6.23
CA GLY A 3 3.76 -18.72 6.13
C GLY A 3 4.06 -17.66 7.18
N TYR A 4 4.66 -16.56 6.74
CA TYR A 4 5.02 -15.47 7.64
C TYR A 4 4.89 -14.12 6.94
N THR A 5 5.60 -13.97 5.83
CA THR A 5 5.56 -12.73 5.07
C THR A 5 5.09 -12.97 3.64
N ASN A 6 3.81 -12.68 3.39
CA ASN A 6 3.23 -12.86 2.06
C ASN A 6 1.86 -12.19 1.98
N TYR A 7 1.23 -12.30 0.81
CA TYR A 7 -0.08 -11.71 0.59
C TYR A 7 -1.16 -12.78 0.46
N ASN A 8 -2.35 -12.38 0.04
CA ASN A 8 -3.46 -13.30 -0.12
C ASN A 8 -4.70 -12.58 -0.65
N ASN A 9 -5.69 -13.35 -1.05
CA ASN A 9 -6.94 -12.79 -1.58
C ASN A 9 -8.00 -13.86 -1.73
N GLY A 10 -9.24 -13.51 -1.39
CA GLY A 10 -10.34 -14.45 -1.49
C GLY A 10 -10.34 -15.46 -0.36
N SER A 11 -9.33 -16.32 -0.33
CA SER A 11 -9.22 -17.34 0.71
C SER A 11 -9.17 -16.70 2.09
N ASN A 12 -8.49 -15.56 2.19
CA ASN A 12 -8.37 -14.86 3.46
C ASN A 12 -9.27 -13.63 3.48
N TYR A 13 -10.29 -13.67 4.34
CA TYR A 13 -11.23 -12.55 4.45
C TYR A 13 -10.53 -11.31 4.99
N THR A 14 -10.79 -10.17 4.35
CA THR A 14 -10.19 -8.91 4.76
C THR A 14 -10.51 -8.58 6.21
N GLN A 15 -9.52 -8.07 6.93
CA GLN A 15 -9.72 -7.71 8.33
C GLN A 15 -9.93 -6.21 8.49
N LYS A 16 -10.83 -5.83 9.39
CA LYS A 16 -11.13 -4.43 9.63
C LYS A 16 -11.26 -4.15 11.13
N LYS A 17 -10.80 -2.99 11.56
CA LYS A 17 -10.86 -2.60 12.96
C LYS A 17 -12.24 -2.03 13.30
N GLN A 18 -12.43 -1.69 14.58
CA GLN A 18 -13.71 -1.14 15.03
C GLN A 18 -13.50 0.19 15.75
N THR A 19 -14.59 0.78 16.22
CA THR A 19 -14.52 2.05 16.93
C THR A 19 -13.66 1.95 18.17
N ILE A 20 -13.24 3.10 18.70
CA ILE A 20 -12.40 3.13 19.89
C ILE A 20 -11.07 2.41 19.66
N GLY A 21 -10.09 3.16 19.17
CA GLY A 21 -8.79 2.58 18.91
C GLY A 21 -7.97 3.40 17.93
N LEU A 22 -6.91 4.03 18.42
CA LEU A 22 -6.05 4.85 17.58
C LEU A 22 -5.60 4.08 16.34
N PRO A 23 -5.16 4.81 15.30
CA PRO A 23 -4.69 4.22 14.05
C PRO A 23 -3.37 3.49 14.21
N PRO A 24 -2.99 2.71 13.19
CA PRO A 24 -1.74 1.94 13.20
C PRO A 24 -0.51 2.83 13.09
N GLN A 25 -0.55 3.77 12.14
CA GLN A 25 0.56 4.69 11.93
C GLN A 25 0.11 5.92 11.15
N VAL A 26 -0.47 5.67 9.98
CA VAL A 26 -0.94 6.75 9.12
C VAL A 26 -2.06 7.54 9.79
N ASN A 27 -2.57 8.56 9.10
CA ASN A 27 -3.65 9.38 9.64
C ASN A 27 -5.00 8.94 9.07
N PRO A 28 -6.00 8.83 9.95
CA PRO A 28 -7.36 8.42 9.55
C PRO A 28 -8.07 9.50 8.74
N GLN A 29 -7.88 10.76 9.14
CA GLN A 29 -8.51 11.88 8.45
C GLN A 29 -7.57 12.46 7.40
N ALA A 30 -6.77 11.60 6.78
CA ALA A 30 -5.82 12.03 5.76
C ALA A 30 -6.02 11.23 4.47
N VAL A 31 -6.38 9.96 4.61
CA VAL A 31 -6.60 9.09 3.46
C VAL A 31 -7.85 9.50 2.70
N ASP A 32 -8.85 9.98 3.42
CA ASP A 32 -10.11 10.40 2.81
C ASP A 32 -9.85 11.36 1.66
N HIS A 33 -9.02 12.36 1.90
CA HIS A 33 -8.69 13.35 0.88
C HIS A 33 -8.18 12.67 -0.40
N ILE A 34 -7.49 11.54 -0.22
CA ILE A 34 -6.96 10.80 -1.36
C ILE A 34 -8.06 10.06 -2.09
N ILE A 35 -8.90 9.33 -1.34
CA ILE A 35 -9.99 8.58 -1.93
C ILE A 35 -10.85 9.47 -2.83
N ARG A 36 -11.02 10.72 -2.43
CA ARG A 36 -11.82 11.66 -3.19
C ARG A 36 -11.24 11.86 -4.59
N SER A 37 -9.92 11.73 -4.70
CA SER A 37 -9.23 11.90 -5.98
C SER A 37 -9.90 11.05 -7.06
N ALA A 38 -9.69 9.74 -7.00
CA ALA A 38 -10.27 8.82 -7.97
C ALA A 38 -11.62 8.30 -7.49
N PRO A 39 -12.42 7.80 -8.43
CA PRO A 39 -13.75 7.26 -8.13
C PRO A 39 -13.68 5.94 -7.35
N PRO A 40 -14.81 5.53 -6.77
CA PRO A 40 -14.90 4.29 -5.99
C PRO A 40 -14.80 3.05 -6.87
N ARG A 41 -13.64 2.87 -7.50
CA ARG A 41 -13.41 1.73 -8.37
C ARG A 41 -11.93 1.37 -8.41
N VAL A 42 -11.10 2.35 -8.74
CA VAL A 42 -9.66 2.13 -8.81
C VAL A 42 -9.09 1.76 -7.45
N THR A 43 -8.41 0.62 -7.40
CA THR A 43 -7.82 0.15 -6.15
C THR A 43 -6.30 0.04 -6.27
N THR A 44 -5.81 -0.05 -7.50
CA THR A 44 -4.38 -0.16 -7.76
C THR A 44 -3.65 1.09 -7.28
N ALA A 45 -2.73 0.92 -6.34
CA ALA A 45 -1.96 2.02 -5.80
C ALA A 45 -0.76 2.34 -6.69
N TYR A 46 0.15 3.16 -6.18
CA TYR A 46 1.35 3.54 -6.92
C TYR A 46 2.42 4.10 -6.00
N ILE A 47 3.61 3.51 -6.05
CA ILE A 47 4.72 3.96 -5.22
C ILE A 47 6.04 3.87 -5.97
N GLY A 48 6.48 5.00 -6.53
CA GLY A 48 7.73 5.03 -7.27
C GLY A 48 8.89 5.52 -6.42
N ASN A 49 9.99 5.86 -7.08
CA ASN A 49 11.18 6.34 -6.39
C ASN A 49 11.67 5.32 -5.37
N ILE A 50 11.46 4.04 -5.68
CA ILE A 50 11.88 2.97 -4.80
C ILE A 50 13.18 2.34 -5.28
N PRO A 51 14.12 2.10 -4.34
CA PRO A 51 15.41 1.50 -4.64
C PRO A 51 15.30 0.04 -5.05
N HIS A 52 16.02 -0.33 -6.11
CA HIS A 52 16.00 -1.70 -6.60
C HIS A 52 16.61 -2.66 -5.59
N PHE A 53 17.56 -2.15 -4.81
CA PHE A 53 18.23 -2.96 -3.79
C PHE A 53 17.35 -3.13 -2.56
N ALA A 54 16.15 -3.65 -2.76
CA ALA A 54 15.20 -3.86 -1.67
C ALA A 54 14.29 -5.05 -1.96
N THR A 55 14.73 -6.24 -1.56
CA THR A 55 13.95 -7.46 -1.78
C THR A 55 12.52 -7.29 -1.30
N GLU A 56 11.58 -7.93 -1.99
CA GLU A 56 10.17 -7.85 -1.63
C GLU A 56 9.97 -8.17 -0.15
N ALA A 57 10.84 -9.01 0.39
CA ALA A 57 10.75 -9.40 1.79
C ALA A 57 10.68 -8.18 2.70
N ASP A 58 11.23 -7.06 2.22
CA ASP A 58 11.22 -5.82 2.99
C ASP A 58 10.06 -4.93 2.57
N LEU A 59 9.54 -5.16 1.37
CA LEU A 59 8.42 -4.37 0.85
C LEU A 59 7.11 -4.87 1.42
N ILE A 60 6.94 -6.18 1.44
CA ILE A 60 5.71 -6.79 1.97
C ILE A 60 5.38 -6.24 3.35
N PRO A 61 6.36 -6.27 4.26
CA PRO A 61 6.19 -5.78 5.63
C PRO A 61 6.06 -4.27 5.69
N LEU A 62 6.20 -3.62 4.53
CA LEU A 62 6.09 -2.16 4.45
C LEU A 62 4.75 -1.75 3.86
N PHE A 63 4.24 -2.56 2.93
CA PHE A 63 2.96 -2.28 2.29
C PHE A 63 1.83 -3.02 3.00
N GLN A 64 2.02 -4.31 3.20
CA GLN A 64 1.01 -5.14 3.86
C GLN A 64 0.51 -4.47 5.13
N ASN A 65 1.43 -3.86 5.88
CA ASN A 65 1.09 -3.19 7.13
C ASN A 65 -0.05 -2.19 6.92
N PHE A 66 -0.10 -1.62 5.73
CA PHE A 66 -1.14 -0.65 5.39
C PHE A 66 -2.52 -1.29 5.43
N GLY A 67 -2.79 -2.15 4.45
CA GLY A 67 -4.07 -2.83 4.40
C GLY A 67 -3.93 -4.34 4.39
N PHE A 68 -4.28 -4.95 3.27
CA PHE A 68 -4.20 -6.41 3.13
C PHE A 68 -3.39 -6.79 1.90
N ILE A 69 -3.55 -6.02 0.83
CA ILE A 69 -2.84 -6.28 -0.42
C ILE A 69 -3.26 -7.62 -1.02
N LEU A 70 -3.85 -7.57 -2.20
CA LEU A 70 -4.29 -8.78 -2.89
C LEU A 70 -3.23 -9.27 -3.87
N ASP A 71 -2.59 -8.33 -4.56
CA ASP A 71 -1.55 -8.68 -5.53
C ASP A 71 -0.48 -7.59 -5.57
N PHE A 72 0.65 -7.87 -4.95
CA PHE A 72 1.76 -6.93 -4.91
C PHE A 72 2.65 -7.08 -6.14
N LYS A 73 2.41 -6.25 -7.16
CA LYS A 73 3.20 -6.30 -8.38
C LYS A 73 4.68 -6.29 -8.08
N HIS A 74 5.21 -5.11 -7.75
CA HIS A 74 6.62 -4.96 -7.44
C HIS A 74 7.49 -5.38 -8.61
N TYR A 75 7.74 -4.45 -9.52
CA TYR A 75 8.56 -4.73 -10.70
C TYR A 75 9.89 -5.36 -10.31
N PRO A 76 10.53 -6.02 -11.27
CA PRO A 76 11.82 -6.68 -11.06
C PRO A 76 12.96 -5.68 -10.85
N GLU A 77 13.04 -4.69 -11.75
CA GLU A 77 14.07 -3.68 -11.66
C GLU A 77 13.55 -2.33 -12.16
N LYS A 78 12.37 -1.95 -11.69
CA LYS A 78 11.76 -0.68 -12.09
C LYS A 78 11.68 0.28 -10.91
N GLY A 79 11.02 -0.16 -9.84
CA GLY A 79 10.88 0.68 -8.65
C GLY A 79 9.43 0.94 -8.31
N CYS A 80 8.66 1.36 -9.31
CA CYS A 80 7.25 1.66 -9.09
C CYS A 80 6.45 0.39 -8.84
N CYS A 81 6.05 0.18 -7.59
CA CYS A 81 5.29 -1.00 -7.21
C CYS A 81 3.80 -0.68 -7.08
N PHE A 82 2.97 -1.46 -7.75
CA PHE A 82 1.53 -1.26 -7.73
C PHE A 82 0.84 -2.32 -6.87
N ILE A 83 -0.22 -1.92 -6.19
CA ILE A 83 -0.96 -2.83 -5.33
C ILE A 83 -2.47 -2.71 -5.56
N LYS A 84 -3.06 -3.75 -6.13
CA LYS A 84 -4.50 -3.76 -6.41
C LYS A 84 -5.28 -4.22 -5.19
N TYR A 85 -5.30 -3.38 -4.16
CA TYR A 85 -6.02 -3.71 -2.93
C TYR A 85 -7.45 -4.12 -3.22
N ASP A 86 -8.14 -4.64 -2.21
CA ASP A 86 -9.52 -5.08 -2.36
C ASP A 86 -10.47 -3.90 -2.29
N THR A 87 -10.12 -2.90 -1.48
CA THR A 87 -10.95 -1.72 -1.33
C THR A 87 -10.22 -0.46 -1.80
N HIS A 88 -10.98 0.57 -2.12
CA HIS A 88 -10.41 1.83 -2.59
C HIS A 88 -9.59 2.50 -1.49
N GLU A 89 -10.24 2.82 -0.38
CA GLU A 89 -9.56 3.46 0.75
C GLU A 89 -8.31 2.68 1.14
N GLN A 90 -8.34 1.37 0.94
CA GLN A 90 -7.21 0.52 1.28
C GLN A 90 -5.92 1.08 0.69
N ALA A 91 -5.79 0.98 -0.63
CA ALA A 91 -4.61 1.48 -1.32
C ALA A 91 -4.40 2.96 -1.07
N ALA A 92 -5.50 3.72 -1.04
CA ALA A 92 -5.45 5.16 -0.80
C ALA A 92 -4.64 5.47 0.45
N VAL A 93 -4.75 4.60 1.45
CA VAL A 93 -4.02 4.80 2.70
C VAL A 93 -2.51 4.80 2.48
N CYS A 94 -2.07 4.04 1.46
CA CYS A 94 -0.65 3.95 1.13
C CYS A 94 -0.13 5.29 0.62
N ILE A 95 -0.91 5.93 -0.26
CA ILE A 95 -0.51 7.20 -0.83
C ILE A 95 -0.17 8.21 0.26
N VAL A 96 -0.77 8.03 1.44
CA VAL A 96 -0.52 8.92 2.56
C VAL A 96 0.29 8.22 3.64
N ALA A 97 0.52 6.93 3.46
CA ALA A 97 1.30 6.14 4.41
C ALA A 97 2.79 6.40 4.26
N LEU A 98 3.23 6.56 3.02
CA LEU A 98 4.64 6.81 2.74
C LEU A 98 4.84 8.21 2.16
N ALA A 99 4.29 8.45 0.98
CA ALA A 99 4.41 9.74 0.33
C ALA A 99 5.81 10.32 0.49
N ASN A 100 6.76 9.76 -0.25
CA ASN A 100 8.15 10.20 -0.18
C ASN A 100 8.77 9.89 1.18
N PHE A 101 8.88 8.60 1.48
CA PHE A 101 9.45 8.17 2.76
C PHE A 101 10.93 7.80 2.59
N PRO A 102 11.73 8.09 3.62
CA PRO A 102 13.17 7.79 3.61
C PRO A 102 13.45 6.29 3.69
N PHE A 103 13.70 5.69 2.54
CA PHE A 103 13.98 4.26 2.47
C PHE A 103 15.47 3.99 2.72
N GLN A 104 16.30 4.45 1.79
CA GLN A 104 17.75 4.25 1.91
C GLN A 104 18.50 5.48 1.40
N GLY A 105 17.92 6.65 1.62
CA GLY A 105 18.55 7.89 1.18
C GLY A 105 17.64 8.75 0.34
N ARG A 106 16.77 8.09 -0.43
CA ARG A 106 15.83 8.80 -1.30
C ARG A 106 14.40 8.69 -0.76
N ASN A 107 13.50 9.47 -1.34
CA ASN A 107 12.10 9.47 -0.92
C ASN A 107 11.20 8.89 -2.01
N LEU A 108 10.32 7.98 -1.63
CA LEU A 108 9.40 7.36 -2.58
C LEU A 108 8.47 8.39 -3.18
N ARG A 109 7.35 7.91 -3.73
CA ARG A 109 6.37 8.80 -4.35
C ARG A 109 4.98 8.17 -4.32
N THR A 110 3.97 8.96 -4.68
CA THR A 110 2.60 8.49 -4.69
C THR A 110 1.76 9.25 -5.72
N GLY A 111 0.49 8.85 -5.85
CA GLY A 111 -0.39 9.51 -6.80
C GLY A 111 -1.34 8.54 -7.47
N TRP A 112 -1.76 7.51 -6.73
CA TRP A 112 -2.68 6.51 -7.26
C TRP A 112 -2.07 5.80 -8.47
N GLY A 113 -2.68 4.68 -8.85
CA GLY A 113 -2.17 3.93 -9.99
C GLY A 113 -3.10 4.02 -11.19
N LYS A 114 -2.54 3.83 -12.37
CA LYS A 114 -3.32 3.89 -13.61
C LYS A 114 -2.98 2.71 -14.52
N GLU A 115 -3.99 2.24 -15.26
CA GLU A 115 -3.79 1.11 -16.16
C GLU A 115 -3.39 -0.14 -15.40
N ARG A 116 -3.48 -1.29 -16.08
CA ARG A 116 -3.12 -2.56 -15.47
C ARG A 116 -1.64 -2.87 -15.67
N GLY A 1 -3.90 -19.86 5.87
CA GLY A 1 -3.91 -18.47 5.42
C GLY A 1 -3.52 -17.50 6.52
N SER A 2 -3.48 -16.21 6.18
CA SER A 2 -3.12 -15.19 7.14
C SER A 2 -1.74 -15.46 7.73
N GLY A 3 -0.79 -15.81 6.88
CA GLY A 3 0.56 -16.10 7.34
C GLY A 3 1.31 -14.85 7.75
N TYR A 4 2.54 -15.03 8.21
CA TYR A 4 3.36 -13.91 8.64
C TYR A 4 4.51 -13.66 7.67
N THR A 5 4.18 -13.55 6.38
CA THR A 5 5.18 -13.32 5.35
C THR A 5 4.53 -13.21 3.98
N ASN A 6 3.50 -14.00 3.75
CA ASN A 6 2.79 -14.00 2.47
C ASN A 6 1.64 -13.00 2.50
N TYR A 7 1.06 -12.76 1.33
CA TYR A 7 -0.06 -11.81 1.21
C TYR A 7 -1.37 -12.50 1.56
N ASN A 8 -1.81 -13.42 0.69
CA ASN A 8 -3.06 -14.14 0.91
C ASN A 8 -4.25 -13.19 0.87
N ASN A 9 -5.42 -13.74 0.59
CA ASN A 9 -6.64 -12.94 0.52
C ASN A 9 -7.87 -13.77 0.92
N GLY A 10 -8.77 -13.16 1.67
CA GLY A 10 -9.97 -13.86 2.10
C GLY A 10 -11.19 -13.47 1.29
N SER A 11 -11.23 -12.21 0.85
CA SER A 11 -12.35 -11.72 0.06
C SER A 11 -13.61 -11.61 0.93
N ASN A 12 -14.23 -12.74 1.21
CA ASN A 12 -15.44 -12.78 2.02
C ASN A 12 -15.10 -12.98 3.49
N TYR A 13 -14.11 -12.24 3.97
CA TYR A 13 -13.68 -12.34 5.36
C TYR A 13 -12.53 -11.38 5.65
N THR A 14 -12.86 -10.20 6.17
CA THR A 14 -11.86 -9.19 6.49
C THR A 14 -11.22 -9.46 7.85
N GLN A 15 -9.93 -9.16 7.97
CA GLN A 15 -9.21 -9.37 9.22
C GLN A 15 -9.34 -8.16 10.13
N LYS A 16 -8.62 -7.09 9.78
CA LYS A 16 -8.65 -5.85 10.56
C LYS A 16 -9.46 -4.78 9.84
N LYS A 17 -10.67 -4.52 10.35
CA LYS A 17 -11.54 -3.51 9.77
C LYS A 17 -11.87 -2.42 10.78
N GLN A 18 -12.00 -2.81 12.05
CA GLN A 18 -12.32 -1.87 13.11
C GLN A 18 -11.90 -2.42 14.47
N THR A 19 -10.84 -1.87 15.04
CA THR A 19 -10.35 -2.32 16.34
C THR A 19 -9.43 -1.27 16.97
N ILE A 20 -9.36 -1.28 18.30
CA ILE A 20 -8.52 -0.34 19.02
C ILE A 20 -7.07 -0.41 18.54
N GLY A 21 -6.48 0.75 18.29
CA GLY A 21 -5.10 0.79 17.83
C GLY A 21 -4.89 1.76 16.69
N LEU A 22 -4.67 3.03 17.03
CA LEU A 22 -4.47 4.06 16.01
C LEU A 22 -3.10 4.73 16.20
N PRO A 23 -2.03 4.00 15.86
CA PRO A 23 -0.67 4.50 15.98
C PRO A 23 -0.36 5.60 14.96
N PRO A 24 0.78 6.28 15.15
CA PRO A 24 1.21 7.37 14.26
C PRO A 24 1.64 6.85 12.88
N GLN A 25 0.66 6.59 12.02
CA GLN A 25 0.94 6.10 10.69
C GLN A 25 0.05 6.78 9.65
N VAL A 26 -1.22 6.39 9.62
CA VAL A 26 -2.18 6.97 8.69
C VAL A 26 -3.55 7.16 9.35
N ASN A 27 -4.25 8.21 8.94
CA ASN A 27 -5.57 8.51 9.49
C ASN A 27 -6.62 8.51 8.39
N PRO A 28 -7.90 8.37 8.79
CA PRO A 28 -9.02 8.35 7.86
C PRO A 28 -9.27 9.72 7.22
N GLN A 29 -9.06 10.78 8.00
CA GLN A 29 -9.26 12.14 7.52
C GLN A 29 -8.25 12.47 6.42
N ALA A 30 -7.05 11.93 6.55
CA ALA A 30 -6.00 12.17 5.56
C ALA A 30 -5.99 11.09 4.48
N VAL A 31 -7.15 10.51 4.22
CA VAL A 31 -7.28 9.47 3.22
C VAL A 31 -8.45 9.74 2.28
N ASP A 32 -9.55 10.23 2.85
CA ASP A 32 -10.74 10.54 2.07
C ASP A 32 -10.40 11.49 0.91
N HIS A 33 -9.47 12.41 1.17
CA HIS A 33 -9.06 13.37 0.16
C HIS A 33 -8.39 12.68 -1.03
N ILE A 34 -7.65 11.61 -0.74
CA ILE A 34 -6.96 10.86 -1.78
C ILE A 34 -7.96 10.10 -2.65
N ILE A 35 -8.96 9.48 -2.01
CA ILE A 35 -9.97 8.72 -2.73
C ILE A 35 -10.61 9.57 -3.82
N ARG A 36 -10.90 10.82 -3.50
CA ARG A 36 -11.53 11.73 -4.46
C ARG A 36 -10.66 11.90 -5.70
N SER A 37 -9.38 11.58 -5.56
CA SER A 37 -8.43 11.69 -6.67
C SER A 37 -8.31 10.37 -7.42
N ALA A 38 -9.42 9.63 -7.48
CA ALA A 38 -9.44 8.35 -8.17
C ALA A 38 -10.81 7.69 -8.06
N PRO A 39 -11.16 6.88 -9.07
CA PRO A 39 -12.45 6.17 -9.11
C PRO A 39 -12.54 5.06 -8.06
N PRO A 40 -13.76 4.59 -7.81
CA PRO A 40 -14.01 3.52 -6.84
C PRO A 40 -13.47 2.17 -7.29
N ARG A 41 -13.44 1.96 -8.61
CA ARG A 41 -12.95 0.72 -9.17
C ARG A 41 -11.44 0.60 -8.99
N VAL A 42 -10.70 1.53 -9.59
CA VAL A 42 -9.25 1.52 -9.48
C VAL A 42 -8.79 1.39 -8.04
N THR A 43 -8.10 0.29 -7.73
CA THR A 43 -7.62 0.05 -6.39
C THR A 43 -6.10 -0.08 -6.37
N THR A 44 -5.51 -0.46 -7.50
CA THR A 44 -4.07 -0.61 -7.62
C THR A 44 -3.35 0.64 -7.13
N ALA A 45 -2.56 0.49 -6.06
CA ALA A 45 -1.81 1.60 -5.50
C ALA A 45 -0.70 2.04 -6.44
N TYR A 46 0.20 2.87 -5.93
CA TYR A 46 1.32 3.37 -6.73
C TYR A 46 2.26 4.20 -5.87
N ILE A 47 3.49 3.74 -5.73
CA ILE A 47 4.50 4.44 -4.94
C ILE A 47 5.41 5.28 -5.83
N GLY A 48 6.38 4.62 -6.45
CA GLY A 48 7.30 5.33 -7.33
C GLY A 48 8.59 5.71 -6.62
N ASN A 49 9.65 5.92 -7.40
CA ASN A 49 10.95 6.29 -6.84
C ASN A 49 11.44 5.23 -5.86
N ILE A 50 11.37 3.97 -6.28
CA ILE A 50 11.82 2.86 -5.44
C ILE A 50 13.30 2.60 -5.62
N PRO A 51 14.02 2.47 -4.49
CA PRO A 51 15.46 2.22 -4.49
C PRO A 51 15.80 0.82 -4.98
N HIS A 52 16.93 0.70 -5.68
CA HIS A 52 17.37 -0.59 -6.21
C HIS A 52 17.67 -1.57 -5.08
N PHE A 53 18.11 -1.03 -3.94
CA PHE A 53 18.43 -1.86 -2.78
C PHE A 53 17.21 -2.07 -1.90
N ALA A 54 16.10 -2.46 -2.53
CA ALA A 54 14.86 -2.70 -1.81
C ALA A 54 14.14 -3.94 -2.34
N THR A 55 14.41 -5.08 -1.74
CA THR A 55 13.79 -6.34 -2.15
C THR A 55 12.38 -6.47 -1.59
N GLU A 56 11.54 -7.25 -2.28
CA GLU A 56 10.17 -7.45 -1.84
C GLU A 56 10.11 -7.86 -0.38
N ALA A 57 11.10 -8.64 0.05
CA ALA A 57 11.17 -9.10 1.43
C ALA A 57 11.03 -7.94 2.40
N ASP A 58 11.45 -6.76 1.98
CA ASP A 58 11.38 -5.57 2.81
C ASP A 58 10.14 -4.74 2.46
N LEU A 59 9.65 -4.91 1.24
CA LEU A 59 8.48 -4.18 0.77
C LEU A 59 7.20 -4.75 1.37
N ILE A 60 7.14 -6.07 1.45
CA ILE A 60 5.97 -6.75 2.01
C ILE A 60 5.68 -6.26 3.43
N PRO A 61 6.69 -6.33 4.30
CA PRO A 61 6.58 -5.90 5.69
C PRO A 61 6.45 -4.39 5.82
N LEU A 62 6.60 -3.68 4.71
CA LEU A 62 6.51 -2.23 4.69
C LEU A 62 5.13 -1.78 4.24
N PHE A 63 4.57 -2.49 3.24
CA PHE A 63 3.26 -2.16 2.72
C PHE A 63 2.18 -2.97 3.43
N GLN A 64 2.30 -4.29 3.37
CA GLN A 64 1.34 -5.18 4.01
C GLN A 64 1.09 -4.77 5.45
N ASN A 65 2.14 -4.29 6.11
CA ASN A 65 2.04 -3.86 7.50
C ASN A 65 0.86 -2.89 7.69
N PHE A 66 0.59 -2.11 6.66
CA PHE A 66 -0.51 -1.14 6.70
C PHE A 66 -1.84 -1.84 6.97
N GLY A 67 -2.01 -3.01 6.38
CA GLY A 67 -3.23 -3.76 6.56
C GLY A 67 -3.35 -4.95 5.61
N PHE A 68 -3.61 -4.66 4.34
CA PHE A 68 -3.74 -5.70 3.34
C PHE A 68 -2.88 -5.39 2.11
N ILE A 69 -3.10 -6.13 1.04
CA ILE A 69 -2.34 -5.94 -0.20
C ILE A 69 -2.93 -6.76 -1.34
N LEU A 70 -3.45 -7.93 -1.02
CA LEU A 70 -4.05 -8.80 -2.02
C LEU A 70 -3.01 -9.30 -3.01
N ASP A 71 -2.60 -8.42 -3.93
CA ASP A 71 -1.60 -8.76 -4.93
C ASP A 71 -0.52 -7.70 -5.00
N PHE A 72 0.73 -8.13 -4.88
CA PHE A 72 1.87 -7.22 -4.92
C PHE A 72 2.85 -7.62 -6.02
N LYS A 73 3.18 -6.67 -6.89
CA LYS A 73 4.11 -6.92 -7.98
C LYS A 73 5.20 -5.86 -8.02
N HIS A 74 6.38 -6.21 -7.52
CA HIS A 74 7.52 -5.30 -7.50
C HIS A 74 7.96 -4.95 -8.91
N TYR A 75 8.32 -3.69 -9.11
CA TYR A 75 8.76 -3.22 -10.43
C TYR A 75 10.13 -2.53 -10.33
N PRO A 76 11.19 -3.34 -10.19
CA PRO A 76 12.56 -2.82 -10.08
C PRO A 76 13.06 -2.23 -11.39
N GLU A 77 12.58 -2.79 -12.50
CA GLU A 77 12.99 -2.32 -13.82
C GLU A 77 11.99 -1.30 -14.37
N LYS A 78 11.44 -0.48 -13.48
CA LYS A 78 10.47 0.54 -13.87
C LYS A 78 10.54 1.73 -12.93
N GLY A 79 10.15 1.52 -11.68
CA GLY A 79 10.17 2.59 -10.70
C GLY A 79 8.79 2.96 -10.20
N CYS A 80 8.05 1.95 -9.75
CA CYS A 80 6.70 2.16 -9.25
C CYS A 80 6.07 0.85 -8.79
N CYS A 81 5.79 0.74 -7.50
CA CYS A 81 5.19 -0.46 -6.94
C CYS A 81 3.68 -0.48 -7.18
N PHE A 82 3.15 -1.64 -7.52
CA PHE A 82 1.73 -1.80 -7.77
C PHE A 82 1.11 -2.80 -6.81
N ILE A 83 -0.02 -2.42 -6.22
CA ILE A 83 -0.72 -3.29 -5.27
C ILE A 83 -2.23 -3.07 -5.33
N LYS A 84 -2.95 -4.08 -5.82
CA LYS A 84 -4.41 -3.99 -5.93
C LYS A 84 -5.07 -4.47 -4.64
N TYR A 85 -5.25 -3.54 -3.70
CA TYR A 85 -5.87 -3.87 -2.42
C TYR A 85 -7.31 -4.37 -2.62
N ASP A 86 -8.01 -4.59 -1.52
CA ASP A 86 -9.38 -5.07 -1.57
C ASP A 86 -10.36 -3.90 -1.68
N THR A 87 -10.02 -2.79 -1.04
CA THR A 87 -10.86 -1.60 -1.05
C THR A 87 -10.12 -0.42 -1.66
N HIS A 88 -10.89 0.52 -2.22
CA HIS A 88 -10.31 1.70 -2.84
C HIS A 88 -9.55 2.54 -1.81
N GLU A 89 -10.16 2.71 -0.63
CA GLU A 89 -9.55 3.49 0.43
C GLU A 89 -8.29 2.81 0.96
N GLN A 90 -8.29 1.48 0.94
CA GLN A 90 -7.15 0.70 1.41
C GLN A 90 -5.85 1.20 0.77
N ALA A 91 -5.69 0.90 -0.52
CA ALA A 91 -4.51 1.31 -1.26
C ALA A 91 -4.24 2.80 -1.10
N ALA A 92 -5.30 3.59 -1.20
CA ALA A 92 -5.19 5.04 -1.06
C ALA A 92 -4.45 5.41 0.22
N VAL A 93 -4.67 4.64 1.27
CA VAL A 93 -4.01 4.89 2.55
C VAL A 93 -2.50 4.79 2.43
N CYS A 94 -2.04 3.93 1.51
CA CYS A 94 -0.61 3.75 1.30
C CYS A 94 0.04 5.04 0.80
N ILE A 95 -0.70 5.79 -0.01
CA ILE A 95 -0.20 7.05 -0.54
C ILE A 95 -0.02 8.09 0.55
N VAL A 96 -0.84 8.00 1.59
CA VAL A 96 -0.78 8.93 2.71
C VAL A 96 -0.10 8.29 3.91
N ALA A 97 0.36 7.05 3.74
CA ALA A 97 1.03 6.33 4.82
C ALA A 97 2.55 6.50 4.72
N LEU A 98 3.05 6.61 3.50
CA LEU A 98 4.48 6.77 3.28
C LEU A 98 4.80 8.17 2.76
N ALA A 99 4.44 8.42 1.50
CA ALA A 99 4.68 9.72 0.88
C ALA A 99 6.08 10.23 1.22
N ASN A 100 7.06 9.82 0.43
CA ASN A 100 8.45 10.24 0.65
C ASN A 100 8.98 9.68 1.97
N PHE A 101 8.88 8.37 2.14
CA PHE A 101 9.37 7.72 3.35
C PHE A 101 10.84 7.35 3.23
N PRO A 102 11.58 7.50 4.34
CA PRO A 102 13.01 7.18 4.37
C PRO A 102 13.28 5.67 4.28
N PHE A 103 13.84 5.26 3.14
CA PHE A 103 14.14 3.85 2.92
C PHE A 103 15.65 3.61 2.97
N GLN A 104 16.21 3.57 4.17
CA GLN A 104 17.64 3.34 4.35
C GLN A 104 18.44 4.50 3.78
N GLY A 105 17.87 5.71 3.85
CA GLY A 105 18.56 6.88 3.35
C GLY A 105 17.86 7.47 2.13
N ARG A 106 17.49 6.61 1.19
CA ARG A 106 16.81 7.06 -0.03
C ARG A 106 15.30 7.06 0.17
N ASN A 107 14.65 8.12 -0.30
CA ASN A 107 13.20 8.24 -0.18
C ASN A 107 12.51 7.77 -1.46
N LEU A 108 11.19 7.82 -1.46
CA LEU A 108 10.41 7.40 -2.62
C LEU A 108 9.28 8.39 -2.90
N ARG A 109 8.35 7.99 -3.76
CA ARG A 109 7.21 8.83 -4.11
C ARG A 109 5.89 8.12 -3.85
N THR A 110 4.80 8.67 -4.37
CA THR A 110 3.48 8.09 -4.20
C THR A 110 2.55 8.48 -5.34
N GLY A 111 1.34 7.95 -5.32
CA GLY A 111 0.37 8.25 -6.35
C GLY A 111 -0.65 7.14 -6.54
N TRP A 112 -1.37 7.18 -7.67
CA TRP A 112 -2.38 6.17 -7.96
C TRP A 112 -1.94 5.30 -9.13
N GLY A 113 -2.54 4.11 -9.24
CA GLY A 113 -2.20 3.20 -10.31
C GLY A 113 -3.34 3.03 -11.30
N LYS A 114 -3.07 2.32 -12.39
CA LYS A 114 -4.07 2.08 -13.43
C LYS A 114 -4.63 3.40 -13.94
N GLU A 115 -4.02 3.93 -15.00
CA GLU A 115 -4.46 5.19 -15.59
C GLU A 115 -4.54 5.08 -17.11
N ARG A 116 -5.68 5.46 -17.66
CA ARG A 116 -5.89 5.40 -19.11
C ARG A 116 -5.77 6.79 -19.73
N GLY A 1 -3.51 -8.01 15.94
CA GLY A 1 -2.51 -9.03 16.16
C GLY A 1 -2.63 -10.18 15.17
N SER A 2 -2.44 -9.88 13.89
CA SER A 2 -2.53 -10.90 12.85
C SER A 2 -1.15 -11.39 12.45
N GLY A 3 -0.22 -10.47 12.28
CA GLY A 3 1.13 -10.84 11.90
C GLY A 3 1.18 -11.66 10.63
N TYR A 4 1.62 -12.91 10.75
CA TYR A 4 1.71 -13.80 9.60
C TYR A 4 2.50 -13.16 8.48
N THR A 5 3.83 -13.28 8.54
CA THR A 5 4.71 -12.72 7.53
C THR A 5 4.28 -13.14 6.13
N ASN A 6 4.85 -12.50 5.12
CA ASN A 6 4.53 -12.81 3.73
C ASN A 6 3.06 -12.52 3.43
N TYR A 7 2.81 -11.41 2.76
CA TYR A 7 1.45 -11.01 2.42
C TYR A 7 0.70 -12.15 1.73
N ASN A 8 -0.59 -11.96 1.52
CA ASN A 8 -1.42 -12.98 0.88
C ASN A 8 -2.86 -12.51 0.76
N ASN A 9 -3.68 -13.32 0.09
CA ASN A 9 -5.10 -12.99 -0.09
C ASN A 9 -5.99 -13.94 0.69
N GLY A 10 -5.78 -15.24 0.49
CA GLY A 10 -6.58 -16.23 1.19
C GLY A 10 -7.81 -16.65 0.41
N SER A 11 -8.88 -15.88 0.54
CA SER A 11 -10.13 -16.18 -0.15
C SER A 11 -11.18 -15.10 0.12
N ASN A 12 -11.26 -14.67 1.37
CA ASN A 12 -12.21 -13.64 1.76
C ASN A 12 -11.63 -12.25 1.54
N TYR A 13 -12.46 -11.22 1.74
CA TYR A 13 -12.04 -9.84 1.56
C TYR A 13 -11.65 -9.22 2.89
N THR A 14 -10.80 -9.92 3.65
CA THR A 14 -10.34 -9.43 4.95
C THR A 14 -11.45 -9.53 5.98
N GLN A 15 -12.49 -8.71 5.82
CA GLN A 15 -13.61 -8.71 6.75
C GLN A 15 -14.87 -8.18 6.07
N LYS A 16 -15.95 -8.10 6.84
CA LYS A 16 -17.22 -7.61 6.32
C LYS A 16 -18.02 -6.90 7.40
N LYS A 17 -17.37 -6.00 8.13
CA LYS A 17 -18.01 -5.25 9.19
C LYS A 17 -17.97 -3.75 8.91
N GLN A 18 -16.87 -3.30 8.31
CA GLN A 18 -16.71 -1.88 7.98
C GLN A 18 -16.85 -1.02 9.23
N THR A 19 -15.73 -0.82 9.93
CA THR A 19 -15.73 -0.01 11.14
C THR A 19 -14.43 0.76 11.29
N ILE A 20 -14.49 1.90 11.97
CA ILE A 20 -13.31 2.74 12.17
C ILE A 20 -12.39 2.12 13.23
N GLY A 21 -11.10 2.03 12.91
CA GLY A 21 -10.15 1.47 13.85
C GLY A 21 -8.74 1.47 13.31
N LEU A 22 -8.40 2.50 12.54
CA LEU A 22 -7.07 2.62 11.95
C LEU A 22 -5.99 2.61 13.04
N PRO A 23 -4.75 2.31 12.63
CA PRO A 23 -3.61 2.25 13.55
C PRO A 23 -3.22 3.63 14.06
N PRO A 24 -2.36 3.66 15.09
CA PRO A 24 -1.89 4.91 15.69
C PRO A 24 -0.95 5.68 14.77
N GLN A 25 -0.17 4.94 13.97
CA GLN A 25 0.77 5.56 13.04
C GLN A 25 0.05 6.55 12.12
N VAL A 26 -0.79 6.02 11.23
CA VAL A 26 -1.53 6.85 10.30
C VAL A 26 -2.99 7.01 10.73
N ASN A 27 -3.54 8.19 10.52
CA ASN A 27 -4.93 8.47 10.88
C ASN A 27 -5.84 8.44 9.66
N PRO A 28 -7.15 8.26 9.90
CA PRO A 28 -8.15 8.20 8.83
C PRO A 28 -8.35 9.55 8.15
N GLN A 29 -8.16 10.62 8.91
CA GLN A 29 -8.32 11.98 8.39
C GLN A 29 -7.24 12.30 7.37
N ALA A 30 -6.04 11.78 7.61
CA ALA A 30 -4.92 12.02 6.71
C ALA A 30 -5.09 11.24 5.41
N VAL A 31 -5.44 9.96 5.53
CA VAL A 31 -5.64 9.10 4.36
C VAL A 31 -6.91 9.48 3.61
N ASP A 32 -7.92 9.93 4.35
CA ASP A 32 -9.19 10.32 3.75
C ASP A 32 -8.96 11.30 2.59
N HIS A 33 -8.04 12.24 2.79
CA HIS A 33 -7.73 13.23 1.77
C HIS A 33 -7.23 12.55 0.49
N ILE A 34 -6.49 11.46 0.66
CA ILE A 34 -5.95 10.73 -0.48
C ILE A 34 -7.06 9.99 -1.23
N ILE A 35 -7.97 9.39 -0.48
CA ILE A 35 -9.08 8.65 -1.07
C ILE A 35 -9.82 9.49 -2.10
N ARG A 36 -9.88 10.80 -1.84
CA ARG A 36 -10.56 11.72 -2.75
C ARG A 36 -9.90 11.71 -4.13
N SER A 37 -8.58 11.56 -4.14
CA SER A 37 -7.82 11.54 -5.39
C SER A 37 -8.42 10.53 -6.37
N ALA A 38 -8.17 9.25 -6.12
CA ALA A 38 -8.68 8.19 -6.97
C ALA A 38 -10.11 7.83 -6.61
N PRO A 39 -10.82 7.18 -7.55
CA PRO A 39 -12.22 6.77 -7.34
C PRO A 39 -12.35 5.64 -6.32
N PRO A 40 -13.57 5.43 -5.82
CA PRO A 40 -13.85 4.39 -4.83
C PRO A 40 -13.76 2.98 -5.43
N ARG A 41 -12.55 2.61 -5.85
CA ARG A 41 -12.33 1.30 -6.45
C ARG A 41 -10.84 1.00 -6.54
N VAL A 42 -10.06 1.97 -6.99
CA VAL A 42 -8.62 1.82 -7.13
C VAL A 42 -7.99 1.30 -5.84
N THR A 43 -7.35 0.14 -5.92
CA THR A 43 -6.70 -0.46 -4.77
C THR A 43 -5.20 -0.60 -4.98
N THR A 44 -4.80 -0.73 -6.23
CA THR A 44 -3.39 -0.87 -6.58
C THR A 44 -2.59 0.37 -6.18
N ALA A 45 -1.70 0.21 -5.22
CA ALA A 45 -0.88 1.32 -4.75
C ALA A 45 -0.02 1.88 -5.87
N TYR A 46 0.95 2.72 -5.51
CA TYR A 46 1.84 3.32 -6.50
C TYR A 46 3.07 3.91 -5.82
N ILE A 47 4.24 3.48 -6.28
CA ILE A 47 5.50 3.96 -5.72
C ILE A 47 6.55 4.15 -6.81
N GLY A 48 6.28 5.07 -7.74
CA GLY A 48 7.20 5.33 -8.82
C GLY A 48 8.44 6.09 -8.36
N ASN A 49 9.33 5.38 -7.68
CA ASN A 49 10.57 6.00 -7.18
C ASN A 49 11.36 5.01 -6.33
N ILE A 50 11.32 3.75 -6.71
CA ILE A 50 12.04 2.70 -5.98
C ILE A 50 13.52 2.71 -6.33
N PRO A 51 14.37 2.65 -5.29
CA PRO A 51 15.83 2.64 -5.46
C PRO A 51 16.34 1.35 -6.09
N HIS A 52 17.40 1.46 -6.88
CA HIS A 52 17.98 0.30 -7.55
C HIS A 52 18.25 -0.82 -6.55
N PHE A 53 18.53 -0.44 -5.30
CA PHE A 53 18.80 -1.41 -4.25
C PHE A 53 17.62 -1.55 -3.31
N ALA A 54 16.60 -2.28 -3.74
CA ALA A 54 15.41 -2.49 -2.94
C ALA A 54 14.74 -3.82 -3.26
N THR A 55 15.09 -4.85 -2.50
CA THR A 55 14.54 -6.18 -2.71
C THR A 55 13.14 -6.30 -2.10
N GLU A 56 12.32 -7.17 -2.67
CA GLU A 56 10.96 -7.38 -2.19
C GLU A 56 10.96 -7.73 -0.70
N ALA A 57 11.96 -8.50 -0.29
CA ALA A 57 12.08 -8.91 1.10
C ALA A 57 12.07 -7.70 2.04
N ASP A 58 12.46 -6.54 1.50
CA ASP A 58 12.50 -5.31 2.29
C ASP A 58 11.22 -4.51 2.10
N LEU A 59 10.50 -4.79 1.01
CA LEU A 59 9.25 -4.10 0.72
C LEU A 59 8.10 -4.68 1.53
N ILE A 60 8.03 -6.00 1.59
CA ILE A 60 6.98 -6.68 2.33
C ILE A 60 6.88 -6.14 3.76
N PRO A 61 8.02 -6.10 4.46
CA PRO A 61 8.10 -5.60 5.84
C PRO A 61 7.86 -4.10 5.92
N LEU A 62 7.55 -3.48 4.79
CA LEU A 62 7.30 -2.04 4.74
C LEU A 62 5.86 -1.75 4.34
N PHE A 63 5.28 -2.63 3.52
CA PHE A 63 3.91 -2.46 3.07
C PHE A 63 2.98 -3.40 3.81
N GLN A 64 3.36 -4.66 3.92
CA GLN A 64 2.56 -5.66 4.61
C GLN A 64 2.14 -5.16 5.99
N ASN A 65 3.00 -4.34 6.60
CA ASN A 65 2.71 -3.79 7.93
C ASN A 65 1.57 -2.77 7.86
N PHE A 66 1.54 -2.01 6.77
CA PHE A 66 0.49 -1.00 6.59
C PHE A 66 -0.89 -1.65 6.59
N GLY A 67 -1.23 -2.29 5.48
CA GLY A 67 -2.53 -2.93 5.36
C GLY A 67 -2.43 -4.44 5.45
N PHE A 68 -2.70 -5.12 4.33
CA PHE A 68 -2.65 -6.57 4.30
C PHE A 68 -1.97 -7.05 3.02
N ILE A 69 -2.28 -6.39 1.90
CA ILE A 69 -1.71 -6.76 0.62
C ILE A 69 -2.14 -8.15 0.19
N LEU A 70 -2.90 -8.22 -0.91
CA LEU A 70 -3.38 -9.51 -1.42
C LEU A 70 -2.32 -10.18 -2.28
N ASP A 71 -1.58 -9.38 -3.02
CA ASP A 71 -0.53 -9.89 -3.90
C ASP A 71 0.28 -8.76 -4.53
N PHE A 72 1.58 -8.75 -4.30
CA PHE A 72 2.45 -7.71 -4.85
C PHE A 72 2.41 -7.73 -6.37
N LYS A 73 3.40 -7.06 -6.98
CA LYS A 73 3.48 -7.00 -8.44
C LYS A 73 4.69 -6.18 -8.87
N HIS A 74 5.77 -6.29 -8.11
CA HIS A 74 7.00 -5.58 -8.42
C HIS A 74 7.51 -5.93 -9.82
N TYR A 75 7.83 -4.90 -10.61
CA TYR A 75 8.31 -5.10 -11.96
C TYR A 75 9.83 -4.99 -12.01
N PRO A 76 10.43 -5.57 -13.07
CA PRO A 76 11.88 -5.56 -13.26
C PRO A 76 12.40 -4.17 -13.62
N GLU A 77 11.75 -3.52 -14.59
CA GLU A 77 12.14 -2.19 -15.02
C GLU A 77 10.94 -1.25 -15.02
N LYS A 78 10.88 -0.37 -14.01
CA LYS A 78 9.79 0.58 -13.90
C LYS A 78 9.96 1.46 -12.66
N GLY A 79 10.47 0.86 -11.60
CA GLY A 79 10.68 1.61 -10.36
C GLY A 79 9.38 1.88 -9.62
N CYS A 80 8.43 0.96 -9.74
CA CYS A 80 7.14 1.11 -9.08
C CYS A 80 6.55 -0.25 -8.73
N CYS A 81 6.20 -0.43 -7.46
CA CYS A 81 5.63 -1.68 -6.99
C CYS A 81 4.11 -1.57 -6.82
N PHE A 82 3.36 -2.27 -7.66
CA PHE A 82 1.91 -2.23 -7.60
C PHE A 82 1.39 -3.19 -6.53
N ILE A 83 0.56 -2.67 -5.64
CA ILE A 83 -0.02 -3.48 -4.57
C ILE A 83 -1.53 -3.42 -4.58
N LYS A 84 -2.16 -4.42 -5.17
CA LYS A 84 -3.61 -4.50 -5.24
C LYS A 84 -4.22 -4.89 -3.90
N TYR A 85 -4.20 -3.96 -2.95
CA TYR A 85 -4.75 -4.22 -1.62
C TYR A 85 -6.16 -4.77 -1.72
N ASP A 86 -6.70 -5.20 -0.58
CA ASP A 86 -8.04 -5.75 -0.53
C ASP A 86 -9.08 -4.63 -0.56
N THR A 87 -8.77 -3.52 0.09
CA THR A 87 -9.68 -2.38 0.14
C THR A 87 -9.00 -1.11 -0.40
N HIS A 88 -9.81 -0.12 -0.76
CA HIS A 88 -9.30 1.14 -1.28
C HIS A 88 -8.49 1.88 -0.22
N GLU A 89 -9.11 2.13 0.92
CA GLU A 89 -8.45 2.84 2.01
C GLU A 89 -7.12 2.18 2.35
N GLN A 90 -7.06 0.86 2.20
CA GLN A 90 -5.85 0.11 2.50
C GLN A 90 -4.64 0.75 1.83
N ALA A 91 -4.55 0.62 0.52
CA ALA A 91 -3.44 1.19 -0.23
C ALA A 91 -3.31 2.69 0.03
N ALA A 92 -4.44 3.38 0.06
CA ALA A 92 -4.45 4.81 0.31
C ALA A 92 -3.65 5.17 1.55
N VAL A 93 -3.73 4.31 2.57
CA VAL A 93 -3.00 4.53 3.81
C VAL A 93 -1.50 4.49 3.58
N CYS A 94 -1.07 3.69 2.63
CA CYS A 94 0.35 3.56 2.32
C CYS A 94 0.88 4.83 1.65
N ILE A 95 0.00 5.52 0.93
CA ILE A 95 0.38 6.75 0.25
C ILE A 95 0.65 7.87 1.25
N VAL A 96 -0.08 7.86 2.35
CA VAL A 96 0.09 8.87 3.40
C VAL A 96 0.95 8.35 4.53
N ALA A 97 1.22 7.05 4.53
CA ALA A 97 2.04 6.43 5.55
C ALA A 97 3.52 6.68 5.30
N LEU A 98 3.92 6.65 4.03
CA LEU A 98 5.30 6.87 3.65
C LEU A 98 5.46 8.20 2.92
N ALA A 99 4.86 8.29 1.74
CA ALA A 99 4.92 9.50 0.94
C ALA A 99 6.35 10.03 0.87
N ASN A 100 7.12 9.51 -0.09
CA ASN A 100 8.51 9.92 -0.27
C ASN A 100 9.36 9.50 0.93
N PHE A 101 9.17 8.27 1.37
CA PHE A 101 9.92 7.74 2.51
C PHE A 101 11.39 7.58 2.16
N PRO A 102 12.27 7.88 3.14
CA PRO A 102 13.72 7.77 2.95
C PRO A 102 14.19 6.32 2.84
N PHE A 103 14.44 5.89 1.61
CA PHE A 103 14.89 4.52 1.36
C PHE A 103 16.42 4.47 1.24
N GLN A 104 17.09 4.47 2.39
CA GLN A 104 18.54 4.42 2.41
C GLN A 104 19.14 5.49 1.49
N GLY A 105 18.47 6.63 1.41
CA GLY A 105 18.95 7.71 0.57
C GLY A 105 18.16 7.83 -0.72
N ARG A 106 16.88 7.46 -0.67
CA ARG A 106 16.02 7.53 -1.84
C ARG A 106 14.56 7.74 -1.43
N ASN A 107 14.05 8.94 -1.67
CA ASN A 107 12.67 9.27 -1.32
C ASN A 107 11.71 8.69 -2.36
N LEU A 108 10.82 7.82 -1.91
CA LEU A 108 9.84 7.19 -2.80
C LEU A 108 8.91 8.24 -3.40
N ARG A 109 7.80 7.79 -3.97
CA ARG A 109 6.83 8.69 -4.58
C ARG A 109 5.45 8.03 -4.67
N THR A 110 4.55 8.45 -3.79
CA THR A 110 3.20 7.89 -3.77
C THR A 110 2.22 8.82 -4.47
N GLY A 111 1.19 8.24 -5.08
CA GLY A 111 0.20 9.03 -5.78
C GLY A 111 -0.85 8.16 -6.47
N TRP A 112 -1.23 7.07 -5.82
CA TRP A 112 -2.23 6.17 -6.39
C TRP A 112 -1.73 5.56 -7.69
N GLY A 113 -2.25 4.39 -8.04
CA GLY A 113 -1.85 3.72 -9.25
C GLY A 113 -2.95 3.72 -10.31
N LYS A 114 -3.82 2.72 -10.26
CA LYS A 114 -4.92 2.61 -11.20
C LYS A 114 -5.71 3.92 -11.28
N GLU A 115 -5.90 4.42 -12.50
CA GLU A 115 -6.63 5.66 -12.71
C GLU A 115 -7.47 5.59 -13.99
N ARG A 116 -8.76 5.33 -13.82
CA ARG A 116 -9.67 5.23 -14.96
C ARG A 116 -10.67 6.39 -14.95
N GLY A 1 11.36 -19.50 5.81
CA GLY A 1 11.33 -18.26 6.56
C GLY A 1 10.04 -18.06 7.32
N SER A 2 9.87 -18.81 8.41
CA SER A 2 8.66 -18.72 9.22
C SER A 2 8.70 -17.48 10.12
N GLY A 3 7.56 -16.82 10.27
CA GLY A 3 7.49 -15.64 11.10
C GLY A 3 6.31 -14.75 10.77
N TYR A 4 6.22 -14.34 9.51
CA TYR A 4 5.13 -13.48 9.07
C TYR A 4 4.48 -14.04 7.80
N THR A 5 3.17 -14.30 7.89
CA THR A 5 2.42 -14.83 6.75
C THR A 5 2.32 -13.81 5.64
N ASN A 6 1.82 -14.25 4.48
CA ASN A 6 1.66 -13.37 3.33
C ASN A 6 0.19 -13.02 3.11
N TYR A 7 -0.06 -11.82 2.63
CA TYR A 7 -1.42 -11.35 2.38
C TYR A 7 -2.18 -12.36 1.51
N ASN A 8 -3.48 -12.13 1.36
CA ASN A 8 -4.32 -13.01 0.56
C ASN A 8 -5.54 -12.27 0.03
N ASN A 9 -6.49 -13.01 -0.53
CA ASN A 9 -7.71 -12.42 -1.08
C ASN A 9 -8.76 -13.50 -1.34
N GLY A 10 -8.48 -14.38 -2.29
CA GLY A 10 -9.41 -15.44 -2.63
C GLY A 10 -10.80 -14.92 -2.91
N SER A 11 -11.71 -15.08 -1.94
CA SER A 11 -13.09 -14.63 -2.11
C SER A 11 -13.25 -13.20 -1.60
N ASN A 12 -14.49 -12.74 -1.52
CA ASN A 12 -14.78 -11.39 -1.05
C ASN A 12 -14.87 -11.35 0.46
N TYR A 13 -13.81 -10.89 1.11
CA TYR A 13 -13.76 -10.81 2.56
C TYR A 13 -12.48 -10.12 3.03
N THR A 14 -12.53 -9.55 4.23
CA THR A 14 -11.38 -8.87 4.80
C THR A 14 -10.84 -9.60 6.03
N GLN A 15 -9.79 -9.06 6.62
CA GLN A 15 -9.18 -9.66 7.80
C GLN A 15 -9.68 -8.98 9.07
N LYS A 16 -9.19 -7.78 9.33
CA LYS A 16 -9.58 -7.02 10.51
C LYS A 16 -9.44 -5.52 10.26
N LYS A 17 -8.19 -5.05 10.20
CA LYS A 17 -7.92 -3.64 9.97
C LYS A 17 -6.42 -3.38 9.90
N GLN A 18 -5.66 -4.11 10.70
CA GLN A 18 -4.21 -3.97 10.74
C GLN A 18 -3.56 -5.06 11.58
N THR A 19 -2.26 -4.92 11.82
CA THR A 19 -1.53 -5.90 12.61
C THR A 19 -0.37 -5.25 13.36
N ILE A 20 0.44 -6.07 14.02
CA ILE A 20 1.59 -5.57 14.76
C ILE A 20 2.57 -4.84 13.85
N GLY A 21 3.20 -3.79 14.37
CA GLY A 21 4.15 -3.03 13.59
C GLY A 21 3.98 -1.53 13.77
N LEU A 22 4.36 -0.77 12.75
CA LEU A 22 4.25 0.69 12.81
C LEU A 22 2.79 1.12 12.77
N PRO A 23 2.53 2.36 13.23
CA PRO A 23 1.18 2.92 13.26
C PRO A 23 0.64 3.23 11.87
N PRO A 24 -0.66 3.51 11.77
CA PRO A 24 -1.32 3.83 10.51
C PRO A 24 -0.89 5.18 9.96
N GLN A 25 -0.78 6.17 10.84
CA GLN A 25 -0.37 7.52 10.44
C GLN A 25 -1.25 8.03 9.31
N VAL A 26 -2.56 7.84 9.45
CA VAL A 26 -3.51 8.29 8.44
C VAL A 26 -4.83 8.74 9.08
N ASN A 27 -5.31 9.91 8.68
CA ASN A 27 -6.55 10.45 9.21
C ASN A 27 -7.64 10.44 8.15
N PRO A 28 -8.90 10.56 8.60
CA PRO A 28 -10.07 10.56 7.71
C PRO A 28 -10.14 11.83 6.87
N GLN A 29 -9.65 12.93 7.42
CA GLN A 29 -9.66 14.21 6.71
C GLN A 29 -8.60 14.25 5.63
N ALA A 30 -7.47 13.59 5.88
CA ALA A 30 -6.38 13.55 4.92
C ALA A 30 -6.46 12.30 4.05
N VAL A 31 -7.68 11.84 3.81
CA VAL A 31 -7.90 10.66 2.99
C VAL A 31 -9.05 10.87 2.00
N ASP A 32 -10.10 11.52 2.47
CA ASP A 32 -11.27 11.79 1.64
C ASP A 32 -10.87 12.58 0.39
N HIS A 33 -9.90 13.48 0.57
CA HIS A 33 -9.43 14.31 -0.54
C HIS A 33 -8.79 13.45 -1.63
N ILE A 34 -8.12 12.39 -1.20
CA ILE A 34 -7.45 11.48 -2.13
C ILE A 34 -8.46 10.66 -2.93
N ILE A 35 -9.44 10.10 -2.23
CA ILE A 35 -10.47 9.29 -2.86
C ILE A 35 -11.20 10.08 -3.93
N ARG A 36 -11.40 11.37 -3.68
CA ARG A 36 -12.08 12.24 -4.64
C ARG A 36 -11.32 12.31 -5.96
N SER A 37 -10.00 12.22 -5.87
CA SER A 37 -9.14 12.28 -7.06
C SER A 37 -9.64 11.31 -8.12
N ALA A 38 -9.49 10.02 -7.84
CA ALA A 38 -9.92 8.99 -8.79
C ALA A 38 -11.38 8.60 -8.55
N PRO A 39 -12.00 7.99 -9.57
CA PRO A 39 -13.40 7.57 -9.50
C PRO A 39 -13.60 6.40 -8.54
N PRO A 40 -14.86 6.16 -8.16
CA PRO A 40 -15.21 5.06 -7.25
C PRO A 40 -15.06 3.70 -7.89
N ARG A 41 -13.82 3.35 -8.22
CA ARG A 41 -13.52 2.07 -8.84
C ARG A 41 -12.02 1.76 -8.77
N VAL A 42 -11.21 2.65 -9.31
CA VAL A 42 -9.77 2.47 -9.32
C VAL A 42 -9.25 2.19 -7.91
N THR A 43 -8.62 1.03 -7.74
CA THR A 43 -8.07 0.64 -6.44
C THR A 43 -6.56 0.49 -6.50
N THR A 44 -6.02 0.35 -7.71
CA THR A 44 -4.58 0.22 -7.91
C THR A 44 -3.82 1.29 -7.15
N ALA A 45 -2.90 0.87 -6.31
CA ALA A 45 -2.09 1.80 -5.52
C ALA A 45 -0.79 2.15 -6.25
N TYR A 46 0.12 2.81 -5.54
CA TYR A 46 1.40 3.20 -6.11
C TYR A 46 2.31 3.79 -5.05
N ILE A 47 3.53 3.27 -4.96
CA ILE A 47 4.50 3.75 -3.98
C ILE A 47 5.56 4.61 -4.65
N GLY A 48 5.91 4.27 -5.89
CA GLY A 48 6.92 5.03 -6.62
C GLY A 48 8.27 5.02 -5.92
N ASN A 49 9.32 5.31 -6.68
CA ASN A 49 10.67 5.33 -6.14
C ASN A 49 11.06 3.95 -5.60
N ILE A 50 10.77 3.71 -4.32
CA ILE A 50 11.09 2.44 -3.69
C ILE A 50 12.60 2.17 -3.72
N PRO A 51 13.15 1.80 -2.56
CA PRO A 51 14.58 1.51 -2.43
C PRO A 51 14.97 0.22 -3.14
N HIS A 52 16.20 0.19 -3.65
CA HIS A 52 16.70 -0.99 -4.36
C HIS A 52 17.24 -2.02 -3.38
N PHE A 53 16.40 -2.42 -2.41
CA PHE A 53 16.80 -3.40 -1.41
C PHE A 53 15.66 -3.65 -0.42
N ALA A 54 14.43 -3.68 -0.92
CA ALA A 54 13.27 -3.90 -0.09
C ALA A 54 12.47 -5.12 -0.56
N THR A 55 12.71 -6.26 0.08
CA THR A 55 12.03 -7.50 -0.28
C THR A 55 10.54 -7.40 0.03
N GLU A 56 9.74 -8.13 -0.74
CA GLU A 56 8.29 -8.12 -0.55
C GLU A 56 7.93 -8.37 0.90
N ALA A 57 8.67 -9.27 1.55
CA ALA A 57 8.43 -9.60 2.95
C ALA A 57 8.42 -8.35 3.82
N ASP A 58 9.38 -7.46 3.57
CA ASP A 58 9.49 -6.22 4.32
C ASP A 58 8.46 -5.20 3.84
N LEU A 59 7.83 -5.49 2.71
CA LEU A 59 6.82 -4.59 2.15
C LEU A 59 5.45 -4.87 2.76
N ILE A 60 5.25 -6.10 3.21
CA ILE A 60 3.98 -6.48 3.82
C ILE A 60 3.66 -5.61 5.04
N PRO A 61 4.63 -5.50 5.95
CA PRO A 61 4.47 -4.69 7.16
C PRO A 61 4.43 -3.19 6.86
N LEU A 62 4.63 -2.84 5.59
CA LEU A 62 4.61 -1.45 5.18
C LEU A 62 3.38 -1.14 4.33
N PHE A 63 2.61 -2.17 4.02
CA PHE A 63 1.40 -2.01 3.22
C PHE A 63 0.25 -2.79 3.83
N GLN A 64 0.41 -4.10 3.94
CA GLN A 64 -0.63 -4.96 4.49
C GLN A 64 -1.12 -4.41 5.83
N ASN A 65 -0.22 -3.79 6.58
CA ASN A 65 -0.56 -3.21 7.88
C ASN A 65 -1.55 -2.07 7.73
N PHE A 66 -1.39 -1.30 6.65
CA PHE A 66 -2.28 -0.17 6.38
C PHE A 66 -3.73 -0.63 6.29
N GLY A 67 -4.06 -1.32 5.20
CA GLY A 67 -5.41 -1.79 5.00
C GLY A 67 -5.47 -3.28 4.73
N PHE A 68 -5.56 -3.65 3.46
CA PHE A 68 -5.62 -5.06 3.07
C PHE A 68 -5.11 -5.25 1.65
N ILE A 69 -4.15 -6.16 1.49
CA ILE A 69 -3.58 -6.44 0.18
C ILE A 69 -4.21 -7.69 -0.44
N LEU A 70 -4.40 -7.65 -1.75
CA LEU A 70 -4.99 -8.78 -2.46
C LEU A 70 -3.93 -9.53 -3.27
N ASP A 71 -3.28 -8.82 -4.18
CA ASP A 71 -2.24 -9.42 -5.01
C ASP A 71 -0.87 -8.82 -4.68
N PHE A 72 -0.64 -7.60 -5.16
CA PHE A 72 0.63 -6.93 -4.92
C PHE A 72 1.78 -7.64 -5.63
N LYS A 73 2.79 -6.88 -6.02
CA LYS A 73 3.95 -7.44 -6.71
C LYS A 73 5.20 -6.61 -6.44
N HIS A 74 6.30 -6.99 -7.08
CA HIS A 74 7.56 -6.28 -6.90
C HIS A 74 8.45 -6.44 -8.13
N TYR A 75 8.31 -5.52 -9.07
CA TYR A 75 9.10 -5.56 -10.30
C TYR A 75 10.60 -5.69 -9.99
N PRO A 76 11.36 -6.13 -10.99
CA PRO A 76 12.82 -6.31 -10.85
C PRO A 76 13.55 -4.98 -10.74
N GLU A 77 13.22 -4.05 -11.62
CA GLU A 77 13.85 -2.73 -11.62
C GLU A 77 12.94 -1.69 -12.27
N LYS A 78 12.12 -1.05 -11.46
CA LYS A 78 11.20 -0.03 -11.95
C LYS A 78 11.05 1.11 -10.94
N GLY A 79 10.86 0.75 -9.68
CA GLY A 79 10.70 1.74 -8.63
C GLY A 79 9.25 2.10 -8.38
N CYS A 80 8.44 1.09 -8.10
CA CYS A 80 7.02 1.30 -7.83
C CYS A 80 6.30 -0.03 -7.60
N CYS A 81 5.47 -0.08 -6.56
CA CYS A 81 4.73 -1.29 -6.24
C CYS A 81 3.23 -1.08 -6.44
N PHE A 82 2.62 -1.94 -7.25
CA PHE A 82 1.20 -1.84 -7.52
C PHE A 82 0.40 -2.68 -6.53
N ILE A 83 -0.65 -2.09 -5.97
CA ILE A 83 -1.49 -2.77 -5.00
C ILE A 83 -2.97 -2.52 -5.29
N LYS A 84 -3.64 -3.51 -5.87
CA LYS A 84 -5.05 -3.40 -6.18
C LYS A 84 -5.92 -3.71 -4.96
N TYR A 85 -5.88 -2.83 -3.97
CA TYR A 85 -6.65 -3.01 -2.75
C TYR A 85 -8.10 -3.39 -3.08
N ASP A 86 -8.79 -3.95 -2.09
CA ASP A 86 -10.17 -4.37 -2.27
C ASP A 86 -11.09 -3.15 -2.32
N THR A 87 -10.75 -2.12 -1.55
CA THR A 87 -11.55 -0.91 -1.50
C THR A 87 -10.77 0.29 -2.06
N HIS A 88 -11.48 1.21 -2.69
CA HIS A 88 -10.87 2.40 -3.27
C HIS A 88 -10.12 3.19 -2.21
N GLU A 89 -10.83 3.60 -1.17
CA GLU A 89 -10.24 4.38 -0.08
C GLU A 89 -9.05 3.64 0.52
N GLN A 90 -9.13 2.32 0.54
CA GLN A 90 -8.06 1.48 1.09
C GLN A 90 -6.71 1.90 0.53
N ALA A 91 -6.51 1.66 -0.77
CA ALA A 91 -5.26 2.01 -1.43
C ALA A 91 -4.88 3.47 -1.16
N ALA A 92 -5.86 4.35 -1.32
CA ALA A 92 -5.63 5.78 -1.09
C ALA A 92 -4.99 6.02 0.28
N VAL A 93 -5.48 5.31 1.28
CA VAL A 93 -4.96 5.46 2.64
C VAL A 93 -3.45 5.27 2.66
N CYS A 94 -2.95 4.39 1.80
CA CYS A 94 -1.52 4.13 1.72
C CYS A 94 -0.78 5.31 1.11
N ILE A 95 -1.45 6.03 0.22
CA ILE A 95 -0.86 7.19 -0.43
C ILE A 95 -0.62 8.33 0.56
N VAL A 96 -1.48 8.40 1.57
CA VAL A 96 -1.37 9.44 2.59
C VAL A 96 -0.71 8.90 3.85
N ALA A 97 -0.69 7.58 3.99
CA ALA A 97 -0.09 6.95 5.15
C ALA A 97 1.43 7.07 5.12
N LEU A 98 2.00 7.04 3.92
CA LEU A 98 3.44 7.15 3.75
C LEU A 98 3.81 8.44 3.03
N ALA A 99 3.31 8.59 1.80
CA ALA A 99 3.59 9.78 0.99
C ALA A 99 5.05 10.17 1.09
N ASN A 100 5.88 9.54 0.27
CA ASN A 100 7.32 9.83 0.26
C ASN A 100 7.93 9.60 1.64
N PHE A 101 7.81 8.37 2.14
CA PHE A 101 8.35 8.02 3.44
C PHE A 101 9.78 7.51 3.32
N PRO A 102 10.60 7.80 4.35
CA PRO A 102 12.01 7.38 4.38
C PRO A 102 12.16 5.88 4.55
N PHE A 103 12.39 5.19 3.45
CA PHE A 103 12.57 3.74 3.48
C PHE A 103 14.03 3.36 3.65
N GLN A 104 14.51 3.46 4.88
CA GLN A 104 15.91 3.12 5.19
C GLN A 104 16.85 4.10 4.50
N GLY A 105 16.43 5.36 4.39
CA GLY A 105 17.25 6.37 3.75
C GLY A 105 16.58 7.00 2.55
N ARG A 106 16.32 6.18 1.53
CA ARG A 106 15.68 6.66 0.32
C ARG A 106 14.17 6.80 0.52
N ASN A 107 13.63 7.93 0.07
CA ASN A 107 12.20 8.19 0.19
C ASN A 107 11.42 7.58 -0.97
N LEU A 108 10.10 7.57 -0.85
CA LEU A 108 9.24 7.01 -1.90
C LEU A 108 8.45 8.11 -2.59
N ARG A 109 7.42 7.71 -3.34
CA ARG A 109 6.59 8.66 -4.06
C ARG A 109 5.20 8.07 -4.32
N THR A 110 4.34 8.13 -3.32
CA THR A 110 2.99 7.60 -3.45
C THR A 110 2.29 8.17 -4.68
N GLY A 111 1.10 7.66 -4.97
CA GLY A 111 0.34 8.12 -6.12
C GLY A 111 -0.83 7.22 -6.45
N TRP A 112 -1.77 7.74 -7.24
CA TRP A 112 -2.93 6.97 -7.63
C TRP A 112 -2.61 6.04 -8.80
N GLY A 113 -2.92 4.76 -8.62
CA GLY A 113 -2.66 3.79 -9.67
C GLY A 113 -3.36 4.13 -10.97
N LYS A 114 -3.24 3.24 -11.96
CA LYS A 114 -3.87 3.46 -13.25
C LYS A 114 -5.35 3.77 -13.10
N GLU A 115 -5.80 4.85 -13.71
CA GLU A 115 -7.20 5.26 -13.65
C GLU A 115 -8.05 4.39 -14.56
N ARG A 116 -7.52 4.05 -15.73
CA ARG A 116 -8.24 3.23 -16.69
C ARG A 116 -9.62 3.80 -16.96
#